data_7ZEQ
#
_entry.id   7ZEQ
#
_cell.length_a   179.080
_cell.length_b   98.590
_cell.length_c   100.920
_cell.angle_alpha   90.000
_cell.angle_beta   90.000
_cell.angle_gamma   90.000
#
_symmetry.space_group_name_H-M   'P 21 21 2'
#
loop_
_entity.id
_entity.type
_entity.pdbx_description
1 polymer Beta-xylosidase
2 non-polymer (4S)-2-METHYL-2,4-PENTANEDIOL
3 water water
#
_entity_poly.entity_id   1
_entity_poly.type   'polypeptide(L)'
_entity_poly.pdbx_seq_one_letter_code
;MELYRDPSQPIEVRVRDLLSRMTLEEKVAQLGSVWGYELIDERGKFSREKAKELLKNGIGQITRPGGSTNLEPQEAAELV
NEIQRFLVEETRLGIPAMIHEECLTGYMGLGGTNFPQAIAMASTWDPDLIEKMTTAVREDMRKIGAHQGLAPVLDVARDP
RWGRTEETFGESPYLVARMGVSYVKGLQGEDIKKGVVATVKHFAGYSASEGGKNWAPTNIPEREFKEVFLFPFEAAVKEA
NVLSVMNSYSEIDGVPCAANRKLLTDILRKDWGFEGIVVSDYFAVKVLEDYHRIARDKSEAARLALEAGIDVELPKTECY
QYLKDLVEKGIISEALIDEAVTRVLRLKFMLGLFENPYVEVEKAKIESHRDIALEIARKSIILLKNDGILPLQKNKKVAL
IGPNAGEVRNLLGDYMYLAHIRALLDNIDDVFGNPQIPRENYERLKKSIEEHMKSIPSVLDAFKEEGIEFEYAKGCEVTG
EDRSGFEEAIEIAKKSDVAIVVVGDKSGLTLDCTTGESRDMANLKLPGVQEELVLEVAKTGKPVVLVLITGRPYSLKNVV
DKVNAILQVWLPGEAGGRAIVDIIYGKVNPSGKLPISFPRSAGQIPVFHYVKPSGGRSHWHGDYVDESTKPLFPFGHGLS
YTKFEYSNLRIEPKEVPPAGEVVIKVDVENIGDRDGDEVVQLYIGREFASVTRPVKELKGFKRVSLKAKEKKTVVFRLHM
DVLAYYNRDMKLVVEPGEFKVMVGSSSEDIRLTGSFSVVGEKREVVGMRKFFTEACEEAAALEENLYFQGAHHHHHHHHH
H
;
_entity_poly.pdbx_strand_id   X,Y
#
loop_
_chem_comp.id
_chem_comp.type
_chem_comp.name
_chem_comp.formula
MPD non-polymer (4S)-2-METHYL-2,4-PENTANEDIOL 'C6 H14 O2'
#
# COMPACT_ATOMS: atom_id res chain seq x y z
N MET A 1 57.49 14.24 14.90
CA MET A 1 56.25 13.45 14.84
C MET A 1 55.11 14.41 14.50
N GLU A 2 54.50 14.19 13.34
CA GLU A 2 53.35 14.98 12.90
C GLU A 2 52.25 14.81 13.95
N LEU A 3 51.44 15.86 14.14
CA LEU A 3 50.39 15.80 15.14
C LEU A 3 49.51 14.55 14.95
N TYR A 4 49.22 14.20 13.68
CA TYR A 4 48.21 13.17 13.45
C TYR A 4 48.70 11.82 13.96
N ARG A 5 50.03 11.68 14.08
CA ARG A 5 50.60 10.40 14.49
C ARG A 5 50.72 10.34 16.01
N ASP A 6 50.41 11.45 16.69
CA ASP A 6 50.69 11.57 18.10
C ASP A 6 49.46 11.20 18.93
N PRO A 7 49.46 10.05 19.64
CA PRO A 7 48.28 9.64 20.42
C PRO A 7 47.97 10.49 21.66
N SER A 8 48.88 11.40 22.06
CA SER A 8 48.55 12.29 23.16
C SER A 8 47.66 13.47 22.72
N GLN A 9 47.49 13.69 21.41
CA GLN A 9 46.68 14.81 20.95
C GLN A 9 45.19 14.41 20.84
N PRO A 10 44.23 15.34 21.07
CA PRO A 10 42.81 15.03 20.89
C PRO A 10 42.55 14.61 19.45
N ILE A 11 41.54 13.75 19.28
CA ILE A 11 41.14 13.24 17.96
C ILE A 11 40.93 14.38 16.97
N GLU A 12 40.21 15.44 17.38
CA GLU A 12 39.88 16.52 16.46
C GLU A 12 41.17 17.16 15.91
N VAL A 13 42.22 17.26 16.75
CA VAL A 13 43.50 17.83 16.33
C VAL A 13 44.20 16.91 15.34
N ARG A 14 44.16 15.59 15.60
CA ARG A 14 44.78 14.62 14.70
C ARG A 14 44.07 14.64 13.34
N VAL A 15 42.73 14.69 13.39
CA VAL A 15 41.94 14.73 12.17
C VAL A 15 42.32 15.95 11.32
N ARG A 16 42.31 17.14 11.93
CA ARG A 16 42.58 18.38 11.21
C ARG A 16 44.00 18.36 10.64
N ASP A 17 44.94 17.83 11.44
CA ASP A 17 46.32 17.79 11.00
C ASP A 17 46.42 16.87 9.79
N LEU A 18 45.83 15.65 9.89
CA LEU A 18 45.91 14.71 8.77
C LEU A 18 45.27 15.30 7.53
N LEU A 19 44.08 15.89 7.69
CA LEU A 19 43.34 16.40 6.56
C LEU A 19 44.19 17.46 5.85
N SER A 20 44.78 18.37 6.63
CA SER A 20 45.58 19.45 6.07
C SER A 20 46.74 18.92 5.21
N ARG A 21 47.18 17.66 5.40
CA ARG A 21 48.37 17.18 4.70
C ARG A 21 48.02 16.36 3.46
N MET A 22 46.72 16.14 3.18
CA MET A 22 46.34 15.16 2.18
C MET A 22 46.15 15.83 0.81
N THR A 23 46.49 15.12 -0.27
CA THR A 23 46.13 15.60 -1.59
C THR A 23 44.67 15.26 -1.89
N LEU A 24 44.14 15.84 -2.95
CA LEU A 24 42.78 15.58 -3.39
C LEU A 24 42.59 14.09 -3.68
N GLU A 25 43.57 13.50 -4.36
CA GLU A 25 43.53 12.07 -4.66
C GLU A 25 43.44 11.21 -3.39
N GLU A 26 44.26 11.52 -2.38
CA GLU A 26 44.29 10.82 -1.12
C GLU A 26 42.93 10.94 -0.41
N LYS A 27 42.32 12.14 -0.46
CA LYS A 27 41.07 12.40 0.23
C LYS A 27 39.99 11.52 -0.39
N VAL A 28 39.96 11.51 -1.72
CA VAL A 28 38.92 10.79 -2.45
C VAL A 28 39.09 9.29 -2.21
N ALA A 29 40.33 8.80 -2.11
CA ALA A 29 40.55 7.38 -1.83
C ALA A 29 39.93 6.94 -0.49
N GLN A 30 39.90 7.83 0.52
CA GLN A 30 39.31 7.49 1.82
C GLN A 30 37.80 7.32 1.74
N LEU A 31 37.19 7.75 0.61
CA LEU A 31 35.74 7.64 0.52
C LEU A 31 35.33 6.41 -0.30
N GLY A 32 36.32 5.60 -0.70
CA GLY A 32 36.05 4.40 -1.47
C GLY A 32 36.47 3.10 -0.77
N SER A 33 36.46 2.01 -1.54
CA SER A 33 36.65 0.68 -1.02
C SER A 33 37.18 -0.27 -2.10
N VAL A 34 37.58 -1.45 -1.66
CA VAL A 34 38.07 -2.54 -2.49
C VAL A 34 37.61 -3.85 -1.86
N TRP A 35 37.22 -4.82 -2.71
CA TRP A 35 36.87 -6.17 -2.26
C TRP A 35 38.09 -6.90 -1.70
N GLY A 36 37.88 -7.66 -0.62
CA GLY A 36 38.90 -8.59 -0.14
C GLY A 36 39.51 -9.48 -1.24
N TYR A 37 38.65 -10.04 -2.11
CA TYR A 37 39.11 -11.02 -3.09
C TYR A 37 40.03 -10.38 -4.14
N GLU A 38 39.98 -9.05 -4.28
CA GLU A 38 40.78 -8.38 -5.30
C GLU A 38 42.23 -8.23 -4.80
N LEU A 39 42.49 -8.60 -3.55
CA LEU A 39 43.82 -8.35 -3.00
C LEU A 39 44.56 -9.66 -2.71
N ILE A 40 44.06 -10.78 -3.26
CA ILE A 40 44.70 -12.07 -2.99
C ILE A 40 45.16 -12.73 -4.29
N ASP A 41 46.18 -13.59 -4.17
CA ASP A 41 46.55 -14.50 -5.25
C ASP A 41 45.68 -15.76 -5.19
N GLU A 42 45.93 -16.67 -6.14
CA GLU A 42 45.17 -17.90 -6.27
C GLU A 42 45.35 -18.80 -5.04
N ARG A 43 46.37 -18.55 -4.21
CA ARG A 43 46.56 -19.38 -3.03
C ARG A 43 45.90 -18.75 -1.81
N GLY A 44 45.22 -17.62 -2.00
CA GLY A 44 44.52 -16.93 -0.93
C GLY A 44 45.46 -16.10 -0.05
N LYS A 45 46.65 -15.77 -0.56
CA LYS A 45 47.63 -14.97 0.15
C LYS A 45 47.63 -13.53 -0.39
N PHE A 46 47.88 -12.56 0.49
CA PHE A 46 47.96 -11.16 0.09
C PHE A 46 48.86 -10.99 -1.13
N SER A 47 48.42 -10.23 -2.13
CA SER A 47 49.24 -9.98 -3.31
C SER A 47 49.65 -8.52 -3.40
N ARG A 48 50.95 -8.26 -3.19
CA ARG A 48 51.55 -6.93 -3.28
C ARG A 48 51.31 -6.31 -4.66
N GLU A 49 51.40 -7.12 -5.72
CA GLU A 49 51.20 -6.65 -7.09
C GLU A 49 49.82 -6.02 -7.25
N LYS A 50 48.79 -6.66 -6.67
CA LYS A 50 47.43 -6.14 -6.80
C LYS A 50 47.25 -4.90 -5.92
N ALA A 51 47.82 -4.95 -4.71
CA ALA A 51 47.79 -3.83 -3.77
C ALA A 51 48.42 -2.58 -4.35
N LYS A 52 49.48 -2.71 -5.16
CA LYS A 52 50.22 -1.56 -5.65
C LYS A 52 49.31 -0.73 -6.57
N GLU A 53 48.39 -1.41 -7.27
CA GLU A 53 47.40 -0.75 -8.11
C GLU A 53 46.27 -0.14 -7.28
N LEU A 54 45.61 -0.96 -6.45
CA LEU A 54 44.36 -0.63 -5.79
C LEU A 54 44.57 0.22 -4.53
N LEU A 55 45.70 0.09 -3.83
CA LEU A 55 45.86 0.73 -2.52
C LEU A 55 46.90 1.84 -2.50
N LYS A 56 47.47 2.20 -3.64
CA LYS A 56 48.64 3.04 -3.65
C LYS A 56 48.36 4.41 -3.02
N ASN A 57 47.10 4.90 -3.12
CA ASN A 57 46.77 6.19 -2.53
C ASN A 57 46.00 6.03 -1.22
N GLY A 58 46.06 4.84 -0.64
CA GLY A 58 45.28 4.54 0.54
C GLY A 58 43.86 4.14 0.16
N ILE A 59 43.01 3.87 1.17
CA ILE A 59 41.67 3.39 0.90
C ILE A 59 40.82 3.60 2.15
N GLY A 60 39.52 3.83 1.93
CA GLY A 60 38.55 3.93 3.02
C GLY A 60 38.35 2.57 3.69
N GLN A 61 37.76 1.60 2.96
CA GLN A 61 37.40 0.30 3.54
C GLN A 61 37.82 -0.85 2.64
N ILE A 62 38.07 -2.00 3.29
CA ILE A 62 38.14 -3.29 2.61
C ILE A 62 36.82 -4.01 2.85
N THR A 63 36.19 -4.46 1.76
CA THR A 63 34.90 -5.12 1.84
C THR A 63 35.12 -6.63 2.02
N ARG A 64 34.68 -7.14 3.19
CA ARG A 64 34.52 -8.57 3.42
C ARG A 64 35.81 -9.32 3.12
N PRO A 65 36.95 -9.02 3.78
CA PRO A 65 38.18 -9.77 3.54
C PRO A 65 38.04 -11.23 3.97
N GLY A 66 37.18 -11.53 4.95
CA GLY A 66 36.83 -12.91 5.24
C GLY A 66 35.68 -13.47 4.38
N GLY A 67 34.61 -12.69 4.29
CA GLY A 67 33.40 -13.14 3.64
C GLY A 67 33.50 -13.34 2.13
N SER A 68 34.44 -12.66 1.45
CA SER A 68 34.46 -12.73 -0.01
C SER A 68 35.59 -13.62 -0.52
N THR A 69 36.39 -14.19 0.38
CA THR A 69 37.60 -14.92 0.01
C THR A 69 37.52 -16.39 0.40
N ASN A 70 36.50 -16.78 1.18
CA ASN A 70 36.38 -18.15 1.66
C ASN A 70 37.61 -18.53 2.50
N LEU A 71 38.28 -17.56 3.15
CA LEU A 71 39.40 -17.91 4.00
C LEU A 71 38.92 -18.32 5.40
N GLU A 72 39.64 -19.26 6.02
CA GLU A 72 39.48 -19.59 7.42
C GLU A 72 39.89 -18.39 8.26
N PRO A 73 39.40 -18.26 9.51
CA PRO A 73 39.69 -17.08 10.34
C PRO A 73 41.16 -16.68 10.46
N GLN A 74 42.07 -17.63 10.70
CA GLN A 74 43.48 -17.27 10.88
C GLN A 74 44.07 -16.75 9.58
N GLU A 75 43.63 -17.32 8.47
CA GLU A 75 44.13 -16.92 7.17
C GLU A 75 43.49 -15.57 6.81
N ALA A 76 42.28 -15.30 7.30
CA ALA A 76 41.67 -14.00 7.02
C ALA A 76 42.41 -12.90 7.77
N ALA A 77 42.71 -13.17 9.05
CA ALA A 77 43.46 -12.26 9.91
C ALA A 77 44.82 -11.95 9.32
N GLU A 78 45.44 -12.96 8.71
CA GLU A 78 46.76 -12.80 8.10
C GLU A 78 46.63 -11.90 6.87
N LEU A 79 45.58 -12.11 6.07
CA LEU A 79 45.32 -11.23 4.93
C LEU A 79 45.12 -9.78 5.40
N VAL A 80 44.33 -9.62 6.46
CA VAL A 80 44.03 -8.28 6.95
C VAL A 80 45.30 -7.60 7.46
N ASN A 81 46.12 -8.31 8.24
CA ASN A 81 47.41 -7.78 8.69
C ASN A 81 48.28 -7.30 7.53
N GLU A 82 48.31 -8.09 6.45
CA GLU A 82 49.18 -7.71 5.33
C GLU A 82 48.65 -6.47 4.61
N ILE A 83 47.32 -6.40 4.42
CA ILE A 83 46.73 -5.21 3.82
C ILE A 83 47.11 -4.00 4.67
N GLN A 84 46.95 -4.14 5.99
CA GLN A 84 47.21 -3.02 6.90
C GLN A 84 48.70 -2.64 6.83
N ARG A 85 49.60 -3.64 6.78
CA ARG A 85 51.01 -3.33 6.72
C ARG A 85 51.34 -2.55 5.45
N PHE A 86 50.81 -2.98 4.31
CA PHE A 86 51.03 -2.25 3.06
C PHE A 86 50.54 -0.80 3.19
N LEU A 87 49.35 -0.59 3.78
CA LEU A 87 48.85 0.78 3.92
C LEU A 87 49.74 1.61 4.85
N VAL A 88 50.13 1.01 5.98
CA VAL A 88 50.87 1.74 7.01
C VAL A 88 52.29 2.04 6.53
N GLU A 89 52.87 1.13 5.75
CA GLU A 89 54.29 1.21 5.48
C GLU A 89 54.59 1.63 4.05
N GLU A 90 53.65 1.42 3.12
CA GLU A 90 53.95 1.68 1.72
C GLU A 90 53.10 2.80 1.11
N THR A 91 52.28 3.50 1.89
CA THR A 91 51.64 4.68 1.30
C THR A 91 52.21 5.94 1.94
N ARG A 92 52.09 7.07 1.24
CA ARG A 92 52.71 8.29 1.70
C ARG A 92 52.30 8.62 3.15
N LEU A 93 51.01 8.53 3.48
CA LEU A 93 50.59 9.03 4.80
C LEU A 93 50.35 7.90 5.81
N GLY A 94 50.29 6.66 5.33
CA GLY A 94 50.16 5.52 6.22
C GLY A 94 48.79 5.43 6.91
N ILE A 95 47.71 5.79 6.21
CA ILE A 95 46.38 5.69 6.82
C ILE A 95 45.89 4.23 6.71
N PRO A 96 45.49 3.58 7.83
CA PRO A 96 45.00 2.20 7.78
C PRO A 96 43.58 2.13 7.24
N ALA A 97 43.14 0.92 6.87
CA ALA A 97 41.80 0.70 6.33
C ALA A 97 40.86 0.37 7.48
N MET A 98 39.55 0.67 7.31
CA MET A 98 38.52 0.02 8.11
C MET A 98 38.08 -1.21 7.36
N ILE A 99 37.89 -2.34 8.06
CA ILE A 99 37.40 -3.56 7.44
C ILE A 99 35.93 -3.73 7.84
N HIS A 100 35.08 -4.08 6.88
CA HIS A 100 33.71 -4.47 7.22
C HIS A 100 33.42 -5.91 6.80
N GLU A 101 32.49 -6.56 7.52
CA GLU A 101 31.96 -7.87 7.14
C GLU A 101 30.44 -7.84 7.32
N GLU A 102 29.70 -8.77 6.70
CA GLU A 102 28.30 -8.98 7.12
C GLU A 102 28.32 -9.71 8.47
N CYS A 103 27.32 -9.46 9.34
CA CYS A 103 27.33 -10.18 10.60
C CYS A 103 25.94 -10.26 11.22
N LEU A 104 24.87 -10.03 10.42
CA LEU A 104 23.52 -10.03 10.96
C LEU A 104 23.30 -11.22 11.89
N THR A 105 23.57 -12.44 11.37
CA THR A 105 23.33 -13.68 12.10
C THR A 105 24.66 -14.27 12.55
N GLY A 106 25.60 -13.39 12.90
CA GLY A 106 26.97 -13.80 13.23
C GLY A 106 27.87 -13.49 12.05
N TYR A 107 29.18 -13.33 12.33
CA TYR A 107 30.15 -13.11 11.28
C TYR A 107 29.90 -14.07 10.12
N MET A 108 29.74 -13.48 8.93
CA MET A 108 29.43 -14.20 7.72
C MET A 108 30.73 -14.55 6.99
N GLY A 109 31.37 -15.62 7.47
CA GLY A 109 32.57 -16.18 6.88
C GLY A 109 32.82 -17.57 7.46
N LEU A 110 33.79 -18.31 6.90
CA LEU A 110 34.13 -19.63 7.41
C LEU A 110 34.49 -19.51 8.90
N GLY A 111 33.96 -20.45 9.69
CA GLY A 111 34.34 -20.56 11.10
C GLY A 111 33.41 -19.84 12.07
N GLY A 112 32.53 -18.94 11.56
CA GLY A 112 31.62 -18.19 12.42
C GLY A 112 30.36 -18.99 12.76
N THR A 113 29.85 -18.88 14.00
CA THR A 113 28.59 -19.48 14.38
C THR A 113 27.43 -18.90 13.57
N ASN A 114 26.51 -19.76 13.11
CA ASN A 114 25.31 -19.30 12.40
C ASN A 114 24.17 -19.18 13.40
N PHE A 115 23.86 -17.95 13.84
CA PHE A 115 22.81 -17.79 14.83
C PHE A 115 21.47 -17.81 14.11
N PRO A 116 20.32 -18.00 14.82
CA PRO A 116 19.01 -17.90 14.16
C PRO A 116 18.81 -16.50 13.54
N GLN A 117 17.93 -16.42 12.54
CA GLN A 117 17.64 -15.17 11.82
C GLN A 117 17.08 -14.10 12.76
N ALA A 118 17.21 -12.85 12.31
CA ALA A 118 16.71 -11.66 13.02
C ALA A 118 15.26 -11.81 13.45
N ILE A 119 14.39 -12.34 12.58
CA ILE A 119 12.99 -12.47 12.92
C ILE A 119 12.83 -13.46 14.10
N ALA A 120 13.72 -14.47 14.20
CA ALA A 120 13.74 -15.37 15.35
C ALA A 120 14.27 -14.65 16.59
N MET A 121 15.35 -13.88 16.43
CA MET A 121 15.81 -13.03 17.53
C MET A 121 14.66 -12.20 18.12
N ALA A 122 13.86 -11.56 17.25
CA ALA A 122 12.77 -10.72 17.73
C ALA A 122 11.71 -11.56 18.45
N SER A 123 11.50 -12.79 17.96
CA SER A 123 10.51 -13.68 18.55
C SER A 123 10.86 -14.08 19.98
N THR A 124 12.13 -13.92 20.40
CA THR A 124 12.46 -14.19 21.80
C THR A 124 11.93 -13.09 22.74
N TRP A 125 11.70 -11.89 22.20
CA TRP A 125 11.32 -10.75 23.04
C TRP A 125 12.31 -10.60 24.19
N ASP A 126 13.58 -10.94 23.94
CA ASP A 126 14.58 -10.92 25.00
C ASP A 126 15.77 -10.07 24.56
N PRO A 127 15.70 -8.73 24.69
CA PRO A 127 16.79 -7.86 24.23
C PRO A 127 18.15 -8.12 24.88
N ASP A 128 18.17 -8.44 26.19
CA ASP A 128 19.42 -8.82 26.85
C ASP A 128 20.14 -10.00 26.20
N LEU A 129 19.40 -11.01 25.73
CA LEU A 129 19.97 -12.18 25.09
C LEU A 129 20.58 -11.76 23.74
N ILE A 130 19.89 -10.86 23.03
CA ILE A 130 20.42 -10.37 21.75
C ILE A 130 21.68 -9.55 22.00
N GLU A 131 21.71 -8.75 23.08
CA GLU A 131 22.94 -8.02 23.42
C GLU A 131 24.09 -9.01 23.71
N LYS A 132 23.80 -10.13 24.38
CA LYS A 132 24.81 -11.14 24.70
C LYS A 132 25.34 -11.75 23.40
N MET A 133 24.43 -12.02 22.46
CA MET A 133 24.82 -12.55 21.17
C MET A 133 25.80 -11.62 20.44
N THR A 134 25.47 -10.31 20.32
CA THR A 134 26.33 -9.43 19.54
C THR A 134 27.63 -9.09 20.26
N THR A 135 27.65 -9.18 21.61
CA THR A 135 28.89 -9.06 22.37
C THR A 135 29.86 -10.20 21.96
N ALA A 136 29.32 -11.41 21.70
CA ALA A 136 30.13 -12.53 21.23
C ALA A 136 30.52 -12.31 19.77
N VAL A 137 29.60 -11.81 18.94
CA VAL A 137 29.95 -11.48 17.56
C VAL A 137 31.10 -10.44 17.53
N ARG A 138 31.05 -9.45 18.42
CA ARG A 138 32.09 -8.44 18.49
C ARG A 138 33.48 -9.06 18.66
N GLU A 139 33.60 -9.98 19.61
CA GLU A 139 34.87 -10.66 19.86
C GLU A 139 35.33 -11.42 18.61
N ASP A 140 34.40 -12.16 17.96
CA ASP A 140 34.74 -12.89 16.76
C ASP A 140 35.34 -11.95 15.71
N MET A 141 34.69 -10.80 15.53
CA MET A 141 35.06 -9.91 14.44
C MET A 141 36.41 -9.26 14.73
N ARG A 142 36.62 -8.84 15.98
CA ARG A 142 37.85 -8.17 16.32
C ARG A 142 39.03 -9.13 16.17
N LYS A 143 38.79 -10.43 16.39
CA LYS A 143 39.85 -11.43 16.27
C LYS A 143 40.44 -11.44 14.87
N ILE A 144 39.61 -11.19 13.85
CA ILE A 144 40.07 -11.30 12.48
C ILE A 144 40.43 -9.93 11.88
N GLY A 145 40.36 -8.87 12.69
CA GLY A 145 40.73 -7.53 12.26
C GLY A 145 39.59 -6.76 11.57
N ALA A 146 38.34 -7.15 11.82
CA ALA A 146 37.19 -6.47 11.23
C ALA A 146 36.68 -5.42 12.21
N HIS A 147 36.27 -4.25 11.70
CA HIS A 147 35.91 -3.12 12.56
C HIS A 147 34.44 -2.72 12.46
N GLN A 148 33.75 -3.18 11.42
CA GLN A 148 32.38 -2.75 11.18
C GLN A 148 31.54 -3.93 10.72
N GLY A 149 30.38 -4.14 11.35
CA GLY A 149 29.44 -5.14 10.90
C GLY A 149 28.21 -4.48 10.25
N LEU A 150 27.76 -5.03 9.13
CA LEU A 150 26.63 -4.45 8.42
C LEU A 150 25.31 -4.95 9.02
N ALA A 151 25.00 -4.49 10.23
CA ALA A 151 23.81 -4.95 10.93
C ALA A 151 23.64 -4.04 12.15
N PRO A 152 22.43 -3.91 12.74
CA PRO A 152 21.25 -4.70 12.35
C PRO A 152 20.34 -4.04 11.32
N VAL A 153 19.36 -4.81 10.83
CA VAL A 153 18.27 -4.31 10.01
C VAL A 153 17.20 -3.74 10.94
N LEU A 154 16.87 -2.44 10.78
CA LEU A 154 15.81 -1.80 11.57
C LEU A 154 14.58 -1.50 10.73
N ASP A 155 14.48 -2.06 9.52
CA ASP A 155 13.29 -1.89 8.70
C ASP A 155 12.11 -2.55 9.41
N VAL A 156 10.97 -1.84 9.45
CA VAL A 156 9.74 -2.33 10.08
C VAL A 156 8.91 -3.02 8.99
N ALA A 157 8.58 -4.29 9.22
CA ALA A 157 8.01 -5.14 8.18
C ALA A 157 6.54 -5.41 8.46
N ARG A 158 5.66 -4.94 7.57
CA ARG A 158 4.25 -5.31 7.63
C ARG A 158 3.79 -5.94 6.31
N ASP A 159 4.74 -6.33 5.45
CA ASP A 159 4.40 -6.92 4.15
C ASP A 159 5.13 -8.25 3.98
N PRO A 160 4.53 -9.38 4.37
CA PRO A 160 5.22 -10.67 4.33
C PRO A 160 5.55 -11.20 2.93
N ARG A 161 5.03 -10.60 1.86
CA ARG A 161 5.46 -10.94 0.51
C ARG A 161 6.98 -10.73 0.35
N TRP A 162 7.52 -9.74 1.06
CA TRP A 162 8.87 -9.25 0.84
C TRP A 162 9.86 -10.32 1.29
N GLY A 163 10.83 -10.62 0.43
CA GLY A 163 11.72 -11.73 0.73
C GLY A 163 12.70 -11.43 1.87
N ARG A 164 12.80 -10.16 2.31
CA ARG A 164 13.75 -9.86 3.38
C ARG A 164 13.07 -9.77 4.74
N THR A 165 11.78 -10.10 4.81
CA THR A 165 11.07 -10.16 6.08
C THR A 165 11.92 -10.82 7.16
N GLU A 166 12.60 -11.95 6.82
CA GLU A 166 13.31 -12.78 7.80
C GLU A 166 14.44 -11.99 8.45
N GLU A 167 14.94 -10.95 7.78
CA GLU A 167 16.05 -10.15 8.28
C GLU A 167 15.60 -9.02 9.21
N THR A 168 14.30 -8.86 9.42
CA THR A 168 13.81 -7.77 10.24
C THR A 168 13.46 -8.29 11.62
N PHE A 169 13.14 -7.35 12.49
CA PHE A 169 12.61 -7.64 13.80
C PHE A 169 11.08 -7.56 13.83
N GLY A 170 10.44 -7.55 12.64
CA GLY A 170 8.97 -7.63 12.59
C GLY A 170 8.27 -6.27 12.39
N GLU A 171 7.01 -6.19 12.86
CA GLU A 171 6.08 -5.14 12.47
C GLU A 171 6.02 -3.99 13.47
N SER A 172 6.61 -4.14 14.67
CA SER A 172 6.34 -3.18 15.75
C SER A 172 7.50 -2.22 15.88
N PRO A 173 7.30 -0.89 15.68
CA PRO A 173 8.37 0.10 15.82
C PRO A 173 9.03 0.01 17.20
N TYR A 174 8.21 -0.21 18.24
CA TYR A 174 8.70 -0.37 19.60
C TYR A 174 9.61 -1.61 19.75
N LEU A 175 9.13 -2.80 19.35
CA LEU A 175 9.95 -3.99 19.44
C LEU A 175 11.21 -3.89 18.57
N VAL A 176 11.05 -3.42 17.34
CA VAL A 176 12.19 -3.29 16.45
C VAL A 176 13.22 -2.34 17.10
N ALA A 177 12.77 -1.20 17.63
CA ALA A 177 13.69 -0.24 18.22
C ALA A 177 14.39 -0.85 19.44
N ARG A 178 13.63 -1.58 20.28
CA ARG A 178 14.19 -2.17 21.51
C ARG A 178 15.25 -3.23 21.15
N MET A 179 14.94 -4.13 20.22
CA MET A 179 15.90 -5.14 19.81
C MET A 179 17.12 -4.48 19.16
N GLY A 180 16.88 -3.45 18.33
CA GLY A 180 17.94 -2.75 17.61
C GLY A 180 18.96 -2.11 18.56
N VAL A 181 18.48 -1.51 19.65
CA VAL A 181 19.36 -0.79 20.55
C VAL A 181 20.24 -1.80 21.30
N SER A 182 19.67 -2.93 21.71
CA SER A 182 20.42 -3.99 22.36
C SER A 182 21.46 -4.59 21.41
N TYR A 183 21.03 -4.85 20.18
CA TYR A 183 21.90 -5.40 19.16
C TYR A 183 23.13 -4.50 19.00
N VAL A 184 22.90 -3.19 18.79
CA VAL A 184 23.95 -2.21 18.62
C VAL A 184 24.87 -2.17 19.86
N LYS A 185 24.28 -2.16 21.05
CA LYS A 185 25.07 -1.99 22.26
C LYS A 185 26.05 -3.15 22.42
N GLY A 186 25.63 -4.36 22.08
CA GLY A 186 26.46 -5.55 22.17
C GLY A 186 27.64 -5.50 21.19
N LEU A 187 27.37 -5.08 19.95
CA LEU A 187 28.41 -5.03 18.94
C LEU A 187 29.43 -3.94 19.29
N GLN A 188 28.95 -2.75 19.65
CA GLN A 188 29.81 -1.60 19.88
C GLN A 188 30.28 -1.64 21.33
N GLY A 189 31.46 -1.17 21.62
CA GLY A 189 31.74 -1.21 23.06
C GLY A 189 30.92 -0.16 23.82
N GLU A 190 31.30 0.10 25.06
CA GLU A 190 31.30 1.47 25.55
C GLU A 190 32.38 2.24 24.77
N ASP A 191 33.58 1.65 24.63
CA ASP A 191 34.68 2.25 23.90
C ASP A 191 34.90 1.51 22.59
N ILE A 192 34.64 2.21 21.46
CA ILE A 192 34.62 1.57 20.15
C ILE A 192 36.00 1.03 19.78
N LYS A 193 37.06 1.57 20.39
CA LYS A 193 38.40 1.04 20.23
C LYS A 193 38.40 -0.47 20.50
N LYS A 194 37.48 -0.95 21.37
CA LYS A 194 37.44 -2.36 21.75
C LYS A 194 36.21 -3.05 21.19
N GLY A 195 35.46 -2.37 20.30
CA GLY A 195 34.25 -2.93 19.78
C GLY A 195 34.21 -2.92 18.26
N VAL A 196 32.99 -3.03 17.74
CA VAL A 196 32.75 -3.14 16.31
C VAL A 196 31.65 -2.14 15.98
N VAL A 197 31.87 -1.32 14.95
CA VAL A 197 30.89 -0.35 14.49
C VAL A 197 29.66 -1.09 13.96
N ALA A 198 28.48 -0.77 14.53
CA ALA A 198 27.23 -1.31 14.01
C ALA A 198 26.75 -0.40 12.87
N THR A 199 26.02 -1.00 11.93
CA THR A 199 25.51 -0.32 10.74
C THR A 199 24.02 -0.56 10.66
N VAL A 200 23.23 0.42 11.13
CA VAL A 200 21.79 0.26 11.02
C VAL A 200 21.36 0.47 9.57
N LYS A 201 20.43 -0.38 9.09
CA LYS A 201 20.01 -0.35 7.70
C LYS A 201 18.54 -0.75 7.61
N HIS A 202 17.88 -0.46 6.48
CA HIS A 202 18.31 0.32 5.34
C HIS A 202 17.52 1.63 5.34
N PHE A 203 18.24 2.74 5.55
CA PHE A 203 17.62 4.02 5.94
C PHE A 203 17.06 4.72 4.72
N ALA A 204 15.73 4.88 4.61
CA ALA A 204 14.70 4.30 5.48
C ALA A 204 13.47 4.00 4.62
N GLY A 205 12.69 2.99 5.03
CA GLY A 205 11.42 2.66 4.39
C GLY A 205 11.47 1.41 3.51
N TYR A 206 12.65 0.77 3.41
CA TYR A 206 12.98 -0.25 2.42
C TYR A 206 12.06 -1.46 2.49
N SER A 207 11.50 -1.73 3.68
CA SER A 207 10.59 -2.86 3.91
C SER A 207 9.15 -2.57 3.45
N ALA A 208 8.87 -1.38 2.91
CA ALA A 208 7.50 -1.07 2.52
C ALA A 208 7.38 -0.85 1.02
N SER A 209 8.12 -1.62 0.22
CA SER A 209 8.13 -1.49 -1.24
C SER A 209 6.76 -1.81 -1.83
N GLU A 210 6.37 -1.07 -2.87
CA GLU A 210 5.21 -1.35 -3.72
C GLU A 210 5.12 -2.85 -4.03
N GLY A 211 4.01 -3.47 -3.61
CA GLY A 211 3.70 -4.86 -3.90
C GLY A 211 4.64 -5.87 -3.21
N GLY A 212 5.42 -5.41 -2.21
CA GLY A 212 6.41 -6.23 -1.52
C GLY A 212 7.61 -6.57 -2.41
N LYS A 213 7.81 -5.78 -3.48
CA LYS A 213 8.85 -6.10 -4.46
C LYS A 213 10.18 -5.42 -4.12
N ASN A 214 11.26 -6.21 -4.10
CA ASN A 214 12.60 -5.74 -3.76
C ASN A 214 13.00 -4.52 -4.63
N TRP A 215 13.36 -3.42 -3.95
CA TRP A 215 13.84 -2.15 -4.50
C TRP A 215 12.74 -1.25 -5.09
N ALA A 216 11.47 -1.69 -5.09
CA ALA A 216 10.38 -0.89 -5.65
C ALA A 216 10.04 0.27 -4.72
N PRO A 217 9.32 1.30 -5.21
CA PRO A 217 9.16 2.55 -4.44
C PRO A 217 8.51 2.30 -3.10
N THR A 218 8.94 3.07 -2.09
CA THR A 218 8.40 3.00 -0.75
C THR A 218 7.74 4.34 -0.45
N ASN A 219 6.43 4.44 -0.72
CA ASN A 219 5.70 5.70 -0.75
C ASN A 219 4.97 5.90 0.58
N ILE A 220 5.65 6.56 1.53
CA ILE A 220 5.16 6.62 2.90
C ILE A 220 4.94 8.10 3.25
N PRO A 221 3.77 8.52 3.76
CA PRO A 221 3.57 9.91 4.17
C PRO A 221 4.30 10.22 5.48
N GLU A 222 4.41 11.51 5.78
CA GLU A 222 5.32 12.03 6.79
C GLU A 222 5.09 11.50 8.22
N ARG A 223 3.86 11.55 8.73
CA ARG A 223 3.66 11.14 10.12
C ARG A 223 3.98 9.66 10.28
N GLU A 224 3.47 8.83 9.37
CA GLU A 224 3.75 7.40 9.39
C GLU A 224 5.26 7.18 9.27
N PHE A 225 5.89 7.91 8.37
CA PHE A 225 7.33 7.75 8.20
C PHE A 225 8.10 8.02 9.51
N LYS A 226 7.74 9.10 10.22
CA LYS A 226 8.39 9.44 11.48
C LYS A 226 8.07 8.44 12.60
N GLU A 227 6.82 8.01 12.75
CA GLU A 227 6.44 7.23 13.92
C GLU A 227 6.74 5.75 13.69
N VAL A 228 6.67 5.30 12.43
CA VAL A 228 6.86 3.87 12.19
C VAL A 228 8.28 3.59 11.69
N PHE A 229 8.69 4.22 10.58
CA PHE A 229 9.91 3.79 9.93
C PHE A 229 11.16 4.42 10.54
N LEU A 230 11.12 5.71 10.88
CA LEU A 230 12.31 6.41 11.37
C LEU A 230 12.58 6.09 12.84
N PHE A 231 11.49 5.83 13.61
CA PHE A 231 11.57 5.68 15.05
C PHE A 231 12.70 4.75 15.50
N PRO A 232 12.83 3.51 14.98
CA PRO A 232 13.90 2.63 15.43
C PRO A 232 15.29 3.17 15.13
N PHE A 233 15.45 3.85 13.97
CA PHE A 233 16.72 4.47 13.65
C PHE A 233 17.03 5.60 14.63
N GLU A 234 16.01 6.40 14.97
CA GLU A 234 16.18 7.52 15.87
C GLU A 234 16.70 7.02 17.23
N ALA A 235 16.09 5.94 17.74
CA ALA A 235 16.52 5.35 19.01
C ALA A 235 17.95 4.82 18.91
N ALA A 236 18.30 4.17 17.78
CA ALA A 236 19.66 3.67 17.62
C ALA A 236 20.68 4.82 17.61
N VAL A 237 20.32 5.94 16.95
CA VAL A 237 21.24 7.08 16.90
C VAL A 237 21.37 7.71 18.28
N LYS A 238 20.25 7.91 18.99
CA LYS A 238 20.26 8.79 20.15
C LYS A 238 20.51 8.01 21.43
N GLU A 239 19.94 6.82 21.54
CA GLU A 239 20.11 6.06 22.76
C GLU A 239 21.28 5.09 22.64
N ALA A 240 21.57 4.55 21.45
CA ALA A 240 22.61 3.54 21.39
C ALA A 240 23.89 4.08 20.75
N ASN A 241 23.89 5.34 20.29
CA ASN A 241 25.06 5.99 19.72
C ASN A 241 25.65 5.18 18.57
N VAL A 242 24.79 4.65 17.68
CA VAL A 242 25.28 3.81 16.60
C VAL A 242 26.22 4.64 15.73
N LEU A 243 27.25 4.01 15.12
CA LEU A 243 28.29 4.81 14.47
C LEU A 243 28.26 4.71 12.96
N SER A 244 27.36 3.87 12.41
CA SER A 244 27.19 3.84 10.98
C SER A 244 25.72 3.61 10.59
N VAL A 245 25.35 4.18 9.44
CA VAL A 245 24.02 4.03 8.83
C VAL A 245 24.25 3.70 7.36
N MET A 246 23.46 2.76 6.82
CA MET A 246 23.48 2.42 5.40
C MET A 246 22.12 2.80 4.81
N ASN A 247 22.12 3.37 3.58
CA ASN A 247 20.90 3.86 2.96
C ASN A 247 20.07 2.73 2.32
N SER A 248 18.82 3.08 2.01
CA SER A 248 17.88 2.21 1.30
C SER A 248 18.08 2.32 -0.21
N TYR A 249 17.91 1.19 -0.91
CA TYR A 249 17.95 1.17 -2.38
C TYR A 249 16.69 1.79 -3.00
N SER A 250 15.61 1.91 -2.22
CA SER A 250 14.35 2.41 -2.78
C SER A 250 14.27 3.93 -2.87
N GLU A 251 13.36 4.43 -3.73
CA GLU A 251 12.98 5.83 -3.72
C GLU A 251 11.80 6.01 -2.77
N ILE A 252 11.71 7.19 -2.17
CA ILE A 252 10.50 7.58 -1.45
C ILE A 252 9.86 8.68 -2.28
N ASP A 253 8.72 8.35 -2.92
CA ASP A 253 7.88 9.34 -3.57
C ASP A 253 8.70 10.15 -4.59
N GLY A 254 9.59 9.48 -5.36
CA GLY A 254 10.27 10.15 -6.45
C GLY A 254 11.76 10.42 -6.18
N VAL A 255 12.19 10.28 -4.92
CA VAL A 255 13.58 10.56 -4.56
C VAL A 255 14.27 9.29 -4.03
N PRO A 256 15.29 8.74 -4.75
CA PRO A 256 16.10 7.64 -4.20
C PRO A 256 16.82 8.05 -2.91
N CYS A 257 16.81 7.14 -1.92
CA CYS A 257 17.41 7.43 -0.62
C CYS A 257 18.88 7.83 -0.76
N ALA A 258 19.62 7.22 -1.70
CA ALA A 258 21.04 7.51 -1.89
C ALA A 258 21.26 8.91 -2.45
N ALA A 259 20.21 9.53 -2.99
CA ALA A 259 20.35 10.89 -3.51
C ALA A 259 19.55 11.88 -2.66
N ASN A 260 19.15 11.52 -1.44
CA ASN A 260 18.21 12.36 -0.68
C ASN A 260 18.89 13.08 0.50
N ARG A 261 19.29 14.34 0.32
CA ARG A 261 19.97 15.10 1.37
C ARG A 261 19.02 15.38 2.54
N LYS A 262 17.73 15.54 2.26
CA LYS A 262 16.77 15.77 3.33
C LYS A 262 16.72 14.59 4.29
N LEU A 263 17.02 13.38 3.80
CA LEU A 263 16.98 12.19 4.66
C LEU A 263 18.34 11.94 5.29
N LEU A 264 19.39 11.81 4.46
CA LEU A 264 20.67 11.31 4.97
C LEU A 264 21.43 12.40 5.72
N THR A 265 21.10 13.68 5.49
CA THR A 265 21.74 14.80 6.17
C THR A 265 20.75 15.52 7.08
N ASP A 266 19.61 16.02 6.53
CA ASP A 266 18.82 16.93 7.32
C ASP A 266 18.20 16.20 8.50
N ILE A 267 17.75 14.96 8.29
CA ILE A 267 17.15 14.25 9.40
C ILE A 267 18.27 13.65 10.24
N LEU A 268 19.13 12.87 9.58
CA LEU A 268 20.04 12.01 10.31
C LEU A 268 21.10 12.82 11.08
N ARG A 269 21.74 13.78 10.40
N ARG A 269 21.74 13.77 10.40
CA ARG A 269 22.83 14.53 11.01
CA ARG A 269 22.84 14.53 10.99
C ARG A 269 22.35 15.80 11.69
C ARG A 269 22.36 15.80 11.68
N LYS A 270 21.50 16.59 11.01
CA LYS A 270 21.08 17.88 11.54
C LYS A 270 20.07 17.67 12.66
N ASP A 271 18.95 17.00 12.34
CA ASP A 271 17.91 16.84 13.35
C ASP A 271 18.37 15.94 14.50
N TRP A 272 19.06 14.82 14.19
CA TRP A 272 19.30 13.83 15.24
C TRP A 272 20.72 13.92 15.81
N GLY A 273 21.64 14.64 15.17
CA GLY A 273 23.01 14.75 15.67
C GLY A 273 23.87 13.49 15.45
N PHE A 274 23.59 12.70 14.42
CA PHE A 274 24.43 11.54 14.11
C PHE A 274 25.84 12.00 13.74
N GLU A 275 26.87 11.36 14.30
CA GLU A 275 28.25 11.81 14.13
C GLU A 275 29.12 10.77 13.39
N GLY A 276 28.57 9.60 13.02
CA GLY A 276 29.36 8.52 12.46
C GLY A 276 29.42 8.61 10.94
N ILE A 277 29.57 7.47 10.24
CA ILE A 277 29.66 7.48 8.78
C ILE A 277 28.39 6.89 8.16
N VAL A 278 27.97 7.45 7.01
CA VAL A 278 26.96 6.81 6.19
C VAL A 278 27.68 6.02 5.11
N VAL A 279 27.42 4.70 5.04
CA VAL A 279 27.99 3.88 3.97
C VAL A 279 26.87 3.55 2.99
N SER A 280 27.19 3.48 1.68
CA SER A 280 26.17 3.12 0.70
C SER A 280 25.84 1.64 0.84
N ASP A 281 24.57 1.28 0.62
CA ASP A 281 24.30 -0.10 0.23
C ASP A 281 25.11 -0.42 -1.02
N TYR A 282 25.30 -1.72 -1.31
CA TYR A 282 26.28 -2.11 -2.31
C TYR A 282 25.79 -1.66 -3.70
N PHE A 283 26.58 -0.84 -4.38
CA PHE A 283 26.27 -0.35 -5.73
C PHE A 283 25.13 0.70 -5.70
N ALA A 284 24.66 1.15 -4.52
CA ALA A 284 23.57 2.11 -4.44
C ALA A 284 23.91 3.41 -5.18
N VAL A 285 25.19 3.80 -5.20
CA VAL A 285 25.54 5.03 -5.87
C VAL A 285 25.44 4.86 -7.40
N LYS A 286 26.09 3.83 -7.94
CA LYS A 286 26.04 3.54 -9.38
C LYS A 286 24.60 3.40 -9.90
N VAL A 287 23.71 2.77 -9.14
CA VAL A 287 22.38 2.52 -9.69
C VAL A 287 21.48 3.76 -9.69
N LEU A 288 21.95 4.88 -9.10
CA LEU A 288 21.28 6.15 -9.33
C LEU A 288 21.19 6.44 -10.84
N GLU A 289 22.22 6.00 -11.57
CA GLU A 289 22.22 6.08 -13.03
C GLU A 289 21.45 4.88 -13.60
N ASP A 290 21.91 3.66 -13.28
CA ASP A 290 21.55 2.45 -14.03
C ASP A 290 20.09 2.06 -13.82
N TYR A 291 19.59 2.22 -12.59
CA TYR A 291 18.26 1.74 -12.24
C TYR A 291 17.28 2.91 -12.13
N HIS A 292 17.60 3.93 -11.32
CA HIS A 292 16.63 5.00 -11.08
C HIS A 292 16.59 5.99 -12.24
N ARG A 293 17.66 6.06 -13.05
CA ARG A 293 17.73 6.92 -14.23
C ARG A 293 17.58 8.40 -13.84
N ILE A 294 18.18 8.80 -12.71
CA ILE A 294 18.21 10.21 -12.37
C ILE A 294 19.63 10.76 -12.43
N ALA A 295 20.64 9.95 -12.73
CA ALA A 295 21.98 10.49 -12.90
C ALA A 295 22.46 10.13 -14.31
N ARG A 296 23.00 11.11 -15.04
CA ARG A 296 23.34 10.91 -16.45
C ARG A 296 24.60 10.07 -16.65
N ASP A 297 25.52 10.11 -15.68
CA ASP A 297 26.74 9.33 -15.77
C ASP A 297 27.26 9.08 -14.37
N LYS A 298 28.42 8.43 -14.25
CA LYS A 298 28.93 8.05 -12.95
C LYS A 298 29.32 9.27 -12.12
N SER A 299 29.76 10.34 -12.78
CA SER A 299 30.19 11.48 -12.01
C SER A 299 29.00 12.27 -11.44
N GLU A 300 27.85 12.26 -12.14
CA GLU A 300 26.64 12.84 -11.59
C GLU A 300 26.11 12.01 -10.42
N ALA A 301 26.16 10.67 -10.52
CA ALA A 301 25.81 9.79 -9.43
C ALA A 301 26.66 10.09 -8.19
N ALA A 302 27.98 10.28 -8.39
CA ALA A 302 28.87 10.57 -7.27
C ALA A 302 28.43 11.88 -6.59
N ARG A 303 28.17 12.90 -7.43
CA ARG A 303 27.78 14.21 -6.93
C ARG A 303 26.50 14.09 -6.08
N LEU A 304 25.47 13.38 -6.60
CA LEU A 304 24.19 13.29 -5.89
C LEU A 304 24.39 12.58 -4.54
N ALA A 305 25.19 11.50 -4.52
CA ALA A 305 25.37 10.71 -3.31
C ALA A 305 26.17 11.50 -2.26
N LEU A 306 27.23 12.21 -2.69
CA LEU A 306 28.05 12.96 -1.75
C LEU A 306 27.24 14.12 -1.16
N GLU A 307 26.50 14.82 -2.03
CA GLU A 307 25.63 15.89 -1.57
C GLU A 307 24.57 15.36 -0.62
N ALA A 308 24.11 14.11 -0.85
CA ALA A 308 23.05 13.56 -0.01
C ALA A 308 23.62 13.27 1.38
N GLY A 309 24.89 12.86 1.43
CA GLY A 309 25.56 12.62 2.69
C GLY A 309 26.14 11.20 2.81
N ILE A 310 26.33 10.49 1.69
CA ILE A 310 27.03 9.20 1.70
C ILE A 310 28.53 9.46 1.79
N ASP A 311 29.17 8.89 2.82
CA ASP A 311 30.59 9.06 3.09
C ASP A 311 31.44 8.01 2.35
N VAL A 312 30.98 6.76 2.30
CA VAL A 312 31.79 5.71 1.71
C VAL A 312 30.97 4.92 0.69
N GLU A 313 31.52 4.82 -0.52
CA GLU A 313 30.92 4.07 -1.60
C GLU A 313 31.36 2.61 -1.48
N LEU A 314 30.39 1.69 -1.32
CA LEU A 314 30.63 0.26 -1.14
C LEU A 314 29.95 -0.46 -2.31
N PRO A 315 30.40 -1.69 -2.72
CA PRO A 315 31.48 -2.44 -2.08
C PRO A 315 32.87 -2.17 -2.66
N LYS A 316 32.92 -1.36 -3.73
CA LYS A 316 34.14 -1.05 -4.48
C LYS A 316 33.99 0.37 -5.03
N THR A 317 35.08 1.13 -5.06
CA THR A 317 35.07 2.44 -5.67
C THR A 317 34.60 2.29 -7.11
N GLU A 318 33.63 3.11 -7.53
CA GLU A 318 33.20 3.06 -8.91
C GLU A 318 32.87 4.48 -9.35
N CYS A 319 31.87 5.09 -8.70
CA CYS A 319 31.57 6.48 -9.01
C CYS A 319 32.44 7.46 -8.25
N TYR A 320 32.82 7.14 -7.01
CA TYR A 320 33.45 8.14 -6.14
C TYR A 320 34.83 8.55 -6.65
N GLN A 321 35.47 7.74 -7.51
CA GLN A 321 36.74 8.17 -8.07
C GLN A 321 36.59 9.49 -8.84
N TYR A 322 35.41 9.72 -9.44
CA TYR A 322 35.15 10.93 -10.22
C TYR A 322 35.00 12.18 -9.37
N LEU A 323 34.91 12.04 -8.04
CA LEU A 323 34.87 13.21 -7.17
C LEU A 323 36.11 14.07 -7.39
N LYS A 324 37.22 13.42 -7.77
CA LYS A 324 38.46 14.14 -8.01
C LYS A 324 38.25 15.13 -9.17
N ASP A 325 37.78 14.59 -10.30
CA ASP A 325 37.53 15.37 -11.51
C ASP A 325 36.49 16.46 -11.27
N LEU A 326 35.44 16.16 -10.48
CA LEU A 326 34.41 17.15 -10.18
C LEU A 326 35.01 18.38 -9.47
N VAL A 327 35.96 18.16 -8.54
CA VAL A 327 36.64 19.27 -7.89
C VAL A 327 37.55 20.00 -8.89
N GLU A 328 38.36 19.23 -9.62
CA GLU A 328 39.33 19.83 -10.53
C GLU A 328 38.60 20.66 -11.59
N LYS A 329 37.42 20.23 -12.04
CA LYS A 329 36.68 20.96 -13.06
C LYS A 329 35.80 22.04 -12.42
N GLY A 330 35.85 22.18 -11.08
CA GLY A 330 35.12 23.24 -10.40
C GLY A 330 33.60 23.07 -10.45
N ILE A 331 33.14 21.81 -10.42
CA ILE A 331 31.72 21.50 -10.35
C ILE A 331 31.25 21.40 -8.90
N ILE A 332 32.06 20.83 -8.00
CA ILE A 332 31.75 20.78 -6.57
C ILE A 332 32.95 21.36 -5.83
N SER A 333 32.73 21.74 -4.57
CA SER A 333 33.74 22.39 -3.77
C SER A 333 34.49 21.31 -2.99
N GLU A 334 35.82 21.46 -2.95
CA GLU A 334 36.62 20.52 -2.20
C GLU A 334 36.15 20.47 -0.75
N ALA A 335 35.55 21.57 -0.24
CA ALA A 335 35.15 21.59 1.17
C ALA A 335 34.14 20.47 1.50
N LEU A 336 33.34 20.07 0.52
CA LEU A 336 32.32 19.06 0.71
C LEU A 336 32.97 17.67 0.80
N ILE A 337 34.04 17.44 0.00
CA ILE A 337 34.89 16.27 0.19
C ILE A 337 35.48 16.26 1.61
N ASP A 338 35.97 17.42 2.07
CA ASP A 338 36.70 17.45 3.33
C ASP A 338 35.78 17.02 4.46
N GLU A 339 34.53 17.47 4.35
CA GLU A 339 33.52 17.18 5.36
C GLU A 339 33.34 15.65 5.48
N ALA A 340 33.27 14.92 4.35
CA ALA A 340 33.11 13.47 4.38
C ALA A 340 34.37 12.77 4.88
N VAL A 341 35.53 13.18 4.38
CA VAL A 341 36.81 12.64 4.85
C VAL A 341 36.98 12.81 6.37
N THR A 342 36.61 13.97 6.92
CA THR A 342 36.68 14.21 8.37
C THR A 342 35.95 13.09 9.14
N ARG A 343 34.74 12.75 8.68
CA ARG A 343 33.92 11.74 9.35
C ARG A 343 34.57 10.34 9.30
N VAL A 344 35.16 9.98 8.15
CA VAL A 344 35.87 8.72 8.01
C VAL A 344 37.12 8.70 8.93
N LEU A 345 37.98 9.73 8.86
CA LEU A 345 39.21 9.76 9.65
C LEU A 345 38.90 9.73 11.16
N ARG A 346 37.90 10.52 11.58
CA ARG A 346 37.50 10.56 12.98
C ARG A 346 37.27 9.14 13.49
N LEU A 347 36.48 8.36 12.73
CA LEU A 347 36.12 7.01 13.14
C LEU A 347 37.36 6.10 13.17
N LYS A 348 38.25 6.22 12.17
CA LYS A 348 39.48 5.44 12.14
C LYS A 348 40.32 5.73 13.39
N PHE A 349 40.39 7.00 13.83
CA PHE A 349 41.15 7.32 15.02
C PHE A 349 40.45 6.72 16.24
N MET A 350 39.13 6.88 16.35
CA MET A 350 38.42 6.34 17.51
C MET A 350 38.57 4.82 17.61
N LEU A 351 38.70 4.13 16.47
CA LEU A 351 38.82 2.67 16.49
C LEU A 351 40.21 2.23 16.94
N GLY A 352 41.14 3.18 17.11
CA GLY A 352 42.50 2.87 17.57
C GLY A 352 43.43 2.43 16.43
N LEU A 353 43.02 2.64 15.18
CA LEU A 353 43.73 2.10 14.03
C LEU A 353 45.09 2.76 13.79
N PHE A 354 45.28 4.00 14.24
CA PHE A 354 46.58 4.63 14.04
C PHE A 354 47.58 4.15 15.12
N GLU A 355 47.07 3.61 16.23
CA GLU A 355 47.93 3.12 17.30
C GLU A 355 48.24 1.64 17.05
N ASN A 356 47.24 0.88 16.58
CA ASN A 356 47.51 -0.52 16.35
C ASN A 356 46.52 -1.10 15.36
N PRO A 357 46.89 -1.21 14.07
CA PRO A 357 46.00 -1.78 13.08
C PRO A 357 46.11 -3.30 12.91
N TYR A 358 46.97 -3.97 13.69
CA TYR A 358 47.19 -5.40 13.47
C TYR A 358 46.50 -6.24 14.55
N VAL A 359 46.29 -7.53 14.25
CA VAL A 359 45.78 -8.49 15.23
C VAL A 359 46.80 -9.63 15.35
N GLU A 360 46.76 -10.36 16.46
CA GLU A 360 47.59 -11.55 16.65
C GLU A 360 46.92 -12.74 15.96
N VAL A 361 47.56 -13.21 14.88
CA VAL A 361 47.04 -14.31 14.11
C VAL A 361 46.86 -15.55 14.99
N GLU A 362 47.74 -15.71 15.98
CA GLU A 362 47.74 -16.91 16.81
C GLU A 362 46.46 -16.94 17.66
N LYS A 363 45.81 -15.80 17.83
CA LYS A 363 44.63 -15.69 18.66
C LYS A 363 43.35 -15.58 17.82
N ALA A 364 43.48 -15.75 16.49
CA ALA A 364 42.40 -15.43 15.56
C ALA A 364 41.41 -16.58 15.41
N LYS A 365 41.61 -17.71 16.10
CA LYS A 365 40.68 -18.82 15.98
C LYS A 365 39.35 -18.44 16.63
N ILE A 366 38.26 -18.49 15.85
CA ILE A 366 36.96 -18.07 16.36
C ILE A 366 36.31 -19.21 17.12
N GLU A 367 35.76 -18.92 18.31
CA GLU A 367 35.13 -19.94 19.14
C GLU A 367 33.68 -20.15 18.71
N SER A 368 33.16 -21.33 19.03
CA SER A 368 31.79 -21.67 18.74
C SER A 368 30.89 -21.02 19.78
N HIS A 369 29.78 -20.41 19.34
CA HIS A 369 28.77 -19.88 20.27
C HIS A 369 27.46 -20.65 20.14
N ARG A 370 27.56 -21.98 19.91
N ARG A 370 27.56 -21.98 19.91
CA ARG A 370 26.40 -22.85 19.81
CA ARG A 370 26.41 -22.85 19.81
C ARG A 370 25.49 -22.68 21.02
C ARG A 370 25.50 -22.68 21.03
N ASP A 371 26.09 -22.49 22.21
CA ASP A 371 25.33 -22.30 23.44
C ASP A 371 24.35 -21.12 23.34
N ILE A 372 24.85 -19.96 22.87
CA ILE A 372 24.01 -18.79 22.70
C ILE A 372 22.97 -19.04 21.60
N ALA A 373 23.40 -19.63 20.46
CA ALA A 373 22.51 -19.92 19.35
C ALA A 373 21.35 -20.82 19.82
N LEU A 374 21.69 -21.81 20.66
CA LEU A 374 20.70 -22.77 21.10
C LEU A 374 19.72 -22.08 22.07
N GLU A 375 20.20 -21.17 22.92
CA GLU A 375 19.29 -20.44 23.79
C GLU A 375 18.32 -19.56 22.99
N ILE A 376 18.82 -18.88 21.94
CA ILE A 376 17.93 -18.10 21.08
C ILE A 376 16.93 -19.03 20.38
N ALA A 377 17.40 -20.16 19.82
CA ALA A 377 16.50 -21.04 19.08
C ALA A 377 15.40 -21.57 20.00
N ARG A 378 15.76 -21.93 21.24
CA ARG A 378 14.79 -22.46 22.18
C ARG A 378 13.76 -21.41 22.62
N LYS A 379 14.18 -20.13 22.67
CA LYS A 379 13.25 -19.08 23.08
C LYS A 379 12.50 -18.49 21.89
N SER A 380 12.92 -18.81 20.65
CA SER A 380 12.35 -18.12 19.51
C SER A 380 11.21 -18.90 18.87
N ILE A 381 11.16 -20.22 19.09
CA ILE A 381 10.19 -21.03 18.38
C ILE A 381 8.80 -20.72 18.92
N ILE A 382 7.82 -20.61 18.03
CA ILE A 382 6.50 -20.17 18.48
C ILE A 382 5.51 -21.32 18.34
N LEU A 383 4.77 -21.58 19.43
CA LEU A 383 3.69 -22.54 19.32
C LEU A 383 2.45 -21.77 18.87
N LEU A 384 2.05 -21.93 17.59
CA LEU A 384 0.93 -21.17 17.07
C LEU A 384 -0.40 -21.83 17.46
N LYS A 385 -0.42 -23.16 17.45
CA LYS A 385 -1.65 -23.88 17.73
C LYS A 385 -1.30 -25.21 18.39
N ASN A 386 -2.12 -25.63 19.34
CA ASN A 386 -1.94 -26.91 20.00
C ASN A 386 -3.27 -27.34 20.58
N ASP A 387 -3.90 -28.37 19.98
CA ASP A 387 -5.14 -28.93 20.53
C ASP A 387 -4.89 -29.82 21.76
N GLY A 388 -3.63 -30.01 22.17
CA GLY A 388 -3.33 -30.93 23.26
C GLY A 388 -2.35 -32.03 22.89
N ILE A 389 -2.10 -32.23 21.59
CA ILE A 389 -1.18 -33.30 21.19
C ILE A 389 0.25 -33.02 21.68
N LEU A 390 0.66 -31.75 21.81
CA LEU A 390 2.02 -31.46 22.27
C LEU A 390 1.99 -31.14 23.77
N PRO A 391 3.03 -31.49 24.57
CA PRO A 391 4.22 -32.20 24.07
C PRO A 391 3.90 -33.69 23.85
N LEU A 392 4.64 -34.33 22.94
CA LEU A 392 4.44 -35.72 22.56
C LEU A 392 5.08 -36.61 23.61
N GLN A 393 4.57 -37.84 23.71
CA GLN A 393 5.18 -38.91 24.47
C GLN A 393 6.28 -39.52 23.62
N LYS A 394 7.40 -39.88 24.25
CA LYS A 394 8.60 -40.37 23.57
C LYS A 394 8.38 -41.76 22.98
N ASN A 395 7.35 -42.47 23.44
CA ASN A 395 7.09 -43.83 23.00
C ASN A 395 6.20 -43.85 21.75
N LYS A 396 5.78 -42.68 21.22
CA LYS A 396 4.96 -42.68 20.02
C LYS A 396 5.84 -42.85 18.80
N LYS A 397 5.40 -43.71 17.87
CA LYS A 397 6.10 -43.91 16.61
C LYS A 397 5.83 -42.73 15.67
N VAL A 398 6.90 -42.16 15.12
CA VAL A 398 6.78 -40.92 14.40
C VAL A 398 7.02 -41.18 12.91
N ALA A 399 6.12 -40.66 12.07
CA ALA A 399 6.38 -40.49 10.65
C ALA A 399 6.88 -39.07 10.45
N LEU A 400 8.16 -38.94 10.09
CA LEU A 400 8.79 -37.64 9.92
C LEU A 400 8.86 -37.37 8.43
N ILE A 401 8.17 -36.32 7.99
CA ILE A 401 7.87 -36.14 6.57
C ILE A 401 8.20 -34.70 6.20
N GLY A 402 8.81 -34.50 5.03
CA GLY A 402 8.85 -33.16 4.43
C GLY A 402 10.27 -32.76 4.04
N PRO A 403 10.43 -31.81 3.10
CA PRO A 403 11.76 -31.45 2.60
C PRO A 403 12.62 -30.77 3.65
N ASN A 404 11.96 -30.13 4.63
CA ASN A 404 12.76 -29.38 5.60
C ASN A 404 13.12 -30.25 6.80
N ALA A 405 12.63 -31.50 6.81
CA ALA A 405 12.97 -32.42 7.88
C ALA A 405 14.36 -33.02 7.63
N GLY A 406 14.73 -33.09 6.35
CA GLY A 406 15.90 -33.84 5.95
C GLY A 406 17.06 -32.99 5.43
N GLU A 407 16.82 -31.72 5.06
CA GLU A 407 17.83 -30.90 4.36
C GLU A 407 18.35 -29.79 5.28
N VAL A 408 19.58 -29.96 5.76
CA VAL A 408 20.34 -29.08 6.64
C VAL A 408 20.49 -27.68 6.02
N ARG A 409 20.65 -27.60 4.69
CA ARG A 409 20.77 -26.34 3.97
C ARG A 409 19.58 -25.39 4.26
N ASN A 410 18.37 -25.96 4.40
CA ASN A 410 17.16 -25.15 4.47
C ASN A 410 16.91 -24.62 5.89
N LEU A 411 17.82 -24.92 6.84
CA LEU A 411 17.79 -24.30 8.16
C LEU A 411 18.49 -22.93 8.14
N LEU A 412 19.19 -22.62 7.03
CA LEU A 412 20.09 -21.47 6.97
C LEU A 412 19.40 -20.27 6.32
N GLY A 413 19.67 -19.06 6.85
CA GLY A 413 19.10 -17.81 6.34
C GLY A 413 19.94 -17.21 5.22
N ASP A 414 19.45 -16.11 4.62
CA ASP A 414 20.07 -15.57 3.41
C ASP A 414 21.47 -14.95 3.63
N TYR A 415 21.77 -14.54 4.87
CA TYR A 415 23.07 -13.97 5.19
C TYR A 415 23.88 -14.91 6.10
N MET A 416 23.52 -16.20 6.11
CA MET A 416 24.35 -17.19 6.77
C MET A 416 25.34 -17.69 5.71
N TYR A 417 26.61 -17.75 6.09
CA TYR A 417 27.72 -17.91 5.16
C TYR A 417 27.53 -19.12 4.24
N LEU A 418 27.17 -20.27 4.82
CA LEU A 418 27.03 -21.51 4.08
C LEU A 418 25.86 -21.47 3.09
N ALA A 419 24.87 -20.60 3.32
CA ALA A 419 23.85 -20.34 2.31
C ALA A 419 24.33 -19.29 1.30
N HIS A 420 24.81 -18.13 1.80
CA HIS A 420 25.44 -17.01 1.10
C HIS A 420 24.85 -15.67 1.60
N SER A 448 35.07 -26.94 -0.12
CA SER A 448 34.92 -27.02 1.36
C SER A 448 33.54 -26.53 1.82
N ILE A 449 32.69 -26.00 0.91
CA ILE A 449 31.33 -25.60 1.26
C ILE A 449 30.53 -26.82 1.74
N GLU A 450 30.51 -27.87 0.89
CA GLU A 450 29.82 -29.14 1.12
C GLU A 450 30.34 -29.79 2.41
N GLU A 451 31.68 -29.77 2.60
CA GLU A 451 32.37 -30.30 3.77
C GLU A 451 31.93 -29.57 5.04
N HIS A 452 31.82 -28.23 4.98
CA HIS A 452 31.51 -27.43 6.15
C HIS A 452 30.05 -27.62 6.55
N MET A 453 29.19 -27.74 5.52
CA MET A 453 27.76 -28.02 5.69
C MET A 453 27.55 -29.28 6.54
N LYS A 454 28.36 -30.32 6.29
CA LYS A 454 28.26 -31.63 6.92
C LYS A 454 28.31 -31.53 8.45
N SER A 455 28.76 -30.39 8.97
CA SER A 455 29.03 -30.20 10.39
C SER A 455 27.76 -29.89 11.19
N ILE A 456 26.72 -29.40 10.49
CA ILE A 456 25.53 -28.86 11.15
C ILE A 456 24.54 -29.99 11.43
N PRO A 457 24.10 -30.18 12.70
CA PRO A 457 23.03 -31.12 13.03
C PRO A 457 21.75 -30.89 12.24
N SER A 458 21.16 -31.98 11.72
CA SER A 458 19.90 -31.99 11.01
C SER A 458 18.76 -32.13 12.03
N VAL A 459 17.52 -31.94 11.58
CA VAL A 459 16.33 -32.28 12.34
C VAL A 459 16.28 -33.79 12.54
N LEU A 460 16.61 -34.56 11.49
CA LEU A 460 16.64 -36.01 11.53
C LEU A 460 17.61 -36.45 12.63
N ASP A 461 18.82 -35.87 12.63
CA ASP A 461 19.82 -36.15 13.64
C ASP A 461 19.28 -35.88 15.06
N ALA A 462 18.42 -34.85 15.19
CA ALA A 462 18.01 -34.49 16.54
C ALA A 462 17.02 -35.55 17.03
N PHE A 463 16.18 -36.07 16.12
CA PHE A 463 15.25 -37.14 16.45
C PHE A 463 15.95 -38.43 16.86
N LYS A 464 17.04 -38.77 16.16
CA LYS A 464 17.85 -39.94 16.49
C LYS A 464 18.40 -39.81 17.91
N GLU A 465 19.08 -38.69 18.18
CA GLU A 465 19.77 -38.51 19.45
C GLU A 465 18.78 -38.47 20.60
N GLU A 466 17.53 -38.08 20.32
CA GLU A 466 16.50 -38.05 21.35
C GLU A 466 16.01 -39.46 21.66
N GLY A 467 16.30 -40.40 20.74
CA GLY A 467 15.98 -41.81 20.93
C GLY A 467 14.55 -42.12 20.47
N ILE A 468 14.03 -41.33 19.53
CA ILE A 468 12.67 -41.53 19.06
C ILE A 468 12.70 -42.61 17.99
N GLU A 469 11.68 -43.46 17.96
CA GLU A 469 11.53 -44.39 16.86
C GLU A 469 10.71 -43.72 15.76
N PHE A 470 11.30 -43.61 14.58
CA PHE A 470 10.63 -42.93 13.48
C PHE A 470 11.06 -43.50 12.14
N GLU A 471 10.24 -43.29 11.11
CA GLU A 471 10.70 -43.38 9.73
C GLU A 471 10.63 -41.99 9.07
N TYR A 472 11.47 -41.77 8.07
CA TYR A 472 11.52 -40.51 7.35
C TYR A 472 11.10 -40.73 5.91
N ALA A 473 10.21 -39.86 5.40
CA ALA A 473 9.94 -39.76 3.97
C ALA A 473 10.00 -38.28 3.56
N LYS A 474 10.67 -37.98 2.44
CA LYS A 474 10.87 -36.58 2.07
C LYS A 474 9.54 -35.96 1.69
N GLY A 475 8.70 -36.72 1.00
CA GLY A 475 7.37 -36.26 0.60
C GLY A 475 7.40 -35.44 -0.70
N CYS A 476 8.09 -34.29 -0.70
CA CYS A 476 8.23 -33.50 -1.93
C CYS A 476 9.45 -32.59 -1.80
N GLU A 477 9.74 -31.83 -2.85
CA GLU A 477 10.81 -30.84 -2.80
C GLU A 477 10.22 -29.52 -2.30
N VAL A 478 11.08 -28.53 -2.06
CA VAL A 478 10.64 -27.22 -1.63
C VAL A 478 9.90 -26.55 -2.79
N THR A 479 10.43 -26.66 -4.01
CA THR A 479 9.76 -26.08 -5.17
C THR A 479 9.38 -27.20 -6.15
N GLY A 480 8.63 -26.83 -7.19
CA GLY A 480 8.22 -27.80 -8.20
C GLY A 480 6.81 -28.31 -7.92
N GLU A 481 6.33 -29.19 -8.82
CA GLU A 481 4.96 -29.68 -8.79
C GLU A 481 4.95 -31.21 -8.66
N ASP A 482 6.12 -31.80 -8.44
CA ASP A 482 6.28 -33.26 -8.39
C ASP A 482 5.64 -33.85 -7.15
N ARG A 483 4.64 -34.73 -7.36
CA ARG A 483 3.91 -35.37 -6.29
C ARG A 483 4.28 -36.85 -6.14
N SER A 484 5.36 -37.30 -6.79
CA SER A 484 5.70 -38.72 -6.84
C SER A 484 6.12 -39.28 -5.48
N GLY A 485 6.50 -38.43 -4.53
CA GLY A 485 6.95 -38.89 -3.23
C GLY A 485 5.81 -39.01 -2.23
N PHE A 486 4.62 -38.53 -2.60
CA PHE A 486 3.46 -38.48 -1.71
C PHE A 486 3.13 -39.89 -1.19
N GLU A 487 3.15 -40.90 -2.08
CA GLU A 487 2.71 -42.25 -1.74
C GLU A 487 3.51 -42.81 -0.56
N GLU A 488 4.85 -42.71 -0.64
CA GLU A 488 5.76 -43.15 0.40
C GLU A 488 5.48 -42.42 1.73
N ALA A 489 5.21 -41.11 1.67
CA ALA A 489 4.91 -40.34 2.88
C ALA A 489 3.58 -40.77 3.49
N ILE A 490 2.54 -40.91 2.65
CA ILE A 490 1.27 -41.41 3.12
C ILE A 490 1.43 -42.77 3.80
N GLU A 491 2.27 -43.64 3.21
CA GLU A 491 2.40 -45.02 3.69
C GLU A 491 3.04 -45.04 5.07
N ILE A 492 4.10 -44.25 5.29
CA ILE A 492 4.72 -44.27 6.60
C ILE A 492 3.81 -43.61 7.63
N ALA A 493 3.04 -42.58 7.24
CA ALA A 493 2.06 -41.98 8.12
C ALA A 493 1.03 -43.00 8.62
N LYS A 494 0.54 -43.84 7.69
CA LYS A 494 -0.46 -44.84 8.05
C LYS A 494 0.07 -45.82 9.10
N LYS A 495 1.38 -46.06 9.12
CA LYS A 495 1.97 -47.03 10.04
C LYS A 495 2.55 -46.34 11.29
N SER A 496 2.26 -45.05 11.49
CA SER A 496 2.82 -44.37 12.64
C SER A 496 1.70 -43.97 13.60
N ASP A 497 2.07 -43.45 14.78
CA ASP A 497 1.12 -42.89 15.72
C ASP A 497 0.89 -41.40 15.42
N VAL A 498 1.94 -40.71 14.99
CA VAL A 498 1.81 -39.28 14.74
C VAL A 498 2.71 -38.90 13.55
N ALA A 499 2.24 -37.98 12.71
CA ALA A 499 3.02 -37.49 11.61
C ALA A 499 3.54 -36.10 11.98
N ILE A 500 4.85 -35.89 11.83
CA ILE A 500 5.45 -34.59 12.03
C ILE A 500 5.92 -34.13 10.66
N VAL A 501 5.22 -33.12 10.12
CA VAL A 501 5.39 -32.68 8.74
C VAL A 501 6.17 -31.36 8.78
N VAL A 502 7.36 -31.36 8.17
CA VAL A 502 8.28 -30.25 8.29
C VAL A 502 8.45 -29.65 6.90
N VAL A 503 7.84 -28.47 6.72
CA VAL A 503 7.78 -27.80 5.43
C VAL A 503 8.34 -26.39 5.56
N GLY A 504 8.57 -25.73 4.42
CA GLY A 504 8.84 -24.30 4.44
C GLY A 504 9.78 -23.89 3.31
N ASP A 505 10.80 -23.09 3.66
CA ASP A 505 11.54 -22.31 2.68
C ASP A 505 12.92 -22.91 2.42
N LYS A 506 13.48 -22.58 1.25
CA LYS A 506 14.92 -22.49 1.07
C LYS A 506 15.28 -21.01 0.92
N SER A 507 16.06 -20.50 1.89
CA SER A 507 16.38 -19.08 1.92
C SER A 507 17.68 -18.81 1.18
N GLY A 508 17.70 -17.78 0.30
CA GLY A 508 18.92 -17.39 -0.39
C GLY A 508 18.67 -16.36 -1.50
N LEU A 509 19.63 -16.23 -2.42
CA LEU A 509 19.64 -15.11 -3.35
C LEU A 509 19.36 -15.56 -4.79
N THR A 510 19.23 -16.87 -5.00
CA THR A 510 19.17 -17.45 -6.33
C THR A 510 17.76 -17.94 -6.64
N LEU A 511 17.50 -18.27 -7.92
CA LEU A 511 16.12 -18.49 -8.38
C LEU A 511 15.48 -19.71 -7.70
N ASP A 512 16.30 -20.67 -7.25
CA ASP A 512 15.77 -21.88 -6.59
C ASP A 512 15.36 -21.59 -5.15
N CYS A 513 15.64 -20.38 -4.63
CA CYS A 513 15.25 -20.05 -3.25
C CYS A 513 13.84 -19.47 -3.24
N THR A 514 13.10 -19.69 -2.16
CA THR A 514 11.70 -19.26 -2.09
C THR A 514 11.54 -18.02 -1.21
N THR A 515 12.58 -17.70 -0.43
CA THR A 515 12.61 -16.53 0.43
C THR A 515 14.04 -16.02 0.45
N GLY A 516 14.23 -14.82 1.03
CA GLY A 516 15.53 -14.18 0.99
C GLY A 516 15.50 -12.94 0.09
N GLU A 517 16.55 -12.13 0.22
CA GLU A 517 16.76 -10.97 -0.63
C GLU A 517 16.58 -11.39 -2.09
N SER A 518 15.70 -10.66 -2.80
CA SER A 518 15.37 -10.84 -4.21
C SER A 518 14.31 -11.94 -4.43
N ARG A 519 13.86 -12.61 -3.37
CA ARG A 519 12.90 -13.71 -3.53
C ARG A 519 11.58 -13.33 -2.86
N ASP A 520 10.76 -12.55 -3.59
CA ASP A 520 9.49 -12.05 -3.10
C ASP A 520 8.38 -12.98 -3.55
N MET A 521 7.36 -13.16 -2.71
CA MET A 521 6.33 -14.17 -2.89
C MET A 521 4.99 -13.44 -2.94
N ALA A 522 4.32 -13.43 -4.11
CA ALA A 522 3.08 -12.69 -4.25
C ALA A 522 1.93 -13.29 -3.43
N ASN A 523 1.79 -14.61 -3.42
CA ASN A 523 0.54 -15.22 -3.00
C ASN A 523 0.65 -15.92 -1.64
N LEU A 524 1.84 -16.01 -1.03
CA LEU A 524 1.97 -16.49 0.35
C LEU A 524 1.44 -17.91 0.56
N LYS A 525 1.52 -18.74 -0.46
CA LYS A 525 1.22 -20.15 -0.30
C LYS A 525 2.56 -20.82 0.01
N LEU A 526 2.56 -21.85 0.86
CA LEU A 526 3.79 -22.63 1.06
C LEU A 526 4.33 -23.01 -0.31
N PRO A 527 5.66 -22.94 -0.52
CA PRO A 527 6.24 -23.20 -1.84
C PRO A 527 5.95 -24.63 -2.33
N GLY A 528 5.91 -24.78 -3.65
CA GLY A 528 5.77 -26.09 -4.28
C GLY A 528 4.42 -26.69 -3.98
N VAL A 529 4.43 -28.00 -3.72
CA VAL A 529 3.19 -28.70 -3.39
C VAL A 529 3.19 -29.05 -1.89
N GLN A 530 3.93 -28.30 -1.08
CA GLN A 530 4.04 -28.64 0.32
C GLN A 530 2.67 -28.57 1.01
N GLU A 531 1.80 -27.65 0.60
CA GLU A 531 0.52 -27.52 1.27
C GLU A 531 -0.32 -28.78 1.00
N GLU A 532 -0.33 -29.24 -0.26
CA GLU A 532 -1.02 -30.46 -0.64
C GLU A 532 -0.44 -31.65 0.12
N LEU A 533 0.88 -31.66 0.35
CA LEU A 533 1.50 -32.73 1.11
C LEU A 533 0.91 -32.78 2.52
N VAL A 534 0.78 -31.61 3.14
CA VAL A 534 0.22 -31.56 4.48
C VAL A 534 -1.22 -32.10 4.43
N LEU A 535 -1.99 -31.63 3.44
CA LEU A 535 -3.39 -32.02 3.40
C LEU A 535 -3.52 -33.52 3.12
N GLU A 536 -2.63 -34.09 2.28
CA GLU A 536 -2.69 -35.51 1.98
C GLU A 536 -2.36 -36.33 3.23
N VAL A 537 -1.32 -35.90 3.97
CA VAL A 537 -0.98 -36.59 5.21
C VAL A 537 -2.16 -36.51 6.17
N ALA A 538 -2.83 -35.34 6.29
CA ALA A 538 -3.92 -35.18 7.24
C ALA A 538 -5.11 -36.10 6.91
N LYS A 539 -5.31 -36.40 5.62
CA LYS A 539 -6.42 -37.21 5.16
C LYS A 539 -6.29 -38.66 5.66
N THR A 540 -5.10 -39.08 6.08
CA THR A 540 -4.95 -40.41 6.63
C THR A 540 -5.65 -40.53 7.98
N GLY A 541 -6.02 -39.40 8.58
CA GLY A 541 -6.67 -39.39 9.87
C GLY A 541 -5.69 -39.49 11.04
N LYS A 542 -4.38 -39.59 10.77
CA LYS A 542 -3.40 -39.59 11.87
C LYS A 542 -3.27 -38.19 12.47
N PRO A 543 -2.91 -38.03 13.77
CA PRO A 543 -2.62 -36.71 14.32
C PRO A 543 -1.40 -36.11 13.60
N VAL A 544 -1.46 -34.79 13.33
CA VAL A 544 -0.42 -34.11 12.57
C VAL A 544 0.13 -32.93 13.37
N VAL A 545 1.46 -32.89 13.51
CA VAL A 545 2.19 -31.74 14.02
C VAL A 545 2.88 -31.09 12.82
N LEU A 546 2.46 -29.86 12.49
CA LEU A 546 3.05 -29.12 11.39
C LEU A 546 4.18 -28.23 11.92
N VAL A 547 5.38 -28.40 11.34
CA VAL A 547 6.56 -27.64 11.72
C VAL A 547 6.95 -26.76 10.53
N LEU A 548 6.87 -25.43 10.71
CA LEU A 548 7.16 -24.49 9.63
C LEU A 548 8.58 -23.95 9.83
N ILE A 549 9.46 -24.27 8.89
CA ILE A 549 10.81 -23.74 8.89
C ILE A 549 10.91 -22.75 7.73
N THR A 550 10.71 -21.46 8.05
CA THR A 550 10.39 -20.49 7.04
C THR A 550 11.01 -19.16 7.40
N GLY A 551 11.12 -18.29 6.39
CA GLY A 551 11.61 -16.94 6.55
C GLY A 551 10.49 -15.91 6.70
N ARG A 552 9.26 -16.30 6.33
CA ARG A 552 8.16 -15.33 6.31
C ARG A 552 6.90 -16.03 6.79
N PRO A 553 5.86 -15.27 7.21
CA PRO A 553 4.54 -15.84 7.47
C PRO A 553 4.01 -16.39 6.15
N TYR A 554 3.43 -17.59 6.20
CA TYR A 554 2.68 -18.17 5.09
C TYR A 554 1.21 -18.15 5.46
N SER A 555 0.34 -18.11 4.44
CA SER A 555 -1.09 -18.34 4.63
C SER A 555 -1.36 -19.78 5.08
N LEU A 556 -1.90 -19.97 6.28
CA LEU A 556 -2.12 -21.31 6.80
C LEU A 556 -3.60 -21.64 6.81
N LYS A 557 -4.40 -20.80 6.13
CA LYS A 557 -5.85 -20.81 6.21
C LYS A 557 -6.40 -22.19 5.83
N ASN A 558 -5.74 -22.86 4.89
CA ASN A 558 -6.26 -24.12 4.34
C ASN A 558 -5.78 -25.32 5.17
N VAL A 559 -4.87 -25.11 6.13
CA VAL A 559 -4.33 -26.28 6.83
C VAL A 559 -4.65 -26.19 8.31
N VAL A 560 -4.91 -24.97 8.84
CA VAL A 560 -4.93 -24.73 10.27
C VAL A 560 -5.89 -25.72 10.97
N ASP A 561 -7.05 -25.94 10.37
CA ASP A 561 -8.10 -26.70 11.03
C ASP A 561 -7.92 -28.19 10.74
N LYS A 562 -6.90 -28.55 9.94
CA LYS A 562 -6.69 -29.92 9.53
C LYS A 562 -5.52 -30.54 10.29
N VAL A 563 -4.80 -29.75 11.09
CA VAL A 563 -3.64 -30.27 11.81
C VAL A 563 -3.88 -30.04 13.30
N ASN A 564 -3.13 -30.73 14.18
CA ASN A 564 -3.43 -30.72 15.60
C ASN A 564 -2.56 -29.67 16.32
N ALA A 565 -1.35 -29.48 15.78
CA ALA A 565 -0.44 -28.49 16.35
C ALA A 565 0.42 -27.87 15.25
N ILE A 566 0.85 -26.62 15.51
CA ILE A 566 1.67 -25.87 14.57
C ILE A 566 2.77 -25.15 15.32
N LEU A 567 4.02 -25.39 14.91
CA LEU A 567 5.19 -24.70 15.41
C LEU A 567 5.77 -23.83 14.28
N GLN A 568 5.98 -22.55 14.57
CA GLN A 568 6.68 -21.69 13.64
C GLN A 568 8.14 -21.64 14.07
N VAL A 569 9.02 -22.10 13.18
CA VAL A 569 10.45 -22.09 13.45
C VAL A 569 11.06 -21.15 12.41
N TRP A 570 11.27 -19.89 12.78
CA TRP A 570 12.00 -18.97 11.92
C TRP A 570 13.39 -19.53 11.77
N LEU A 571 13.90 -19.52 10.52
CA LEU A 571 15.16 -20.09 10.08
C LEU A 571 16.19 -20.06 11.20
N PRO A 572 16.43 -21.23 11.84
CA PRO A 572 17.14 -21.27 13.12
C PRO A 572 18.64 -21.44 12.89
N GLY A 573 19.41 -21.48 13.96
CA GLY A 573 20.83 -21.63 13.67
C GLY A 573 21.21 -22.97 13.03
N GLU A 574 22.50 -23.25 13.15
CA GLU A 574 22.97 -24.60 13.42
C GLU A 574 22.23 -25.21 14.61
N ALA A 575 21.49 -24.41 15.38
CA ALA A 575 20.90 -24.91 16.62
C ALA A 575 19.48 -25.42 16.42
N GLY A 576 18.99 -25.35 15.17
CA GLY A 576 17.58 -25.56 14.87
C GLY A 576 17.05 -26.91 15.34
N GLY A 577 17.73 -27.98 14.92
CA GLY A 577 17.22 -29.33 15.06
C GLY A 577 16.96 -29.67 16.52
N ARG A 578 17.96 -29.41 17.36
CA ARG A 578 17.90 -29.72 18.77
C ARG A 578 16.71 -28.99 19.42
N ALA A 579 16.58 -27.69 19.12
CA ALA A 579 15.56 -26.86 19.75
C ALA A 579 14.16 -27.39 19.40
N ILE A 580 13.95 -27.72 18.12
CA ILE A 580 12.64 -28.19 17.68
C ILE A 580 12.23 -29.46 18.44
N VAL A 581 13.17 -30.42 18.49
CA VAL A 581 12.93 -31.70 19.16
C VAL A 581 12.76 -31.49 20.66
N ASP A 582 13.55 -30.59 21.27
CA ASP A 582 13.39 -30.29 22.68
C ASP A 582 11.97 -29.79 22.98
N ILE A 583 11.43 -28.98 22.07
CA ILE A 583 10.11 -28.40 22.28
C ILE A 583 9.00 -29.43 22.05
N ILE A 584 9.14 -30.21 20.98
CA ILE A 584 8.14 -31.23 20.67
C ILE A 584 7.93 -32.17 21.87
N TYR A 585 9.01 -32.55 22.58
CA TYR A 585 8.94 -33.52 23.66
C TYR A 585 8.84 -32.84 25.02
N GLY A 586 8.80 -31.51 25.03
CA GLY A 586 8.54 -30.80 26.28
C GLY A 586 9.78 -30.68 27.18
N LYS A 587 10.97 -30.97 26.66
CA LYS A 587 12.16 -30.72 27.46
C LYS A 587 12.36 -29.20 27.56
N VAL A 588 11.89 -28.46 26.55
CA VAL A 588 11.81 -27.00 26.64
C VAL A 588 10.33 -26.63 26.48
N ASN A 589 9.84 -25.72 27.32
CA ASN A 589 8.49 -25.23 27.21
C ASN A 589 8.53 -24.04 26.24
N PRO A 590 7.82 -24.08 25.08
CA PRO A 590 7.94 -23.01 24.09
C PRO A 590 7.51 -21.67 24.68
N SER A 591 8.20 -20.59 24.29
CA SER A 591 7.89 -19.29 24.87
C SER A 591 8.01 -18.16 23.85
N GLY A 592 8.28 -18.48 22.58
CA GLY A 592 8.32 -17.47 21.54
C GLY A 592 6.96 -16.81 21.32
N LYS A 593 6.98 -15.52 20.93
CA LYS A 593 5.75 -14.82 20.55
C LYS A 593 5.94 -14.16 19.19
N LEU A 594 4.87 -14.11 18.37
CA LEU A 594 4.97 -13.53 17.03
C LEU A 594 5.41 -12.07 17.10
N PRO A 595 6.46 -11.65 16.36
CA PRO A 595 6.77 -10.22 16.20
C PRO A 595 6.20 -9.61 14.93
N ILE A 596 5.36 -10.39 14.21
CA ILE A 596 4.69 -9.94 13.00
C ILE A 596 3.38 -10.73 12.88
N SER A 597 2.31 -10.06 12.41
CA SER A 597 1.01 -10.69 12.24
C SER A 597 1.05 -11.75 11.13
N PHE A 598 0.30 -12.87 11.29
CA PHE A 598 0.22 -13.89 10.23
C PHE A 598 -1.07 -13.68 9.44
N PRO A 599 -1.02 -13.21 8.17
CA PRO A 599 -2.25 -12.93 7.41
C PRO A 599 -2.97 -14.22 7.03
N ARG A 600 -4.32 -14.15 6.92
CA ARG A 600 -5.08 -15.29 6.42
C ARG A 600 -4.76 -15.56 4.96
N SER A 601 -4.48 -14.50 4.19
CA SER A 601 -4.16 -14.62 2.77
C SER A 601 -3.42 -13.36 2.33
N ALA A 602 -2.81 -13.43 1.14
CA ALA A 602 -2.12 -12.27 0.58
C ALA A 602 -3.05 -11.08 0.40
N GLY A 603 -4.31 -11.33 0.02
CA GLY A 603 -5.21 -10.25 -0.34
C GLY A 603 -5.59 -9.40 0.87
N GLN A 604 -5.27 -9.91 2.06
CA GLN A 604 -5.50 -9.22 3.33
C GLN A 604 -4.38 -8.22 3.63
N ILE A 605 -3.28 -8.20 2.87
CA ILE A 605 -2.11 -7.41 3.28
C ILE A 605 -2.42 -5.92 3.15
N PRO A 606 -2.03 -5.04 4.10
CA PRO A 606 -1.34 -5.43 5.34
C PRO A 606 -2.27 -5.59 6.54
N VAL A 607 -1.85 -6.43 7.50
CA VAL A 607 -2.48 -6.59 8.81
C VAL A 607 -1.40 -6.35 9.86
N PHE A 608 -1.73 -5.57 10.89
CA PHE A 608 -0.79 -5.22 11.95
C PHE A 608 -1.60 -4.78 13.15
N HIS A 609 -1.00 -4.82 14.33
CA HIS A 609 -1.81 -4.72 15.54
C HIS A 609 -2.18 -3.26 15.84
N TYR A 610 -1.44 -2.31 15.28
CA TYR A 610 -1.55 -0.92 15.73
C TYR A 610 -2.34 -0.09 14.71
N VAL A 611 -3.36 -0.71 14.11
CA VAL A 611 -4.25 0.01 13.20
C VAL A 611 -4.96 1.14 13.94
N LYS A 612 -5.35 2.16 13.16
CA LYS A 612 -6.17 3.27 13.62
C LYS A 612 -7.60 2.75 13.78
N PRO A 613 -8.56 3.52 14.34
CA PRO A 613 -9.94 3.05 14.47
C PRO A 613 -10.56 2.63 13.14
N SER A 614 -10.12 3.25 12.05
CA SER A 614 -10.65 2.93 10.72
C SER A 614 -9.82 1.83 10.04
N GLY A 615 -8.66 1.48 10.63
CA GLY A 615 -7.85 0.42 10.05
C GLY A 615 -8.26 -0.98 10.52
N GLY A 616 -7.78 -2.01 9.82
CA GLY A 616 -8.01 -3.39 10.24
C GLY A 616 -9.48 -3.82 10.08
N ARG A 617 -10.27 -3.05 9.30
CA ARG A 617 -11.66 -3.40 9.05
C ARG A 617 -12.13 -2.71 7.76
N SER A 618 -13.19 -3.26 7.17
CA SER A 618 -13.90 -2.64 6.06
C SER A 618 -15.22 -2.10 6.62
N HIS A 619 -15.54 -0.82 6.38
CA HIS A 619 -16.80 -0.26 6.85
C HIS A 619 -17.89 -0.41 5.79
N TRP A 620 -19.10 -0.84 6.16
CA TRP A 620 -19.60 -1.00 7.52
C TRP A 620 -19.92 -2.47 7.83
N HIS A 621 -19.56 -3.42 6.94
CA HIS A 621 -19.79 -4.84 7.21
C HIS A 621 -18.67 -5.47 8.03
N GLY A 622 -17.55 -4.74 8.26
CA GLY A 622 -16.45 -5.28 9.05
C GLY A 622 -15.45 -6.11 8.23
N ASP A 623 -15.94 -7.16 7.60
CA ASP A 623 -15.13 -8.13 6.88
C ASP A 623 -15.10 -7.80 5.39
N TYR A 624 -14.10 -8.35 4.68
CA TYR A 624 -14.19 -8.46 3.24
C TYR A 624 -15.35 -9.38 2.90
N VAL A 625 -15.82 -9.36 1.65
CA VAL A 625 -16.84 -10.29 1.15
C VAL A 625 -16.39 -11.73 1.37
N ASP A 626 -15.11 -12.00 1.14
CA ASP A 626 -14.60 -13.36 0.96
C ASP A 626 -13.64 -13.73 2.08
N GLU A 627 -13.49 -12.87 3.12
CA GLU A 627 -12.35 -13.00 4.02
C GLU A 627 -12.51 -12.14 5.27
N SER A 628 -12.09 -12.65 6.44
CA SER A 628 -11.96 -11.86 7.66
C SER A 628 -10.92 -10.75 7.45
N THR A 629 -11.08 -9.62 8.14
CA THR A 629 -10.06 -8.59 8.17
C THR A 629 -9.08 -8.80 9.34
N LYS A 630 -9.30 -9.82 10.17
CA LYS A 630 -8.39 -10.14 11.27
C LYS A 630 -7.28 -11.08 10.78
N PRO A 631 -6.01 -10.96 11.27
CA PRO A 631 -4.97 -11.90 10.90
C PRO A 631 -5.30 -13.29 11.46
N LEU A 632 -4.72 -14.33 10.88
CA LEU A 632 -4.94 -15.68 11.39
C LEU A 632 -4.29 -15.81 12.78
N PHE A 633 -3.05 -15.36 12.91
CA PHE A 633 -2.48 -15.27 14.24
C PHE A 633 -2.05 -13.81 14.48
N PRO A 634 -2.42 -13.21 15.62
CA PRO A 634 -2.07 -11.81 15.86
C PRO A 634 -0.64 -11.56 16.37
N PHE A 635 -0.15 -10.32 16.25
CA PHE A 635 1.11 -9.90 16.86
C PHE A 635 1.13 -10.29 18.33
N GLY A 636 2.28 -10.81 18.79
CA GLY A 636 2.41 -11.15 20.21
C GLY A 636 1.86 -12.55 20.58
N HIS A 637 1.31 -13.27 19.61
CA HIS A 637 0.72 -14.58 19.89
C HIS A 637 1.83 -15.62 20.08
N GLY A 638 1.64 -16.44 21.12
CA GLY A 638 2.44 -17.64 21.32
C GLY A 638 1.95 -18.45 22.51
N LEU A 639 1.75 -19.76 22.31
CA LEU A 639 1.19 -20.61 23.35
C LEU A 639 2.31 -21.22 24.17
N SER A 640 1.91 -21.85 25.28
CA SER A 640 2.81 -22.47 26.25
C SER A 640 2.27 -23.85 26.61
N TYR A 641 3.12 -24.70 27.20
CA TYR A 641 2.65 -25.95 27.78
C TYR A 641 2.13 -25.72 29.21
N THR A 642 2.13 -24.48 29.70
CA THR A 642 1.58 -24.19 31.02
C THR A 642 0.58 -23.06 30.86
N LYS A 643 -0.03 -22.60 31.96
CA LYS A 643 -1.01 -21.52 31.93
C LYS A 643 -0.54 -20.39 32.84
N PHE A 644 -0.79 -19.14 32.40
CA PHE A 644 -0.37 -17.98 33.17
C PHE A 644 -1.61 -17.18 33.56
N GLU A 645 -1.67 -16.82 34.83
CA GLU A 645 -2.82 -16.06 35.30
C GLU A 645 -2.33 -14.68 35.75
N TYR A 646 -3.00 -13.65 35.20
CA TYR A 646 -2.66 -12.26 35.44
C TYR A 646 -3.66 -11.70 36.46
N SER A 647 -3.16 -10.94 37.44
CA SER A 647 -4.09 -10.33 38.38
C SER A 647 -3.51 -9.01 38.90
N ASN A 648 -4.35 -8.26 39.63
CA ASN A 648 -3.91 -7.20 40.52
C ASN A 648 -3.21 -6.11 39.70
N LEU A 649 -3.92 -5.54 38.73
CA LEU A 649 -3.37 -4.45 37.93
C LEU A 649 -3.34 -3.21 38.82
N ARG A 650 -2.18 -2.54 38.92
CA ARG A 650 -2.06 -1.26 39.60
C ARG A 650 -1.51 -0.24 38.62
N ILE A 651 -2.05 0.98 38.69
CA ILE A 651 -1.63 2.07 37.80
C ILE A 651 -1.51 3.33 38.64
N GLU A 652 -0.29 3.83 38.86
CA GLU A 652 -0.08 4.92 39.80
C GLU A 652 0.93 5.92 39.26
N PRO A 653 0.65 7.24 39.37
CA PRO A 653 -0.65 7.74 39.82
C PRO A 653 -1.64 7.69 38.66
N LYS A 654 -2.91 7.97 38.95
CA LYS A 654 -4.03 7.91 38.02
C LYS A 654 -4.11 9.17 37.16
N GLU A 655 -3.51 10.26 37.63
CA GLU A 655 -3.40 11.50 36.87
C GLU A 655 -1.95 11.93 36.86
N VAL A 656 -1.42 12.20 35.65
CA VAL A 656 -0.01 12.51 35.55
C VAL A 656 0.16 13.75 34.66
N PRO A 657 1.12 14.65 34.95
CA PRO A 657 1.34 15.80 34.10
C PRO A 657 2.06 15.35 32.83
N PRO A 658 2.17 16.23 31.82
CA PRO A 658 2.58 15.83 30.47
C PRO A 658 4.02 15.40 30.25
N ALA A 659 4.90 15.64 31.23
CA ALA A 659 6.19 14.97 31.23
C ALA A 659 6.36 14.12 32.49
N GLY A 660 5.25 13.60 33.00
CA GLY A 660 5.30 12.79 34.21
C GLY A 660 5.57 11.32 33.85
N GLU A 661 5.38 10.45 34.85
CA GLU A 661 5.66 9.04 34.69
C GLU A 661 4.57 8.23 35.38
N VAL A 662 4.14 7.13 34.74
CA VAL A 662 3.15 6.24 35.34
C VAL A 662 3.84 4.91 35.61
N VAL A 663 3.49 4.28 36.72
CA VAL A 663 4.03 2.98 37.12
C VAL A 663 2.89 1.96 37.07
N ILE A 664 3.04 0.97 36.18
CA ILE A 664 2.04 -0.05 35.95
C ILE A 664 2.60 -1.37 36.48
N LYS A 665 1.86 -2.01 37.41
CA LYS A 665 2.26 -3.31 37.96
C LYS A 665 1.17 -4.35 37.75
N VAL A 666 1.59 -5.57 37.39
CA VAL A 666 0.70 -6.73 37.28
C VAL A 666 1.39 -7.91 37.95
N ASP A 667 0.58 -8.78 38.57
CA ASP A 667 1.06 -10.06 39.08
C ASP A 667 0.76 -11.13 38.04
N VAL A 668 1.75 -12.00 37.83
CA VAL A 668 1.57 -13.10 36.91
C VAL A 668 2.01 -14.36 37.66
N GLU A 669 1.13 -15.36 37.63
CA GLU A 669 1.36 -16.62 38.32
C GLU A 669 1.33 -17.77 37.31
N ASN A 670 2.33 -18.64 37.36
CA ASN A 670 2.31 -19.89 36.61
C ASN A 670 1.38 -20.87 37.33
N ILE A 671 0.13 -21.03 36.87
CA ILE A 671 -0.84 -21.85 37.57
C ILE A 671 -0.84 -23.30 37.07
N GLY A 672 0.02 -23.63 36.10
CA GLY A 672 0.03 -24.97 35.54
C GLY A 672 1.08 -25.86 36.22
N ASP A 673 1.48 -26.93 35.52
CA ASP A 673 2.32 -27.98 36.08
C ASP A 673 3.73 -27.97 35.52
N ARG A 674 4.03 -27.11 34.54
CA ARG A 674 5.40 -27.04 34.02
C ARG A 674 5.97 -25.62 34.18
N ASP A 675 7.28 -25.52 34.46
CA ASP A 675 8.02 -24.27 34.40
C ASP A 675 7.92 -23.70 32.97
N GLY A 676 7.97 -22.37 32.85
CA GLY A 676 7.98 -21.73 31.54
C GLY A 676 8.11 -20.22 31.67
N ASP A 677 8.47 -19.58 30.57
CA ASP A 677 8.60 -18.14 30.45
C ASP A 677 7.31 -17.58 29.83
N GLU A 678 6.83 -16.45 30.35
CA GLU A 678 5.73 -15.73 29.74
C GLU A 678 6.28 -14.39 29.24
N VAL A 679 5.84 -13.94 28.06
CA VAL A 679 6.21 -12.59 27.64
C VAL A 679 5.02 -11.69 27.91
N VAL A 680 5.12 -10.88 28.96
CA VAL A 680 4.06 -9.97 29.36
C VAL A 680 4.16 -8.72 28.50
N GLN A 681 3.04 -8.36 27.84
CA GLN A 681 3.02 -7.28 26.86
C GLN A 681 2.11 -6.15 27.32
N LEU A 682 2.63 -4.90 27.21
CA LEU A 682 1.89 -3.69 27.53
C LEU A 682 1.44 -2.97 26.25
N TYR A 683 0.13 -2.78 26.07
CA TYR A 683 -0.42 -2.02 24.96
C TYR A 683 -1.06 -0.75 25.52
N ILE A 684 -0.91 0.33 24.75
CA ILE A 684 -1.48 1.62 25.12
C ILE A 684 -2.38 2.07 23.99
N GLY A 685 -3.59 2.51 24.34
CA GLY A 685 -4.55 3.04 23.39
C GLY A 685 -4.90 4.50 23.75
N ARG A 686 -5.30 5.28 22.75
CA ARG A 686 -5.61 6.68 22.94
C ARG A 686 -6.70 7.03 21.94
N GLU A 687 -7.72 7.78 22.41
CA GLU A 687 -8.72 8.40 21.55
C GLU A 687 -8.77 9.88 21.89
N PHE A 688 -9.45 10.69 21.07
CA PHE A 688 -9.68 12.12 21.27
C PHE A 688 -8.36 12.87 21.39
N ALA A 689 -7.37 12.45 20.61
CA ALA A 689 -6.22 13.29 20.33
C ALA A 689 -6.58 14.20 19.17
N SER A 690 -5.67 15.09 18.79
CA SER A 690 -5.90 16.00 17.68
C SER A 690 -5.70 15.30 16.34
N VAL A 691 -5.10 14.10 16.36
CA VAL A 691 -5.02 13.24 15.19
C VAL A 691 -5.54 11.86 15.59
N THR A 692 -5.81 10.97 14.61
CA THR A 692 -6.22 9.61 14.95
C THR A 692 -5.02 8.84 15.50
N ARG A 693 -5.27 7.95 16.45
CA ARG A 693 -4.20 7.19 17.08
C ARG A 693 -4.54 5.70 17.03
N PRO A 694 -3.54 4.79 17.11
CA PRO A 694 -3.79 3.35 17.19
C PRO A 694 -4.72 3.03 18.36
N VAL A 695 -5.71 2.16 18.12
CA VAL A 695 -6.56 1.66 19.19
C VAL A 695 -5.68 0.97 20.24
N LYS A 696 -4.65 0.26 19.80
CA LYS A 696 -3.66 -0.24 20.73
C LYS A 696 -2.31 -0.37 20.03
N GLU A 697 -1.25 -0.08 20.76
CA GLU A 697 0.09 -0.27 20.22
C GLU A 697 1.00 -0.71 21.35
N LEU A 698 1.96 -1.59 21.02
CA LEU A 698 2.90 -2.09 21.99
C LEU A 698 3.84 -0.96 22.46
N LYS A 699 3.92 -0.78 23.79
CA LYS A 699 4.77 0.24 24.40
C LYS A 699 5.64 -0.33 25.54
N GLY A 700 5.57 -1.63 25.79
CA GLY A 700 6.50 -2.26 26.72
C GLY A 700 6.30 -3.76 26.75
N PHE A 701 7.28 -4.49 27.31
CA PHE A 701 7.14 -5.94 27.42
C PHE A 701 8.25 -6.44 28.35
N LYS A 702 8.07 -7.65 28.87
CA LYS A 702 9.05 -8.25 29.76
C LYS A 702 8.90 -9.76 29.70
N ARG A 703 9.97 -10.46 29.29
CA ARG A 703 10.02 -11.92 29.39
C ARG A 703 10.28 -12.27 30.85
N VAL A 704 9.39 -13.06 31.47
CA VAL A 704 9.50 -13.42 32.87
C VAL A 704 9.54 -14.94 33.00
N SER A 705 10.52 -15.48 33.72
CA SER A 705 10.59 -16.89 34.04
C SER A 705 9.73 -17.19 35.26
N LEU A 706 8.87 -18.22 35.17
CA LEU A 706 8.06 -18.63 36.31
C LEU A 706 8.09 -20.15 36.47
N LYS A 707 8.60 -20.63 37.61
CA LYS A 707 8.45 -22.04 37.94
C LYS A 707 6.97 -22.34 38.14
N ALA A 708 6.61 -23.63 38.08
CA ALA A 708 5.23 -24.00 38.32
C ALA A 708 4.83 -23.46 39.69
N LYS A 709 3.63 -22.84 39.78
CA LYS A 709 3.10 -22.24 40.99
C LYS A 709 3.87 -21.03 41.48
N GLU A 710 4.86 -20.52 40.75
CA GLU A 710 5.53 -19.30 41.18
C GLU A 710 4.76 -18.08 40.66
N LYS A 711 4.74 -17.01 41.47
CA LYS A 711 4.07 -15.77 41.11
C LYS A 711 5.09 -14.64 41.27
N LYS A 712 5.08 -13.71 40.32
CA LYS A 712 5.94 -12.53 40.41
C LYS A 712 5.14 -11.30 39.94
N THR A 713 5.66 -10.11 40.27
CA THR A 713 5.14 -8.83 39.83
C THR A 713 6.00 -8.32 38.68
N VAL A 714 5.35 -7.90 37.60
CA VAL A 714 6.04 -7.23 36.52
C VAL A 714 5.73 -5.73 36.62
N VAL A 715 6.77 -4.89 36.53
CA VAL A 715 6.63 -3.45 36.74
C VAL A 715 7.05 -2.77 35.44
N PHE A 716 6.17 -1.91 34.91
CA PHE A 716 6.50 -1.03 33.80
C PHE A 716 6.48 0.43 34.26
N ARG A 717 7.63 1.08 34.12
CA ARG A 717 7.77 2.50 34.42
C ARG A 717 7.72 3.26 33.09
N LEU A 718 6.58 3.92 32.83
CA LEU A 718 6.26 4.50 31.54
C LEU A 718 6.28 6.03 31.66
N HIS A 719 7.33 6.64 31.11
CA HIS A 719 7.43 8.10 31.02
C HIS A 719 6.53 8.59 29.88
N MET A 720 5.92 9.76 30.04
CA MET A 720 5.02 10.30 29.01
C MET A 720 5.76 10.56 27.70
N ASP A 721 7.05 10.87 27.78
CA ASP A 721 7.85 10.95 26.55
C ASP A 721 7.63 9.77 25.60
N VAL A 722 7.48 8.55 26.13
CA VAL A 722 7.41 7.32 25.33
C VAL A 722 6.12 7.32 24.48
N LEU A 723 5.10 8.04 24.92
CA LEU A 723 3.81 8.05 24.25
C LEU A 723 3.65 9.21 23.26
N ALA A 724 4.70 10.02 23.05
CA ALA A 724 4.55 11.21 22.23
C ALA A 724 4.20 10.80 20.79
N TYR A 725 3.44 11.67 20.07
CA TYR A 725 3.11 11.45 18.65
C TYR A 725 3.05 12.81 17.94
N TYR A 726 3.03 12.79 16.61
CA TYR A 726 3.03 13.97 15.78
C TYR A 726 1.61 14.48 15.56
N ASN A 727 1.43 15.80 15.76
CA ASN A 727 0.10 16.39 15.69
C ASN A 727 -0.15 16.91 14.27
N ARG A 728 -1.20 17.71 14.11
CA ARG A 728 -1.57 18.21 12.79
C ARG A 728 -0.48 19.05 12.15
N ASP A 729 0.34 19.70 12.99
CA ASP A 729 1.34 20.64 12.51
C ASP A 729 2.70 19.96 12.45
N MET A 730 2.70 18.63 12.63
CA MET A 730 3.93 17.85 12.62
C MET A 730 4.82 18.20 13.82
N LYS A 731 4.24 18.62 14.94
CA LYS A 731 5.02 18.75 16.17
C LYS A 731 4.84 17.48 17.02
N LEU A 732 5.92 17.05 17.68
CA LEU A 732 5.87 15.94 18.62
C LEU A 732 5.25 16.40 19.93
N VAL A 733 4.13 15.77 20.33
CA VAL A 733 3.37 16.27 21.47
C VAL A 733 2.93 15.16 22.44
N VAL A 734 2.61 15.58 23.67
CA VAL A 734 1.76 14.85 24.61
C VAL A 734 0.57 15.75 24.89
N GLU A 735 -0.62 15.23 24.61
CA GLU A 735 -1.85 15.98 24.78
C GLU A 735 -2.58 15.48 26.02
N PRO A 736 -3.25 16.36 26.79
CA PRO A 736 -4.06 15.93 27.95
C PRO A 736 -5.17 15.00 27.44
N GLY A 737 -5.59 14.07 28.28
CA GLY A 737 -6.65 13.15 27.92
C GLY A 737 -6.39 11.80 28.60
N GLU A 738 -7.15 10.78 28.21
CA GLU A 738 -7.11 9.50 28.89
C GLU A 738 -6.35 8.49 28.02
N PHE A 739 -5.44 7.70 28.62
CA PHE A 739 -4.79 6.61 27.90
C PHE A 739 -5.30 5.26 28.40
N LYS A 740 -5.59 4.34 27.48
CA LYS A 740 -6.01 3.01 27.90
C LYS A 740 -4.78 2.10 28.07
N VAL A 741 -4.76 1.39 29.20
CA VAL A 741 -3.71 0.42 29.51
C VAL A 741 -4.26 -0.99 29.32
N MET A 742 -3.56 -1.80 28.51
CA MET A 742 -3.99 -3.19 28.27
C MET A 742 -2.76 -4.09 28.40
N VAL A 743 -2.86 -5.05 29.32
CA VAL A 743 -1.72 -5.92 29.60
C VAL A 743 -2.18 -7.34 29.33
N GLY A 744 -1.35 -8.12 28.62
CA GLY A 744 -1.78 -9.48 28.30
C GLY A 744 -0.69 -10.33 27.65
N SER A 745 -1.13 -11.45 27.07
CA SER A 745 -0.26 -12.52 26.62
C SER A 745 -0.06 -12.42 25.12
N SER A 746 -0.89 -11.60 24.45
CA SER A 746 -0.73 -11.24 23.05
C SER A 746 -1.51 -9.94 22.82
N SER A 747 -1.45 -9.42 21.57
CA SER A 747 -2.15 -8.17 21.30
C SER A 747 -3.66 -8.40 21.34
N GLU A 748 -4.10 -9.67 21.23
CA GLU A 748 -5.50 -10.05 21.30
C GLU A 748 -5.85 -10.65 22.66
N ASP A 749 -4.93 -11.41 23.25
CA ASP A 749 -5.18 -12.05 24.54
C ASP A 749 -4.83 -11.08 25.69
N ILE A 750 -5.62 -10.02 25.80
CA ILE A 750 -5.50 -8.99 26.82
C ILE A 750 -6.12 -9.54 28.12
N ARG A 751 -5.40 -9.46 29.24
CA ARG A 751 -5.86 -10.08 30.48
C ARG A 751 -6.35 -9.03 31.49
N LEU A 752 -5.73 -7.84 31.52
CA LEU A 752 -6.15 -6.79 32.45
C LEU A 752 -6.17 -5.45 31.72
N THR A 753 -7.17 -4.60 32.01
CA THR A 753 -7.26 -3.28 31.41
C THR A 753 -7.57 -2.21 32.45
N GLY A 754 -7.03 -1.01 32.24
CA GLY A 754 -7.35 0.13 33.08
C GLY A 754 -6.98 1.40 32.31
N SER A 755 -6.87 2.53 33.01
CA SER A 755 -6.51 3.76 32.32
C SER A 755 -5.85 4.73 33.30
N PHE A 756 -5.23 5.76 32.73
CA PHE A 756 -4.73 6.90 33.47
C PHE A 756 -5.00 8.11 32.59
N SER A 757 -4.91 9.30 33.21
CA SER A 757 -5.09 10.58 32.53
C SER A 757 -3.80 11.39 32.57
N VAL A 758 -3.54 12.07 31.45
CA VAL A 758 -2.58 13.14 31.40
C VAL A 758 -3.37 14.43 31.65
N VAL A 759 -2.92 15.24 32.60
CA VAL A 759 -3.63 16.45 33.00
C VAL A 759 -2.67 17.61 32.84
N GLY A 760 -3.17 18.73 32.29
CA GLY A 760 -2.36 19.93 32.12
C GLY A 760 -2.43 20.41 30.66
N GLU A 761 -1.52 21.31 30.28
CA GLU A 761 -1.56 21.92 28.97
C GLU A 761 -0.78 21.06 27.97
N LYS A 762 -1.23 21.01 26.71
CA LYS A 762 -0.52 20.30 25.65
C LYS A 762 0.96 20.61 25.76
N ARG A 763 1.79 19.58 25.58
CA ARG A 763 3.23 19.77 25.69
C ARG A 763 3.88 19.46 24.33
N GLU A 764 4.73 20.37 23.83
CA GLU A 764 5.62 20.00 22.74
C GLU A 764 6.87 19.34 23.31
N VAL A 765 7.20 18.14 22.84
CA VAL A 765 8.32 17.34 23.31
C VAL A 765 9.54 17.76 22.48
N VAL A 766 10.45 18.55 23.08
CA VAL A 766 11.56 19.04 22.28
C VAL A 766 12.86 18.45 22.82
N GLY A 767 13.83 18.31 21.91
CA GLY A 767 15.17 17.85 22.26
C GLY A 767 15.17 16.37 22.63
N MET A 768 16.09 15.97 23.50
CA MET A 768 16.18 14.57 23.88
C MET A 768 14.96 14.19 24.72
N ARG A 769 14.49 12.95 24.56
CA ARG A 769 13.36 12.43 25.29
C ARG A 769 13.60 10.94 25.50
N LYS A 770 12.88 10.32 26.44
CA LYS A 770 12.92 8.87 26.61
C LYS A 770 12.18 8.16 25.47
N PHE A 771 12.73 7.04 25.00
CA PHE A 771 12.04 6.22 23.99
C PHE A 771 11.39 4.96 24.56
N PHE A 772 11.88 4.45 25.71
CA PHE A 772 11.49 3.13 26.13
C PHE A 772 10.88 3.14 27.53
N THR A 773 9.87 2.26 27.72
CA THR A 773 9.38 1.89 29.04
C THR A 773 10.51 1.13 29.74
N GLU A 774 10.65 1.31 31.05
CA GLU A 774 11.56 0.47 31.81
C GLU A 774 10.75 -0.65 32.45
N ALA A 775 11.16 -1.88 32.19
CA ALA A 775 10.42 -3.04 32.68
C ALA A 775 11.31 -3.86 33.59
N CYS A 776 10.73 -4.36 34.70
CA CYS A 776 11.46 -5.28 35.55
C CYS A 776 10.50 -6.12 36.38
N GLU A 777 11.09 -7.00 37.21
CA GLU A 777 10.33 -7.87 38.09
C GLU A 777 10.58 -7.48 39.55
N GLU A 778 9.58 -7.72 40.41
CA GLU A 778 9.63 -7.59 41.86
C GLU A 778 8.97 -8.82 42.46
N ALA A 779 9.19 -9.06 43.76
CA ALA A 779 8.46 -10.08 44.50
C ALA A 779 6.99 -9.67 44.62
N ALA A 780 6.08 -10.64 44.45
CA ALA A 780 4.66 -10.38 44.63
C ALA A 780 4.30 -10.47 46.11
N ALA A 781 3.21 -9.79 46.50
CA ALA A 781 2.73 -9.76 47.87
C ALA A 781 1.99 -11.08 48.18
N MET B 1 -38.72 46.92 -2.02
CA MET B 1 -38.09 45.64 -2.39
C MET B 1 -36.68 45.62 -1.82
N GLU B 2 -36.45 44.68 -0.90
CA GLU B 2 -35.12 44.45 -0.34
C GLU B 2 -34.15 44.18 -1.47
N LEU B 3 -32.90 44.63 -1.34
CA LEU B 3 -31.93 44.43 -2.41
C LEU B 3 -31.84 42.95 -2.81
N TYR B 4 -31.92 42.04 -1.83
CA TYR B 4 -31.63 40.65 -2.12
C TYR B 4 -32.69 40.07 -3.04
N ARG B 5 -33.87 40.70 -3.07
CA ARG B 5 -34.98 40.18 -3.84
C ARG B 5 -34.94 40.77 -5.24
N ASP B 6 -34.02 41.71 -5.48
CA ASP B 6 -34.03 42.47 -6.72
C ASP B 6 -33.08 41.84 -7.74
N PRO B 7 -33.59 41.23 -8.84
CA PRO B 7 -32.72 40.61 -9.83
C PRO B 7 -31.87 41.56 -10.67
N SER B 8 -32.15 42.88 -10.63
CA SER B 8 -31.27 43.82 -11.30
C SER B 8 -29.96 44.08 -10.54
N GLN B 9 -29.84 43.64 -9.29
CA GLN B 9 -28.61 43.87 -8.54
C GLN B 9 -27.59 42.75 -8.77
N PRO B 10 -26.26 43.02 -8.75
CA PRO B 10 -25.26 41.94 -8.84
C PRO B 10 -25.43 40.96 -7.69
N ILE B 11 -25.15 39.68 -7.97
CA ILE B 11 -25.26 38.62 -6.99
C ILE B 11 -24.51 38.96 -5.69
N GLU B 12 -23.32 39.55 -5.77
CA GLU B 12 -22.56 39.84 -4.55
C GLU B 12 -23.33 40.80 -3.63
N VAL B 13 -24.04 41.77 -4.23
CA VAL B 13 -24.85 42.75 -3.50
C VAL B 13 -26.04 42.03 -2.85
N ARG B 14 -26.69 41.11 -3.60
CA ARG B 14 -27.83 40.39 -3.06
C ARG B 14 -27.39 39.51 -1.89
N VAL B 15 -26.25 38.82 -2.06
CA VAL B 15 -25.73 37.95 -1.00
C VAL B 15 -25.49 38.77 0.28
N ARG B 16 -24.75 39.88 0.18
CA ARG B 16 -24.43 40.72 1.33
C ARG B 16 -25.70 41.27 1.98
N ASP B 17 -26.67 41.65 1.15
CA ASP B 17 -27.91 42.19 1.68
C ASP B 17 -28.64 41.09 2.46
N LEU B 18 -28.78 39.91 1.85
CA LEU B 18 -29.46 38.81 2.52
C LEU B 18 -28.74 38.44 3.82
N LEU B 19 -27.41 38.29 3.75
CA LEU B 19 -26.65 37.89 4.94
C LEU B 19 -26.89 38.88 6.08
N SER B 20 -26.85 40.19 5.76
CA SER B 20 -27.01 41.21 6.78
C SER B 20 -28.36 41.10 7.48
N ARG B 21 -29.37 40.45 6.87
CA ARG B 21 -30.71 40.43 7.46
C ARG B 21 -30.99 39.16 8.26
N MET B 22 -30.04 38.20 8.31
CA MET B 22 -30.36 36.88 8.82
C MET B 22 -29.99 36.77 10.31
N THR B 23 -30.77 36.02 11.09
CA THR B 23 -30.37 35.70 12.45
C THR B 23 -29.36 34.55 12.42
N LEU B 24 -28.70 34.34 13.56
CA LEU B 24 -27.73 33.25 13.70
C LEU B 24 -28.39 31.90 13.36
N GLU B 25 -29.60 31.69 13.86
CA GLU B 25 -30.34 30.47 13.62
C GLU B 25 -30.61 30.24 12.12
N GLU B 26 -31.06 31.30 11.41
CA GLU B 26 -31.29 31.25 9.97
C GLU B 26 -29.99 30.91 9.22
N LYS B 27 -28.86 31.48 9.65
CA LYS B 27 -27.58 31.28 9.00
C LYS B 27 -27.20 29.80 9.10
N VAL B 28 -27.32 29.27 10.32
CA VAL B 28 -26.92 27.90 10.57
C VAL B 28 -27.84 26.93 9.83
N ALA B 29 -29.12 27.27 9.67
CA ALA B 29 -30.04 26.41 8.92
C ALA B 29 -29.61 26.25 7.45
N GLN B 30 -28.96 27.28 6.88
CA GLN B 30 -28.52 27.20 5.47
C GLN B 30 -27.35 26.23 5.33
N LEU B 31 -26.76 25.79 6.46
CA LEU B 31 -25.60 24.92 6.36
C LEU B 31 -26.01 23.47 6.60
N GLY B 32 -27.33 23.24 6.74
CA GLY B 32 -27.84 21.90 7.00
C GLY B 32 -28.77 21.38 5.90
N SER B 33 -29.44 20.27 6.21
CA SER B 33 -30.21 19.55 5.22
C SER B 33 -31.28 18.70 5.91
N VAL B 34 -32.21 18.18 5.09
CA VAL B 34 -33.32 17.37 5.51
C VAL B 34 -33.55 16.32 4.42
N TRP B 35 -33.82 15.07 4.81
CA TRP B 35 -34.18 14.03 3.85
C TRP B 35 -35.54 14.34 3.21
N GLY B 36 -35.66 14.05 1.92
CA GLY B 36 -36.96 14.07 1.25
C GLY B 36 -38.05 13.30 2.01
N TYR B 37 -37.72 12.08 2.52
CA TYR B 37 -38.76 11.23 3.10
C TYR B 37 -39.30 11.82 4.40
N GLU B 38 -38.57 12.76 5.02
CA GLU B 38 -39.00 13.33 6.29
C GLU B 38 -40.07 14.39 6.04
N LEU B 39 -40.38 14.69 4.77
CA LEU B 39 -41.28 15.80 4.50
C LEU B 39 -42.57 15.30 3.84
N ILE B 40 -42.82 13.99 3.87
CA ILE B 40 -44.00 13.45 3.18
C ILE B 40 -44.88 12.70 4.17
N ASP B 41 -46.18 12.62 3.84
CA ASP B 41 -47.10 11.70 4.51
C ASP B 41 -46.96 10.30 3.90
N GLU B 42 -47.76 9.37 4.44
CA GLU B 42 -47.85 7.97 4.05
C GLU B 42 -48.10 7.82 2.54
N ARG B 43 -48.70 8.84 1.91
CA ARG B 43 -49.10 8.70 0.52
C ARG B 43 -48.07 9.38 -0.38
N GLY B 44 -46.98 9.90 0.21
CA GLY B 44 -45.94 10.55 -0.58
C GLY B 44 -46.31 11.97 -1.01
N LYS B 45 -47.25 12.61 -0.29
CA LYS B 45 -47.59 14.00 -0.51
C LYS B 45 -46.91 14.89 0.55
N PHE B 46 -46.51 16.09 0.16
CA PHE B 46 -45.88 17.04 1.06
C PHE B 46 -46.70 17.20 2.35
N SER B 47 -46.04 17.15 3.50
CA SER B 47 -46.73 17.29 4.76
C SER B 47 -46.34 18.58 5.47
N ARG B 48 -47.28 19.52 5.53
CA ARG B 48 -47.11 20.81 6.19
C ARG B 48 -46.73 20.65 7.66
N GLU B 49 -47.36 19.67 8.34
CA GLU B 49 -47.11 19.42 9.75
C GLU B 49 -45.62 19.12 9.98
N LYS B 50 -45.02 18.30 9.09
CA LYS B 50 -43.61 17.94 9.26
C LYS B 50 -42.72 19.12 8.90
N ALA B 51 -43.09 19.85 7.85
CA ALA B 51 -42.36 21.01 7.37
C ALA B 51 -42.27 22.09 8.44
N LYS B 52 -43.34 22.26 9.24
CA LYS B 52 -43.41 23.34 10.22
C LYS B 52 -42.29 23.14 11.26
N GLU B 53 -41.94 21.89 11.55
CA GLU B 53 -40.86 21.58 12.47
C GLU B 53 -39.50 21.75 11.79
N LEU B 54 -39.29 21.09 10.64
CA LEU B 54 -37.98 20.91 10.04
C LEU B 54 -37.54 22.12 9.20
N LEU B 55 -38.49 22.87 8.63
CA LEU B 55 -38.12 23.92 7.68
C LEU B 55 -38.40 25.33 8.21
N LYS B 56 -38.81 25.46 9.47
CA LYS B 56 -39.35 26.71 9.97
C LYS B 56 -38.34 27.85 9.85
N ASN B 57 -37.04 27.54 9.92
CA ASN B 57 -35.99 28.56 9.84
C ASN B 57 -35.30 28.50 8.48
N GLY B 58 -35.90 27.82 7.51
CA GLY B 58 -35.27 27.63 6.21
C GLY B 58 -34.31 26.44 6.26
N ILE B 59 -33.66 26.15 5.12
CA ILE B 59 -32.79 24.97 5.06
C ILE B 59 -31.81 25.15 3.90
N GLY B 60 -30.63 24.56 4.04
CA GLY B 60 -29.64 24.55 2.97
C GLY B 60 -30.10 23.66 1.82
N GLN B 61 -30.19 22.34 2.08
CA GLN B 61 -30.52 21.39 1.02
C GLN B 61 -31.60 20.39 1.45
N ILE B 62 -32.32 19.88 0.44
CA ILE B 62 -33.18 18.71 0.58
C ILE B 62 -32.43 17.54 -0.05
N THR B 63 -32.25 16.46 0.74
CA THR B 63 -31.50 15.31 0.28
C THR B 63 -32.47 14.36 -0.44
N ARG B 64 -32.24 14.15 -1.74
CA ARG B 64 -32.86 13.06 -2.49
C ARG B 64 -34.39 13.08 -2.34
N PRO B 65 -35.08 14.17 -2.73
CA PRO B 65 -36.54 14.16 -2.68
C PRO B 65 -37.15 13.11 -3.62
N GLY B 66 -36.47 12.79 -4.71
CA GLY B 66 -36.87 11.65 -5.55
C GLY B 66 -36.30 10.32 -5.07
N GLY B 67 -34.99 10.30 -4.81
CA GLY B 67 -34.28 9.06 -4.52
C GLY B 67 -34.65 8.41 -3.19
N SER B 68 -35.17 9.18 -2.22
CA SER B 68 -35.39 8.60 -0.89
C SER B 68 -36.87 8.36 -0.63
N THR B 69 -37.74 8.72 -1.58
CA THR B 69 -39.18 8.67 -1.37
C THR B 69 -39.84 7.64 -2.29
N ASN B 70 -39.09 7.08 -3.25
CA ASN B 70 -39.69 6.17 -4.24
C ASN B 70 -40.85 6.84 -4.98
N LEU B 71 -40.80 8.16 -5.19
CA LEU B 71 -41.84 8.79 -5.99
C LEU B 71 -41.45 8.75 -7.47
N GLU B 72 -42.46 8.65 -8.33
CA GLU B 72 -42.31 8.83 -9.77
C GLU B 72 -41.94 10.29 -10.05
N PRO B 73 -41.36 10.59 -11.23
CA PRO B 73 -40.92 11.95 -11.55
C PRO B 73 -41.93 13.08 -11.32
N GLN B 74 -43.17 12.92 -11.80
CA GLN B 74 -44.11 14.02 -11.68
C GLN B 74 -44.47 14.25 -10.21
N GLU B 75 -44.53 13.15 -9.46
CA GLU B 75 -44.88 13.24 -8.05
C GLU B 75 -43.70 13.82 -7.29
N ALA B 76 -42.47 13.58 -7.78
CA ALA B 76 -41.31 14.15 -7.11
C ALA B 76 -41.28 15.66 -7.32
N ALA B 77 -41.54 16.08 -8.56
CA ALA B 77 -41.59 17.49 -8.94
C ALA B 77 -42.63 18.23 -8.09
N GLU B 78 -43.75 17.56 -7.85
CA GLU B 78 -44.83 18.15 -7.06
C GLU B 78 -44.38 18.29 -5.61
N LEU B 79 -43.71 17.27 -5.07
CA LEU B 79 -43.16 17.38 -3.73
C LEU B 79 -42.16 18.54 -3.64
N VAL B 80 -41.26 18.64 -4.62
CA VAL B 80 -40.26 19.70 -4.59
C VAL B 80 -40.93 21.08 -4.67
N ASN B 81 -41.90 21.26 -5.57
CA ASN B 81 -42.62 22.53 -5.66
C ASN B 81 -43.26 22.91 -4.33
N GLU B 82 -43.83 21.93 -3.61
CA GLU B 82 -44.48 22.26 -2.35
C GLU B 82 -43.45 22.66 -1.29
N ILE B 83 -42.34 21.92 -1.21
CA ILE B 83 -41.27 22.27 -0.29
C ILE B 83 -40.85 23.72 -0.57
N GLN B 84 -40.64 24.03 -1.87
CA GLN B 84 -40.17 25.36 -2.25
C GLN B 84 -41.23 26.40 -1.85
N ARG B 85 -42.51 26.10 -2.10
CA ARG B 85 -43.55 27.07 -1.78
C ARG B 85 -43.56 27.34 -0.28
N PHE B 86 -43.45 26.30 0.54
CA PHE B 86 -43.41 26.50 1.99
C PHE B 86 -42.23 27.41 2.37
N LEU B 87 -41.06 27.18 1.78
CA LEU B 87 -39.89 27.98 2.11
C LEU B 87 -40.08 29.43 1.67
N VAL B 88 -40.62 29.62 0.46
CA VAL B 88 -40.72 30.94 -0.14
C VAL B 88 -41.81 31.74 0.57
N GLU B 89 -42.88 31.06 1.02
CA GLU B 89 -44.06 31.78 1.46
C GLU B 89 -44.22 31.74 2.97
N GLU B 90 -43.65 30.73 3.64
CA GLU B 90 -43.94 30.54 5.05
C GLU B 90 -42.69 30.68 5.94
N THR B 91 -41.56 31.10 5.39
CA THR B 91 -40.44 31.40 6.29
C THR B 91 -40.20 32.89 6.26
N ARG B 92 -39.54 33.44 7.29
CA ARG B 92 -39.39 34.89 7.37
C ARG B 92 -38.73 35.45 6.10
N LEU B 93 -37.65 34.84 5.60
CA LEU B 93 -36.88 35.50 4.55
C LEU B 93 -37.15 34.89 3.18
N GLY B 94 -37.87 33.77 3.13
CA GLY B 94 -38.23 33.16 1.85
C GLY B 94 -37.04 32.60 1.05
N ILE B 95 -36.03 32.04 1.72
CA ILE B 95 -34.89 31.45 1.01
C ILE B 95 -35.26 30.05 0.51
N PRO B 96 -35.14 29.77 -0.80
CA PRO B 96 -35.47 28.45 -1.33
C PRO B 96 -34.37 27.41 -0.99
N ALA B 97 -34.69 26.13 -1.19
CA ALA B 97 -33.73 25.08 -0.93
C ALA B 97 -32.97 24.76 -2.22
N MET B 98 -31.74 24.24 -2.10
CA MET B 98 -31.10 23.48 -3.17
C MET B 98 -31.47 22.01 -3.00
N ILE B 99 -31.86 21.34 -4.09
CA ILE B 99 -32.15 19.91 -4.05
C ILE B 99 -30.97 19.16 -4.66
N HIS B 100 -30.53 18.08 -3.99
CA HIS B 100 -29.55 17.19 -4.60
C HIS B 100 -30.12 15.77 -4.74
N GLU B 101 -29.61 15.05 -5.75
CA GLU B 101 -29.90 13.63 -5.97
C GLU B 101 -28.58 12.93 -6.30
N GLU B 102 -28.52 11.60 -6.16
CA GLU B 102 -27.41 10.88 -6.80
C GLU B 102 -27.66 10.83 -8.31
N CYS B 103 -26.60 10.81 -9.12
CA CYS B 103 -26.84 10.73 -10.55
C CYS B 103 -25.64 10.16 -11.31
N LEU B 104 -24.76 9.41 -10.62
CA LEU B 104 -23.55 8.91 -11.26
C LEU B 104 -23.88 8.26 -12.62
N THR B 105 -24.83 7.31 -12.59
CA THR B 105 -25.20 6.52 -13.76
C THR B 105 -26.58 6.99 -14.24
N GLY B 106 -26.84 8.30 -14.12
CA GLY B 106 -28.15 8.85 -14.41
C GLY B 106 -28.88 9.10 -13.11
N TYR B 107 -29.86 10.01 -13.15
CA TYR B 107 -30.70 10.30 -12.00
C TYR B 107 -31.10 8.99 -11.31
N MET B 108 -30.76 8.90 -10.01
CA MET B 108 -31.03 7.72 -9.20
C MET B 108 -32.38 7.90 -8.50
N GLY B 109 -33.43 7.58 -9.26
CA GLY B 109 -34.80 7.58 -8.77
C GLY B 109 -35.68 6.85 -9.78
N LEU B 110 -36.96 6.61 -9.43
CA LEU B 110 -37.89 5.99 -10.36
C LEU B 110 -37.97 6.83 -11.64
N GLY B 111 -37.97 6.16 -12.79
CA GLY B 111 -38.19 6.84 -14.05
C GLY B 111 -36.90 7.20 -14.79
N GLY B 112 -35.75 7.18 -14.12
CA GLY B 112 -34.49 7.58 -14.75
C GLY B 112 -33.84 6.42 -15.50
N THR B 113 -33.22 6.69 -16.66
CA THR B 113 -32.42 5.69 -17.38
C THR B 113 -31.23 5.22 -16.55
N ASN B 114 -30.95 3.90 -16.57
CA ASN B 114 -29.77 3.35 -15.90
C ASN B 114 -28.63 3.24 -16.90
N PHE B 115 -27.68 4.19 -16.88
CA PHE B 115 -26.59 4.16 -17.83
C PHE B 115 -25.54 3.17 -17.34
N PRO B 116 -24.62 2.69 -18.20
CA PRO B 116 -23.53 1.81 -17.73
C PRO B 116 -22.69 2.51 -16.66
N GLN B 117 -22.02 1.73 -15.80
CA GLN B 117 -21.21 2.24 -14.72
C GLN B 117 -20.08 3.12 -15.21
N ALA B 118 -19.57 3.95 -14.29
CA ALA B 118 -18.44 4.84 -14.55
C ALA B 118 -17.25 4.12 -15.18
N ILE B 119 -16.91 2.92 -14.66
CA ILE B 119 -15.75 2.20 -15.19
C ILE B 119 -16.02 1.81 -16.65
N ALA B 120 -17.29 1.56 -17.02
CA ALA B 120 -17.66 1.32 -18.42
C ALA B 120 -17.58 2.62 -19.22
N MET B 121 -18.06 3.73 -18.63
CA MET B 121 -17.88 5.02 -19.29
C MET B 121 -16.41 5.27 -19.65
N ALA B 122 -15.50 5.00 -18.71
CA ALA B 122 -14.08 5.23 -18.95
C ALA B 122 -13.59 4.31 -20.08
N SER B 123 -14.10 3.07 -20.10
CA SER B 123 -13.70 2.10 -21.10
C SER B 123 -14.04 2.55 -22.53
N THR B 124 -14.96 3.51 -22.71
CA THR B 124 -15.24 4.01 -24.05
C THR B 124 -14.11 4.88 -24.59
N TRP B 125 -13.31 5.47 -23.67
CA TRP B 125 -12.29 6.47 -24.04
C TRP B 125 -12.93 7.52 -24.96
N ASP B 126 -14.20 7.84 -24.71
CA ASP B 126 -14.92 8.79 -25.54
C ASP B 126 -15.50 9.92 -24.66
N PRO B 127 -14.71 10.95 -24.32
CA PRO B 127 -15.21 12.04 -23.47
C PRO B 127 -16.44 12.79 -23.98
N ASP B 128 -16.48 13.03 -25.29
CA ASP B 128 -17.66 13.66 -25.92
C ASP B 128 -18.96 12.90 -25.66
N LEU B 129 -18.92 11.55 -25.66
CA LEU B 129 -20.09 10.73 -25.45
C LEU B 129 -20.55 10.86 -24.00
N ILE B 130 -19.58 10.91 -23.07
CA ILE B 130 -19.91 11.09 -21.68
C ILE B 130 -20.50 12.50 -21.45
N GLU B 131 -19.98 13.50 -22.14
CA GLU B 131 -20.59 14.84 -22.05
C GLU B 131 -22.03 14.84 -22.55
N LYS B 132 -22.31 14.07 -23.62
CA LYS B 132 -23.67 13.96 -24.18
C LYS B 132 -24.58 13.30 -23.16
N MET B 133 -24.06 12.29 -22.49
CA MET B 133 -24.81 11.59 -21.47
C MET B 133 -25.21 12.53 -20.33
N THR B 134 -24.27 13.32 -19.79
CA THR B 134 -24.59 14.16 -18.64
C THR B 134 -25.44 15.37 -19.04
N THR B 135 -25.37 15.82 -20.29
CA THR B 135 -26.27 16.84 -20.81
C THR B 135 -27.71 16.32 -20.75
N ALA B 136 -27.91 15.01 -21.04
CA ALA B 136 -29.24 14.41 -20.92
C ALA B 136 -29.62 14.26 -19.44
N VAL B 137 -28.66 13.87 -18.59
CA VAL B 137 -28.94 13.79 -17.15
C VAL B 137 -29.34 15.17 -16.61
N ARG B 138 -28.66 16.23 -17.08
CA ARG B 138 -29.00 17.59 -16.67
C ARG B 138 -30.50 17.89 -16.88
N GLU B 139 -30.99 17.60 -18.09
CA GLU B 139 -32.38 17.87 -18.42
C GLU B 139 -33.31 17.07 -17.51
N ASP B 140 -33.00 15.78 -17.30
CA ASP B 140 -33.81 14.94 -16.43
C ASP B 140 -33.92 15.59 -15.05
N MET B 141 -32.79 16.09 -14.54
CA MET B 141 -32.75 16.52 -13.16
C MET B 141 -33.51 17.83 -13.01
N ARG B 142 -33.32 18.73 -13.96
CA ARG B 142 -33.96 20.03 -13.88
C ARG B 142 -35.48 19.86 -13.96
N LYS B 143 -35.93 18.83 -14.70
CA LYS B 143 -37.37 18.62 -14.86
C LYS B 143 -38.03 18.35 -13.51
N ILE B 144 -37.33 17.73 -12.57
CA ILE B 144 -37.95 17.37 -11.29
C ILE B 144 -37.59 18.37 -10.19
N GLY B 145 -36.85 19.43 -10.54
CA GLY B 145 -36.48 20.50 -9.61
C GLY B 145 -35.22 20.18 -8.79
N ALA B 146 -34.35 19.29 -9.30
CA ALA B 146 -33.08 19.01 -8.65
C ALA B 146 -31.98 19.92 -9.22
N HIS B 147 -31.07 20.41 -8.36
CA HIS B 147 -30.08 21.40 -8.76
C HIS B 147 -28.64 20.89 -8.67
N GLN B 148 -28.44 19.74 -7.99
CA GLN B 148 -27.10 19.26 -7.75
C GLN B 148 -27.09 17.73 -7.88
N GLY B 149 -26.11 17.21 -8.63
CA GLY B 149 -25.92 15.77 -8.69
C GLY B 149 -24.62 15.38 -7.99
N LEU B 150 -24.65 14.28 -7.24
CA LEU B 150 -23.47 13.86 -6.48
C LEU B 150 -22.55 13.03 -7.34
N ALA B 151 -21.92 13.67 -8.33
CA ALA B 151 -21.10 12.94 -9.29
C ALA B 151 -20.33 14.00 -10.08
N PRO B 152 -19.18 13.70 -10.72
CA PRO B 152 -18.65 12.32 -10.83
C PRO B 152 -17.62 11.96 -9.76
N VAL B 153 -17.29 10.66 -9.71
CA VAL B 153 -16.23 10.14 -8.86
C VAL B 153 -14.90 10.32 -9.61
N LEU B 154 -13.95 11.07 -9.00
CA LEU B 154 -12.64 11.30 -9.61
C LEU B 154 -11.54 10.60 -8.83
N ASP B 155 -11.92 9.65 -7.95
CA ASP B 155 -10.92 8.81 -7.28
C ASP B 155 -10.20 7.96 -8.33
N VAL B 156 -8.88 7.91 -8.23
CA VAL B 156 -8.02 7.12 -9.09
C VAL B 156 -7.80 5.76 -8.43
N ALA B 157 -8.21 4.70 -9.15
CA ALA B 157 -8.30 3.37 -8.56
C ALA B 157 -7.18 2.50 -9.08
N ARG B 158 -6.31 2.05 -8.16
CA ARG B 158 -5.29 1.08 -8.54
C ARG B 158 -5.38 -0.18 -7.67
N ASP B 159 -6.47 -0.33 -6.92
CA ASP B 159 -6.64 -1.44 -5.99
C ASP B 159 -7.98 -2.12 -6.25
N PRO B 160 -8.04 -3.15 -7.12
CA PRO B 160 -9.32 -3.76 -7.47
C PRO B 160 -10.04 -4.50 -6.34
N ARG B 161 -9.37 -4.73 -5.20
CA ARG B 161 -10.09 -5.29 -4.04
C ARG B 161 -11.25 -4.39 -3.62
N TRP B 162 -11.10 -3.08 -3.82
CA TRP B 162 -12.00 -2.07 -3.29
C TRP B 162 -13.33 -2.18 -4.01
N GLY B 163 -14.41 -2.21 -3.22
CA GLY B 163 -15.72 -2.45 -3.80
C GLY B 163 -16.25 -1.29 -4.64
N ARG B 164 -15.62 -0.11 -4.57
CA ARG B 164 -16.14 1.03 -5.32
C ARG B 164 -15.35 1.25 -6.61
N THR B 165 -14.46 0.32 -6.96
CA THR B 165 -13.76 0.37 -8.24
C THR B 165 -14.69 0.72 -9.39
N GLU B 166 -15.87 0.10 -9.42
CA GLU B 166 -16.80 0.23 -10.55
C GLU B 166 -17.27 1.67 -10.74
N GLU B 167 -17.18 2.48 -9.67
CA GLU B 167 -17.65 3.86 -9.71
C GLU B 167 -16.57 4.82 -10.20
N THR B 168 -15.35 4.32 -10.48
CA THR B 168 -14.27 5.21 -10.89
C THR B 168 -14.09 5.12 -12.39
N PHE B 169 -13.23 6.00 -12.89
CA PHE B 169 -12.78 5.97 -14.27
C PHE B 169 -11.44 5.24 -14.40
N GLY B 170 -11.04 4.47 -13.37
CA GLY B 170 -9.84 3.63 -13.46
C GLY B 170 -8.57 4.21 -12.86
N GLU B 171 -7.42 3.77 -13.40
CA GLU B 171 -6.14 3.91 -12.75
C GLU B 171 -5.36 5.15 -13.21
N SER B 172 -5.76 5.76 -14.33
CA SER B 172 -4.94 6.78 -15.00
C SER B 172 -5.42 8.17 -14.61
N PRO B 173 -4.55 8.99 -13.95
CA PRO B 173 -4.89 10.37 -13.61
C PRO B 173 -5.34 11.17 -14.83
N TYR B 174 -4.65 10.94 -15.97
CA TYR B 174 -5.00 11.60 -17.22
C TYR B 174 -6.41 11.23 -17.71
N LEU B 175 -6.69 9.93 -17.86
CA LEU B 175 -8.00 9.52 -18.33
C LEU B 175 -9.11 9.91 -17.34
N VAL B 176 -8.85 9.72 -16.04
CA VAL B 176 -9.83 10.12 -15.04
C VAL B 176 -10.12 11.62 -15.18
N ALA B 177 -9.06 12.44 -15.28
CA ALA B 177 -9.25 13.87 -15.38
C ALA B 177 -10.04 14.24 -16.65
N ARG B 178 -9.71 13.59 -17.78
CA ARG B 178 -10.33 13.91 -19.06
C ARG B 178 -11.82 13.53 -19.04
N MET B 179 -12.14 12.34 -18.55
CA MET B 179 -13.54 11.93 -18.44
C MET B 179 -14.27 12.83 -17.46
N GLY B 180 -13.61 13.18 -16.34
CA GLY B 180 -14.23 13.99 -15.30
C GLY B 180 -14.64 15.37 -15.81
N VAL B 181 -13.80 15.97 -16.65
CA VAL B 181 -14.05 17.33 -17.09
C VAL B 181 -15.25 17.32 -18.05
N SER B 182 -15.32 16.30 -18.92
CA SER B 182 -16.44 16.14 -19.84
C SER B 182 -17.73 15.89 -19.07
N TYR B 183 -17.63 15.01 -18.08
CA TYR B 183 -18.78 14.70 -17.23
C TYR B 183 -19.36 15.98 -16.62
N VAL B 184 -18.50 16.77 -15.97
CA VAL B 184 -18.87 18.02 -15.32
C VAL B 184 -19.45 19.02 -16.32
N LYS B 185 -18.83 19.15 -17.50
CA LYS B 185 -19.27 20.12 -18.48
C LYS B 185 -20.69 19.83 -18.94
N GLY B 186 -21.01 18.54 -19.15
CA GLY B 186 -22.35 18.15 -19.58
C GLY B 186 -23.41 18.43 -18.51
N LEU B 187 -23.10 18.13 -17.23
CA LEU B 187 -24.09 18.34 -16.17
C LEU B 187 -24.33 19.84 -15.97
N GLN B 188 -23.26 20.65 -15.96
CA GLN B 188 -23.36 22.05 -15.57
C GLN B 188 -23.79 22.93 -16.76
N GLY B 189 -23.30 22.65 -17.97
CA GLY B 189 -23.46 23.60 -19.08
C GLY B 189 -22.72 24.92 -18.76
N GLU B 190 -23.01 26.00 -19.51
CA GLU B 190 -22.27 27.25 -19.40
C GLU B 190 -22.85 28.14 -18.31
N ASP B 191 -24.18 28.24 -18.27
CA ASP B 191 -24.88 29.05 -17.28
C ASP B 191 -25.60 28.13 -16.30
N ILE B 192 -25.17 28.13 -15.04
CA ILE B 192 -25.66 27.15 -14.07
C ILE B 192 -27.15 27.33 -13.79
N LYS B 193 -27.67 28.53 -14.06
CA LYS B 193 -29.10 28.79 -13.97
C LYS B 193 -29.87 27.75 -14.81
N LYS B 194 -29.23 27.22 -15.86
CA LYS B 194 -29.89 26.25 -16.74
C LYS B 194 -29.30 24.84 -16.57
N GLY B 195 -28.49 24.62 -15.53
CA GLY B 195 -27.77 23.37 -15.42
C GLY B 195 -27.91 22.78 -14.03
N VAL B 196 -27.01 21.80 -13.78
CA VAL B 196 -27.01 21.07 -12.55
C VAL B 196 -25.59 21.15 -11.99
N VAL B 197 -25.47 21.51 -10.71
CA VAL B 197 -24.17 21.52 -10.03
C VAL B 197 -23.60 20.11 -9.99
N ALA B 198 -22.38 19.93 -10.53
CA ALA B 198 -21.68 18.66 -10.38
C ALA B 198 -20.93 18.68 -9.05
N THR B 199 -20.77 17.49 -8.46
CA THR B 199 -20.10 17.28 -7.19
C THR B 199 -18.96 16.27 -7.41
N VAL B 200 -17.75 16.78 -7.57
CA VAL B 200 -16.63 15.84 -7.68
C VAL B 200 -16.34 15.24 -6.30
N LYS B 201 -16.06 13.92 -6.28
CA LYS B 201 -15.84 13.21 -5.04
C LYS B 201 -14.82 12.08 -5.27
N HIS B 202 -14.22 11.52 -4.21
CA HIS B 202 -14.31 11.90 -2.81
C HIS B 202 -12.96 12.48 -2.39
N PHE B 203 -12.96 13.78 -2.08
CA PHE B 203 -11.75 14.58 -2.04
C PHE B 203 -11.04 14.35 -0.70
N ALA B 204 -9.85 13.73 -0.71
CA ALA B 204 -9.18 13.09 -1.83
C ALA B 204 -8.42 11.88 -1.30
N GLY B 205 -8.24 10.86 -2.15
CA GLY B 205 -7.41 9.70 -1.82
C GLY B 205 -8.22 8.46 -1.41
N TYR B 206 -9.56 8.55 -1.45
CA TYR B 206 -10.49 7.59 -0.87
C TYR B 206 -10.34 6.19 -1.50
N SER B 207 -9.91 6.14 -2.76
CA SER B 207 -9.70 4.89 -3.49
C SER B 207 -8.40 4.18 -3.12
N ALA B 208 -7.60 4.72 -2.19
CA ALA B 208 -6.32 4.06 -1.88
C ALA B 208 -6.27 3.58 -0.43
N SER B 209 -7.39 3.12 0.10
CA SER B 209 -7.47 2.66 1.48
C SER B 209 -6.55 1.45 1.73
N GLU B 210 -5.97 1.38 2.94
CA GLU B 210 -5.23 0.24 3.45
C GLU B 210 -6.00 -1.05 3.14
N GLY B 211 -5.36 -1.95 2.39
CA GLY B 211 -5.91 -3.27 2.11
C GLY B 211 -7.13 -3.26 1.18
N GLY B 212 -7.42 -2.12 0.54
CA GLY B 212 -8.61 -1.97 -0.29
C GLY B 212 -9.90 -1.92 0.53
N LYS B 213 -9.79 -1.61 1.83
CA LYS B 213 -10.94 -1.67 2.73
C LYS B 213 -11.65 -0.33 2.82
N ASN B 214 -12.97 -0.36 2.66
CA ASN B 214 -13.81 0.84 2.68
C ASN B 214 -13.59 1.64 3.98
N TRP B 215 -13.23 2.94 3.81
CA TRP B 215 -13.03 3.97 4.82
C TRP B 215 -11.69 3.83 5.55
N ALA B 216 -10.87 2.83 5.22
CA ALA B 216 -9.61 2.64 5.94
C ALA B 216 -8.59 3.71 5.52
N PRO B 217 -7.49 3.92 6.30
CA PRO B 217 -6.58 5.03 6.05
C PRO B 217 -5.98 4.99 4.65
N THR B 218 -5.82 6.20 4.07
CA THR B 218 -5.25 6.36 2.74
C THR B 218 -3.97 7.15 2.89
N ASN B 219 -2.85 6.44 3.05
CA ASN B 219 -1.59 6.98 3.50
C ASN B 219 -0.72 7.30 2.28
N ILE B 220 -0.84 8.51 1.72
CA ILE B 220 -0.23 8.79 0.43
C ILE B 220 0.77 9.93 0.63
N PRO B 221 2.01 9.82 0.14
CA PRO B 221 2.98 10.91 0.29
C PRO B 221 2.70 12.04 -0.71
N GLU B 222 3.36 13.17 -0.52
CA GLU B 222 2.93 14.43 -1.11
C GLU B 222 3.01 14.46 -2.64
N ARG B 223 4.14 14.06 -3.23
CA ARG B 223 4.25 14.18 -4.68
C ARG B 223 3.23 13.29 -5.37
N GLU B 224 3.11 12.03 -4.91
CA GLU B 224 2.15 11.12 -5.48
C GLU B 224 0.73 11.68 -5.26
N PHE B 225 0.48 12.21 -4.06
CA PHE B 225 -0.86 12.78 -3.80
C PHE B 225 -1.21 13.87 -4.81
N LYS B 226 -0.26 14.78 -5.08
CA LYS B 226 -0.48 15.85 -6.06
C LYS B 226 -0.61 15.36 -7.50
N GLU B 227 0.26 14.44 -7.94
CA GLU B 227 0.29 14.06 -9.35
C GLU B 227 -0.76 13.00 -9.67
N VAL B 228 -1.12 12.16 -8.69
CA VAL B 228 -2.05 11.08 -8.98
C VAL B 228 -3.45 11.45 -8.50
N PHE B 229 -3.59 11.71 -7.19
CA PHE B 229 -4.92 11.78 -6.60
C PHE B 229 -5.57 13.16 -6.78
N LEU B 230 -4.80 14.24 -6.64
CA LEU B 230 -5.38 15.58 -6.70
C LEU B 230 -5.60 16.01 -8.15
N PHE B 231 -4.73 15.54 -9.06
CA PHE B 231 -4.69 16.03 -10.44
C PHE B 231 -6.09 16.09 -11.09
N PRO B 232 -6.91 15.02 -11.07
CA PRO B 232 -8.22 15.09 -11.72
C PRO B 232 -9.13 16.13 -11.07
N PHE B 233 -9.06 16.29 -9.74
CA PHE B 233 -9.84 17.33 -9.06
C PHE B 233 -9.38 18.72 -9.50
N GLU B 234 -8.06 18.91 -9.64
CA GLU B 234 -7.51 20.19 -10.02
C GLU B 234 -8.07 20.59 -11.39
N ALA B 235 -8.04 19.64 -12.35
CA ALA B 235 -8.56 19.92 -13.69
C ALA B 235 -10.06 20.23 -13.62
N ALA B 236 -10.82 19.50 -12.78
CA ALA B 236 -12.26 19.76 -12.70
C ALA B 236 -12.53 21.16 -12.14
N VAL B 237 -11.72 21.57 -11.15
CA VAL B 237 -11.87 22.88 -10.54
C VAL B 237 -11.50 23.98 -11.53
N LYS B 238 -10.38 23.82 -12.23
CA LYS B 238 -9.80 24.96 -12.95
C LYS B 238 -10.25 24.98 -14.40
N GLU B 239 -10.38 23.82 -15.01
CA GLU B 239 -10.77 23.78 -16.41
C GLU B 239 -12.28 23.63 -16.58
N ALA B 240 -12.97 22.90 -15.70
CA ALA B 240 -14.39 22.68 -15.91
C ALA B 240 -15.25 23.51 -14.97
N ASN B 241 -14.63 24.27 -14.06
CA ASN B 241 -15.32 25.19 -13.16
C ASN B 241 -16.39 24.47 -12.35
N VAL B 242 -16.06 23.30 -11.82
CA VAL B 242 -17.00 22.51 -11.05
C VAL B 242 -17.45 23.31 -9.83
N LEU B 243 -18.71 23.16 -9.40
CA LEU B 243 -19.27 24.07 -8.41
C LEU B 243 -19.45 23.41 -7.05
N SER B 244 -19.20 22.10 -6.96
CA SER B 244 -19.24 21.44 -5.67
C SER B 244 -18.16 20.35 -5.58
N VAL B 245 -17.70 20.11 -4.34
CA VAL B 245 -16.75 19.06 -4.00
C VAL B 245 -17.30 18.39 -2.73
N MET B 246 -17.19 17.05 -2.65
CA MET B 246 -17.53 16.30 -1.46
C MET B 246 -16.23 15.66 -0.91
N ASN B 247 -16.08 15.61 0.42
CA ASN B 247 -14.86 15.09 1.04
C ASN B 247 -14.86 13.55 1.09
N SER B 248 -13.66 13.01 1.38
CA SER B 248 -13.42 11.59 1.61
C SER B 248 -13.70 11.21 3.06
N TYR B 249 -14.25 10.00 3.24
CA TYR B 249 -14.49 9.44 4.58
C TYR B 249 -13.18 9.04 5.27
N SER B 250 -12.08 8.90 4.51
CA SER B 250 -10.86 8.33 5.08
C SER B 250 -9.99 9.39 5.72
N GLU B 251 -9.04 8.96 6.56
CA GLU B 251 -7.98 9.83 7.05
C GLU B 251 -6.77 9.67 6.12
N ILE B 252 -6.01 10.75 6.00
CA ILE B 252 -4.71 10.69 5.34
C ILE B 252 -3.69 10.89 6.46
N ASP B 253 -2.99 9.80 6.81
CA ASP B 253 -1.83 9.87 7.69
C ASP B 253 -2.23 10.52 9.02
N GLY B 254 -3.39 10.17 9.59
CA GLY B 254 -3.74 10.65 10.93
C GLY B 254 -4.81 11.76 10.93
N VAL B 255 -5.11 12.35 9.76
CA VAL B 255 -6.08 13.43 9.66
C VAL B 255 -7.25 13.05 8.77
N PRO B 256 -8.49 12.92 9.31
CA PRO B 256 -9.68 12.67 8.49
C PRO B 256 -9.94 13.84 7.54
N CYS B 257 -10.32 13.51 6.30
CA CYS B 257 -10.49 14.56 5.28
C CYS B 257 -11.53 15.59 5.73
N ALA B 258 -12.59 15.15 6.44
CA ALA B 258 -13.65 16.05 6.89
C ALA B 258 -13.14 17.03 7.95
N ALA B 259 -12.00 16.75 8.55
CA ALA B 259 -11.45 17.63 9.57
C ALA B 259 -10.17 18.32 9.10
N ASN B 260 -9.88 18.30 7.77
CA ASN B 260 -8.54 18.71 7.30
C ASN B 260 -8.59 20.05 6.57
N ARG B 261 -8.27 21.16 7.26
CA ARG B 261 -8.34 22.48 6.64
C ARG B 261 -7.27 22.63 5.56
N LYS B 262 -6.12 21.97 5.74
CA LYS B 262 -5.07 22.05 4.74
C LYS B 262 -5.54 21.48 3.40
N LEU B 263 -6.50 20.53 3.44
CA LEU B 263 -7.00 19.93 2.21
C LEU B 263 -8.21 20.70 1.67
N LEU B 264 -9.26 20.85 2.49
CA LEU B 264 -10.53 21.34 1.97
C LEU B 264 -10.51 22.86 1.76
N THR B 265 -9.58 23.57 2.43
CA THR B 265 -9.44 25.01 2.29
C THR B 265 -8.11 25.36 1.61
N ASP B 266 -6.96 24.93 2.18
CA ASP B 266 -5.70 25.51 1.70
C ASP B 266 -5.42 25.07 0.27
N ILE B 267 -5.72 23.81 -0.05
CA ILE B 267 -5.46 23.37 -1.41
C ILE B 267 -6.62 23.84 -2.28
N LEU B 268 -7.84 23.47 -1.87
CA LEU B 268 -8.99 23.56 -2.76
C LEU B 268 -9.36 25.02 -3.04
N ARG B 269 -9.45 25.83 -1.98
CA ARG B 269 -9.88 27.22 -2.12
C ARG B 269 -8.72 28.18 -2.32
N LYS B 270 -7.68 28.08 -1.49
CA LYS B 270 -6.56 29.02 -1.59
C LYS B 270 -5.70 28.73 -2.82
N ASP B 271 -5.17 27.51 -2.92
CA ASP B 271 -4.25 27.22 -4.02
C ASP B 271 -4.99 27.21 -5.37
N TRP B 272 -6.20 26.63 -5.42
CA TRP B 272 -6.82 26.41 -6.72
C TRP B 272 -7.90 27.44 -7.02
N GLY B 273 -8.35 28.23 -6.03
CA GLY B 273 -9.38 29.24 -6.29
C GLY B 273 -10.80 28.67 -6.45
N PHE B 274 -11.12 27.52 -5.84
CA PHE B 274 -12.46 26.94 -5.96
C PHE B 274 -13.45 27.89 -5.26
N GLU B 275 -14.58 28.17 -5.89
CA GLU B 275 -15.51 29.16 -5.38
C GLU B 275 -16.88 28.57 -5.03
N GLY B 276 -17.08 27.26 -5.21
CA GLY B 276 -18.39 26.65 -5.02
C GLY B 276 -18.57 26.19 -3.56
N ILE B 277 -19.39 25.15 -3.35
CA ILE B 277 -19.62 24.65 -2.00
C ILE B 277 -18.97 23.30 -1.79
N VAL B 278 -18.45 23.08 -0.56
CA VAL B 278 -18.03 21.75 -0.14
C VAL B 278 -19.17 21.11 0.65
N VAL B 279 -19.68 19.96 0.19
CA VAL B 279 -20.74 19.26 0.91
C VAL B 279 -20.09 18.04 1.59
N SER B 280 -20.58 17.66 2.78
CA SER B 280 -19.99 16.47 3.42
C SER B 280 -20.46 15.23 2.69
N ASP B 281 -19.62 14.19 2.63
CA ASP B 281 -20.14 12.85 2.43
C ASP B 281 -21.13 12.56 3.56
N TYR B 282 -22.01 11.58 3.36
CA TYR B 282 -23.17 11.46 4.24
C TYR B 282 -22.70 10.99 5.61
N PHE B 283 -23.02 11.77 6.66
CA PHE B 283 -22.63 11.45 8.02
C PHE B 283 -21.13 11.68 8.26
N ALA B 284 -20.39 12.24 7.29
CA ALA B 284 -18.94 12.37 7.47
C ALA B 284 -18.58 13.25 8.66
N VAL B 285 -19.42 14.25 8.97
CA VAL B 285 -19.12 15.09 10.12
C VAL B 285 -19.31 14.32 11.44
N LYS B 286 -20.48 13.69 11.61
CA LYS B 286 -20.78 12.93 12.82
C LYS B 286 -19.73 11.85 13.09
N VAL B 287 -19.22 11.17 12.05
CA VAL B 287 -18.33 10.05 12.33
C VAL B 287 -16.92 10.51 12.70
N LEU B 288 -16.62 11.83 12.61
CA LEU B 288 -15.43 12.34 13.28
C LEU B 288 -15.42 11.94 14.76
N GLU B 289 -16.59 11.90 15.38
CA GLU B 289 -16.74 11.39 16.74
C GLU B 289 -16.82 9.85 16.72
N ASP B 290 -17.83 9.30 16.03
CA ASP B 290 -18.26 7.92 16.22
C ASP B 290 -17.22 6.91 15.68
N TYR B 291 -16.55 7.26 14.57
CA TYR B 291 -15.67 6.31 13.90
C TYR B 291 -14.20 6.69 14.12
N HIS B 292 -13.81 7.93 13.79
CA HIS B 292 -12.40 8.31 13.86
C HIS B 292 -11.96 8.61 15.30
N ARG B 293 -12.92 8.91 16.20
CA ARG B 293 -12.66 9.15 17.61
C ARG B 293 -11.73 10.35 17.81
N ILE B 294 -11.89 11.41 16.99
CA ILE B 294 -11.11 12.63 17.23
C ILE B 294 -12.01 13.78 17.68
N ALA B 295 -13.33 13.59 17.72
CA ALA B 295 -14.17 14.64 18.30
C ALA B 295 -14.91 14.06 19.51
N ARG B 296 -14.96 14.79 20.62
CA ARG B 296 -15.51 14.26 21.87
C ARG B 296 -17.03 14.30 21.86
N ASP B 297 -17.64 15.20 21.09
CA ASP B 297 -19.11 15.27 21.01
C ASP B 297 -19.49 15.88 19.66
N LYS B 298 -20.80 16.08 19.46
CA LYS B 298 -21.26 16.53 18.15
C LYS B 298 -20.84 17.97 17.88
N SER B 299 -20.73 18.76 18.95
CA SER B 299 -20.35 20.15 18.75
C SER B 299 -18.88 20.31 18.36
N GLU B 300 -18.02 19.41 18.86
CA GLU B 300 -16.64 19.43 18.44
C GLU B 300 -16.48 18.96 16.99
N ALA B 301 -17.26 17.94 16.59
CA ALA B 301 -17.29 17.49 15.21
C ALA B 301 -17.68 18.65 14.29
N ALA B 302 -18.72 19.41 14.68
CA ALA B 302 -19.17 20.54 13.88
C ALA B 302 -18.04 21.55 13.68
N ARG B 303 -17.38 21.88 14.80
N ARG B 303 -17.37 21.89 14.80
CA ARG B 303 -16.31 22.84 14.78
CA ARG B 303 -16.30 22.86 14.78
C ARG B 303 -15.19 22.40 13.83
C ARG B 303 -15.17 22.41 13.84
N LEU B 304 -14.76 21.13 13.92
CA LEU B 304 -13.67 20.62 13.08
C LEU B 304 -14.06 20.70 11.60
N ALA B 305 -15.31 20.33 11.28
CA ALA B 305 -15.75 20.28 9.88
C ALA B 305 -15.88 21.69 9.29
N LEU B 306 -16.44 22.63 10.08
CA LEU B 306 -16.62 24.00 9.60
C LEU B 306 -15.25 24.66 9.40
N GLU B 307 -14.37 24.48 10.38
CA GLU B 307 -13.00 25.01 10.26
C GLU B 307 -12.28 24.39 9.07
N ALA B 308 -12.58 23.13 8.76
CA ALA B 308 -11.89 22.48 7.66
C ALA B 308 -12.36 23.08 6.34
N GLY B 309 -13.64 23.44 6.29
CA GLY B 309 -14.19 24.09 5.11
C GLY B 309 -15.39 23.35 4.52
N ILE B 310 -16.05 22.48 5.29
CA ILE B 310 -17.33 21.91 4.88
C ILE B 310 -18.43 22.95 5.07
N ASP B 311 -19.14 23.26 3.98
CA ASP B 311 -20.23 24.23 3.95
C ASP B 311 -21.57 23.61 4.33
N VAL B 312 -21.86 22.39 3.85
CA VAL B 312 -23.17 21.84 4.11
C VAL B 312 -23.04 20.43 4.68
N GLU B 313 -23.70 20.20 5.82
CA GLU B 313 -23.71 18.87 6.42
C GLU B 313 -24.85 18.06 5.78
N LEU B 314 -24.51 16.90 5.22
CA LEU B 314 -25.44 15.99 4.56
C LEU B 314 -25.40 14.66 5.29
N PRO B 315 -26.45 13.80 5.26
CA PRO B 315 -27.68 14.05 4.51
C PRO B 315 -28.79 14.76 5.30
N LYS B 316 -28.53 14.99 6.60
CA LYS B 316 -29.47 15.61 7.53
C LYS B 316 -28.64 16.40 8.55
N THR B 317 -29.16 17.57 8.96
CA THR B 317 -28.54 18.33 10.03
C THR B 317 -28.39 17.44 11.27
N GLU B 318 -27.19 17.35 11.82
CA GLU B 318 -27.03 16.58 13.05
C GLU B 318 -26.01 17.31 13.92
N CYS B 319 -24.79 17.49 13.41
CA CYS B 319 -23.82 18.23 14.21
C CYS B 319 -23.93 19.74 13.98
N TYR B 320 -24.28 20.16 12.75
CA TYR B 320 -24.20 21.57 12.40
C TYR B 320 -25.19 22.43 13.20
N GLN B 321 -26.24 21.83 13.76
CA GLN B 321 -27.15 22.61 14.59
C GLN B 321 -26.39 23.23 15.77
N TYR B 322 -25.34 22.57 16.25
CA TYR B 322 -24.59 23.06 17.40
C TYR B 322 -23.68 24.25 17.07
N LEU B 323 -23.56 24.62 15.79
CA LEU B 323 -22.78 25.79 15.44
C LEU B 323 -23.42 27.03 16.09
N LYS B 324 -24.73 26.96 16.35
CA LYS B 324 -25.41 28.09 16.97
C LYS B 324 -24.84 28.28 18.37
N ASP B 325 -24.84 27.21 19.16
CA ASP B 325 -24.35 27.20 20.53
C ASP B 325 -22.87 27.58 20.58
N LEU B 326 -22.06 27.08 19.61
CA LEU B 326 -20.64 27.43 19.56
C LEU B 326 -20.43 28.95 19.44
N VAL B 327 -21.25 29.61 18.62
CA VAL B 327 -21.16 31.07 18.52
C VAL B 327 -21.63 31.73 19.81
N GLU B 328 -22.80 31.31 20.31
CA GLU B 328 -23.37 31.93 21.48
C GLU B 328 -22.44 31.76 22.67
N LYS B 329 -21.72 30.65 22.78
CA LYS B 329 -20.80 30.45 23.89
C LYS B 329 -19.43 31.08 23.59
N GLY B 330 -19.27 31.70 22.42
CA GLY B 330 -17.99 32.33 22.09
C GLY B 330 -16.83 31.35 21.92
N ILE B 331 -17.13 30.17 21.37
CA ILE B 331 -16.10 29.21 21.04
C ILE B 331 -15.60 29.42 19.61
N ILE B 332 -16.47 29.78 18.67
CA ILE B 332 -16.09 30.12 17.30
C ILE B 332 -16.72 31.46 16.98
N SER B 333 -16.20 32.15 15.97
CA SER B 333 -16.62 33.47 15.59
C SER B 333 -17.73 33.34 14.56
N GLU B 334 -18.75 34.15 14.70
CA GLU B 334 -19.84 34.19 13.74
C GLU B 334 -19.27 34.48 12.34
N ALA B 335 -18.12 35.17 12.23
CA ALA B 335 -17.60 35.48 10.89
C ALA B 335 -17.34 34.21 10.07
N LEU B 336 -17.00 33.12 10.76
CA LEU B 336 -16.66 31.88 10.08
C LEU B 336 -17.93 31.21 9.51
N ILE B 337 -19.03 31.30 10.27
CA ILE B 337 -20.35 30.94 9.78
C ILE B 337 -20.68 31.77 8.55
N ASP B 338 -20.42 33.08 8.59
CA ASP B 338 -20.88 33.96 7.51
C ASP B 338 -20.19 33.58 6.22
N GLU B 339 -18.91 33.21 6.34
CA GLU B 339 -18.12 32.80 5.20
C GLU B 339 -18.77 31.59 4.51
N ALA B 340 -19.24 30.60 5.27
CA ALA B 340 -19.87 29.41 4.68
C ALA B 340 -21.25 29.73 4.10
N VAL B 341 -22.05 30.52 4.84
CA VAL B 341 -23.36 30.94 4.36
C VAL B 341 -23.24 31.70 3.04
N THR B 342 -22.25 32.59 2.91
CA THR B 342 -22.01 33.35 1.69
C THR B 342 -21.89 32.42 0.49
N ARG B 343 -21.12 31.33 0.64
CA ARG B 343 -20.89 30.37 -0.42
C ARG B 343 -22.20 29.68 -0.86
N VAL B 344 -23.01 29.27 0.11
CA VAL B 344 -24.28 28.64 -0.15
C VAL B 344 -25.24 29.62 -0.84
N LEU B 345 -25.40 30.85 -0.30
CA LEU B 345 -26.35 31.83 -0.87
C LEU B 345 -25.93 32.21 -2.30
N ARG B 346 -24.63 32.42 -2.51
CA ARG B 346 -24.12 32.77 -3.83
C ARG B 346 -24.65 31.76 -4.86
N LEU B 347 -24.48 30.47 -4.55
CA LEU B 347 -24.86 29.41 -5.46
C LEU B 347 -26.37 29.35 -5.65
N LYS B 348 -27.15 29.59 -4.60
CA LYS B 348 -28.61 29.64 -4.72
C LYS B 348 -29.02 30.76 -5.68
N PHE B 349 -28.36 31.92 -5.59
CA PHE B 349 -28.68 33.01 -6.50
C PHE B 349 -28.28 32.66 -7.93
N MET B 350 -27.10 32.08 -8.11
CA MET B 350 -26.61 31.73 -9.44
C MET B 350 -27.51 30.70 -10.10
N LEU B 351 -28.13 29.79 -9.32
CA LEU B 351 -28.99 28.77 -9.88
C LEU B 351 -30.34 29.37 -10.29
N GLY B 352 -30.59 30.66 -9.99
CA GLY B 352 -31.85 31.32 -10.36
C GLY B 352 -33.01 31.05 -9.40
N LEU B 353 -32.69 30.54 -8.20
CA LEU B 353 -33.73 30.03 -7.31
C LEU B 353 -34.55 31.16 -6.68
N PHE B 354 -33.99 32.37 -6.58
CA PHE B 354 -34.75 33.48 -6.02
C PHE B 354 -35.70 34.05 -7.07
N GLU B 355 -35.46 33.79 -8.36
CA GLU B 355 -36.32 34.30 -9.41
C GLU B 355 -37.41 33.26 -9.70
N ASN B 356 -37.02 31.98 -9.71
CA ASN B 356 -38.04 30.99 -10.00
C ASN B 356 -37.64 29.64 -9.41
N PRO B 357 -38.18 29.28 -8.22
CA PRO B 357 -37.82 28.00 -7.61
C PRO B 357 -38.73 26.84 -8.01
N TYR B 358 -39.73 27.08 -8.90
CA TYR B 358 -40.68 26.03 -9.25
C TYR B 358 -40.41 25.43 -10.62
N VAL B 359 -40.95 24.24 -10.87
CA VAL B 359 -40.95 23.59 -12.17
C VAL B 359 -42.40 23.32 -12.59
N GLU B 360 -42.62 23.16 -13.89
CA GLU B 360 -43.94 22.75 -14.40
C GLU B 360 -44.09 21.24 -14.27
N VAL B 361 -45.00 20.83 -13.39
CA VAL B 361 -45.22 19.43 -13.12
C VAL B 361 -45.65 18.72 -14.40
N GLU B 362 -46.40 19.42 -15.26
CA GLU B 362 -46.93 18.83 -16.48
C GLU B 362 -45.79 18.40 -17.39
N LYS B 363 -44.60 18.99 -17.23
CA LYS B 363 -43.47 18.74 -18.11
C LYS B 363 -42.41 17.86 -17.41
N ALA B 364 -42.74 17.33 -16.24
CA ALA B 364 -41.73 16.68 -15.41
C ALA B 364 -41.53 15.21 -15.80
N LYS B 365 -42.22 14.72 -16.84
CA LYS B 365 -42.06 13.34 -17.30
C LYS B 365 -40.67 13.18 -17.89
N ILE B 366 -39.88 12.26 -17.30
CA ILE B 366 -38.50 12.07 -17.73
C ILE B 366 -38.49 11.14 -18.95
N GLU B 367 -37.73 11.49 -20.00
CA GLU B 367 -37.63 10.70 -21.21
C GLU B 367 -36.58 9.61 -21.05
N SER B 368 -36.74 8.52 -21.82
CA SER B 368 -35.78 7.43 -21.83
C SER B 368 -34.57 7.84 -22.66
N HIS B 369 -33.36 7.55 -22.16
CA HIS B 369 -32.13 7.75 -22.93
C HIS B 369 -31.45 6.42 -23.26
N ARG B 370 -32.27 5.40 -23.55
N ARG B 370 -32.24 5.39 -23.57
CA ARG B 370 -31.79 4.08 -23.92
CA ARG B 370 -31.66 4.09 -23.88
C ARG B 370 -30.77 4.18 -25.07
C ARG B 370 -30.75 4.17 -25.09
N ASP B 371 -31.02 5.11 -26.01
CA ASP B 371 -30.15 5.30 -27.16
C ASP B 371 -28.72 5.63 -26.73
N ILE B 372 -28.56 6.57 -25.80
CA ILE B 372 -27.25 6.97 -25.32
C ILE B 372 -26.66 5.84 -24.48
N ALA B 373 -27.46 5.20 -23.62
CA ALA B 373 -26.99 4.09 -22.82
C ALA B 373 -26.44 2.95 -23.70
N LEU B 374 -27.14 2.68 -24.80
CA LEU B 374 -26.77 1.60 -25.70
C LEU B 374 -25.48 1.97 -26.44
N GLU B 375 -25.31 3.25 -26.80
CA GLU B 375 -24.07 3.64 -27.46
C GLU B 375 -22.87 3.49 -26.50
N ILE B 376 -23.05 3.86 -25.23
CA ILE B 376 -21.98 3.68 -24.25
C ILE B 376 -21.69 2.18 -24.07
N ALA B 377 -22.75 1.37 -23.93
CA ALA B 377 -22.57 -0.07 -23.70
C ALA B 377 -21.81 -0.70 -24.87
N ARG B 378 -22.16 -0.33 -26.10
CA ARG B 378 -21.53 -0.88 -27.28
C ARG B 378 -20.06 -0.48 -27.39
N LYS B 379 -19.72 0.72 -26.90
CA LYS B 379 -18.33 1.19 -26.98
C LYS B 379 -17.52 0.78 -25.75
N SER B 380 -18.19 0.31 -24.69
CA SER B 380 -17.47 0.10 -23.44
C SER B 380 -17.01 -1.36 -23.27
N ILE B 381 -17.65 -2.30 -23.98
CA ILE B 381 -17.36 -3.70 -23.74
C ILE B 381 -15.97 -3.98 -24.29
N ILE B 382 -15.17 -4.78 -23.56
CA ILE B 382 -13.79 -4.97 -23.95
C ILE B 382 -13.58 -6.42 -24.37
N LEU B 383 -12.97 -6.59 -25.54
CA LEU B 383 -12.57 -7.94 -25.94
C LEU B 383 -11.17 -8.20 -25.36
N LEU B 384 -11.09 -8.97 -24.27
CA LEU B 384 -9.79 -9.22 -23.64
C LEU B 384 -9.00 -10.29 -24.39
N LYS B 385 -9.71 -11.30 -24.91
CA LYS B 385 -9.05 -12.40 -25.59
C LYS B 385 -9.97 -12.92 -26.70
N ASN B 386 -9.36 -13.36 -27.81
CA ASN B 386 -10.14 -13.99 -28.87
C ASN B 386 -9.18 -14.80 -29.74
N ASP B 387 -9.26 -16.13 -29.67
CA ASP B 387 -8.47 -17.00 -30.54
C ASP B 387 -9.03 -17.07 -31.97
N GLY B 388 -10.16 -16.41 -32.25
CA GLY B 388 -10.77 -16.51 -33.56
C GLY B 388 -12.25 -16.94 -33.50
N ILE B 389 -12.70 -17.47 -32.35
CA ILE B 389 -14.08 -17.95 -32.28
C ILE B 389 -15.09 -16.80 -32.42
N LEU B 390 -14.75 -15.57 -31.99
CA LEU B 390 -15.69 -14.47 -32.13
C LEU B 390 -15.34 -13.69 -33.41
N PRO B 391 -16.31 -13.09 -34.15
CA PRO B 391 -17.74 -13.19 -33.83
C PRO B 391 -18.31 -14.55 -34.23
N LEU B 392 -19.38 -14.97 -33.57
CA LEU B 392 -20.04 -16.24 -33.83
C LEU B 392 -20.94 -16.13 -35.06
N GLN B 393 -21.21 -17.26 -35.70
CA GLN B 393 -22.24 -17.36 -36.73
C GLN B 393 -23.59 -17.62 -36.06
N LYS B 394 -24.66 -17.04 -36.61
CA LYS B 394 -25.99 -17.12 -36.04
C LYS B 394 -26.58 -18.52 -36.13
N ASN B 395 -26.01 -19.40 -36.98
CA ASN B 395 -26.53 -20.73 -37.15
C ASN B 395 -25.94 -21.73 -36.13
N LYS B 396 -25.06 -21.27 -35.23
CA LYS B 396 -24.46 -22.17 -34.25
C LYS B 396 -25.41 -22.37 -33.07
N LYS B 397 -25.55 -23.62 -32.58
CA LYS B 397 -26.37 -23.88 -31.42
C LYS B 397 -25.60 -23.50 -30.14
N VAL B 398 -26.24 -22.71 -29.28
CA VAL B 398 -25.55 -22.09 -28.17
C VAL B 398 -26.06 -22.72 -26.87
N ALA B 399 -25.11 -23.14 -26.01
CA ALA B 399 -25.39 -23.39 -24.60
C ALA B 399 -25.08 -22.11 -23.83
N LEU B 400 -26.13 -21.45 -23.31
CA LEU B 400 -25.99 -20.21 -22.58
C LEU B 400 -26.08 -20.55 -21.09
N ILE B 401 -25.00 -20.28 -20.36
CA ILE B 401 -24.81 -20.85 -19.03
C ILE B 401 -24.38 -19.72 -18.10
N GLY B 402 -24.92 -19.70 -16.87
CA GLY B 402 -24.32 -18.89 -15.82
C GLY B 402 -25.33 -17.96 -15.16
N PRO B 403 -25.08 -17.52 -13.91
CA PRO B 403 -26.05 -16.72 -13.15
C PRO B 403 -26.27 -15.33 -13.75
N ASN B 404 -25.27 -14.81 -14.48
CA ASN B 404 -25.42 -13.45 -14.97
C ASN B 404 -26.05 -13.43 -16.37
N ALA B 405 -26.31 -14.64 -16.92
CA ALA B 405 -27.00 -14.73 -18.21
C ALA B 405 -28.50 -14.56 -18.01
N GLY B 406 -28.97 -14.91 -16.80
CA GLY B 406 -30.38 -15.04 -16.52
C GLY B 406 -30.96 -13.99 -15.57
N GLU B 407 -30.11 -13.27 -14.81
CA GLU B 407 -30.59 -12.40 -13.73
C GLU B 407 -30.34 -10.94 -14.10
N VAL B 408 -31.44 -10.23 -14.40
CA VAL B 408 -31.49 -8.83 -14.80
C VAL B 408 -30.92 -7.93 -13.69
N ARG B 409 -31.13 -8.30 -12.42
CA ARG B 409 -30.64 -7.58 -11.26
C ARG B 409 -29.12 -7.37 -11.31
N ASN B 410 -28.40 -8.35 -11.84
CA ASN B 410 -26.95 -8.39 -11.73
C ASN B 410 -26.30 -7.55 -12.83
N LEU B 411 -27.12 -6.95 -13.71
CA LEU B 411 -26.62 -5.98 -14.68
C LEU B 411 -26.49 -4.58 -14.08
N LEU B 412 -27.00 -4.40 -12.85
CA LEU B 412 -27.16 -3.06 -12.29
C LEU B 412 -26.00 -2.74 -11.35
N GLY B 413 -25.56 -1.47 -11.33
CA GLY B 413 -24.45 -1.02 -10.48
C GLY B 413 -24.98 -0.52 -9.13
N ASP B 414 -24.06 -0.20 -8.20
CA ASP B 414 -24.43 0.10 -6.82
C ASP B 414 -25.21 1.41 -6.66
N TYR B 415 -25.09 2.34 -7.61
CA TYR B 415 -25.82 3.60 -7.54
C TYR B 415 -26.90 3.69 -8.62
N MET B 416 -27.29 2.53 -9.18
CA MET B 416 -28.47 2.50 -10.04
C MET B 416 -29.66 2.19 -9.13
N TYR B 417 -30.73 2.97 -9.27
CA TYR B 417 -31.80 3.09 -8.29
C TYR B 417 -32.34 1.73 -7.88
N LEU B 418 -32.65 0.86 -8.85
CA LEU B 418 -33.26 -0.42 -8.56
C LEU B 418 -32.33 -1.36 -7.79
N ALA B 419 -31.01 -1.15 -7.90
CA ALA B 419 -30.08 -1.86 -7.04
C ALA B 419 -29.88 -1.15 -5.71
N HIS B 420 -29.63 0.18 -5.75
CA HIS B 420 -29.17 0.94 -4.58
C HIS B 420 -30.16 0.84 -3.42
N ILE B 421 -31.45 0.98 -3.74
CA ILE B 421 -32.51 1.11 -2.77
C ILE B 421 -32.77 -0.21 -2.02
N ARG B 422 -32.41 -1.39 -2.60
CA ARG B 422 -32.74 -2.70 -2.03
C ARG B 422 -31.84 -3.07 -0.84
N ARG B 444 -44.32 -3.37 0.05
CA ARG B 444 -44.84 -2.13 -0.59
C ARG B 444 -43.76 -1.55 -1.49
N LEU B 445 -42.63 -1.16 -0.89
CA LEU B 445 -41.43 -0.80 -1.66
C LEU B 445 -40.89 -2.03 -2.39
N LYS B 446 -40.90 -3.20 -1.71
CA LYS B 446 -40.42 -4.46 -2.25
C LYS B 446 -41.15 -4.78 -3.55
N LYS B 447 -42.49 -4.71 -3.51
CA LYS B 447 -43.37 -4.89 -4.66
C LYS B 447 -43.05 -3.90 -5.80
N SER B 448 -42.85 -2.62 -5.48
CA SER B 448 -42.65 -1.59 -6.51
C SER B 448 -41.33 -1.80 -7.27
N ILE B 449 -40.30 -2.20 -6.50
CA ILE B 449 -38.97 -2.48 -7.06
C ILE B 449 -39.06 -3.62 -8.08
N GLU B 450 -39.68 -4.74 -7.66
CA GLU B 450 -39.98 -5.93 -8.46
C GLU B 450 -40.68 -5.57 -9.79
N GLU B 451 -41.72 -4.73 -9.72
CA GLU B 451 -42.50 -4.25 -10.87
C GLU B 451 -41.59 -3.53 -11.87
N HIS B 452 -40.72 -2.66 -11.34
CA HIS B 452 -39.93 -1.77 -12.17
C HIS B 452 -38.79 -2.55 -12.83
N MET B 453 -38.27 -3.53 -12.09
CA MET B 453 -37.26 -4.49 -12.55
C MET B 453 -37.73 -5.18 -13.83
N LYS B 454 -39.02 -5.57 -13.87
CA LYS B 454 -39.63 -6.33 -14.97
C LYS B 454 -39.44 -5.62 -16.32
N SER B 455 -39.09 -4.33 -16.30
CA SER B 455 -39.04 -3.49 -17.48
C SER B 455 -37.71 -3.62 -18.22
N ILE B 456 -36.66 -4.10 -17.53
CA ILE B 456 -35.31 -4.08 -18.08
C ILE B 456 -35.07 -5.34 -18.91
N PRO B 457 -34.69 -5.20 -20.20
CA PRO B 457 -34.29 -6.35 -21.03
C PRO B 457 -33.17 -7.20 -20.42
N SER B 458 -33.37 -8.52 -20.48
CA SER B 458 -32.42 -9.50 -19.98
C SER B 458 -31.41 -9.81 -21.09
N VAL B 459 -30.32 -10.50 -20.72
CA VAL B 459 -29.41 -11.09 -21.70
C VAL B 459 -30.13 -12.19 -22.47
N LEU B 460 -30.93 -12.98 -21.74
CA LEU B 460 -31.72 -14.06 -22.31
C LEU B 460 -32.64 -13.49 -23.39
N ASP B 461 -33.34 -12.40 -23.05
CA ASP B 461 -34.20 -11.70 -23.99
C ASP B 461 -33.44 -11.26 -25.24
N ALA B 462 -32.17 -10.89 -25.07
CA ALA B 462 -31.44 -10.36 -26.21
C ALA B 462 -31.15 -11.50 -27.18
N PHE B 463 -30.86 -12.68 -26.64
CA PHE B 463 -30.61 -13.86 -27.44
C PHE B 463 -31.85 -14.33 -28.20
N LYS B 464 -33.01 -14.28 -27.54
CA LYS B 464 -34.29 -14.62 -28.16
C LYS B 464 -34.57 -13.70 -29.33
N GLU B 465 -34.50 -12.38 -29.09
CA GLU B 465 -34.86 -11.37 -30.06
C GLU B 465 -33.91 -11.42 -31.25
N GLU B 466 -32.68 -11.92 -31.04
CA GLU B 466 -31.72 -12.04 -32.13
C GLU B 466 -32.06 -13.27 -32.99
N GLY B 467 -32.87 -14.18 -32.43
CA GLY B 467 -33.32 -15.38 -33.13
C GLY B 467 -32.33 -16.53 -33.02
N ILE B 468 -31.50 -16.54 -31.97
CA ILE B 468 -30.50 -17.58 -31.80
C ILE B 468 -31.17 -18.84 -31.25
N GLU B 469 -30.69 -20.01 -31.72
CA GLU B 469 -31.11 -21.26 -31.13
C GLU B 469 -30.21 -21.61 -29.95
N PHE B 470 -30.78 -21.66 -28.74
CA PHE B 470 -29.96 -21.86 -27.57
C PHE B 470 -30.77 -22.57 -26.51
N GLU B 471 -30.07 -23.27 -25.60
CA GLU B 471 -30.65 -23.63 -24.32
C GLU B 471 -29.91 -22.89 -23.20
N TYR B 472 -30.65 -22.64 -22.11
CA TYR B 472 -30.12 -21.90 -20.98
C TYR B 472 -30.04 -22.83 -19.78
N ALA B 473 -28.91 -22.83 -19.07
CA ALA B 473 -28.78 -23.47 -17.76
C ALA B 473 -28.12 -22.46 -16.83
N LYS B 474 -28.66 -22.29 -15.62
CA LYS B 474 -28.13 -21.27 -14.72
C LYS B 474 -26.71 -21.65 -14.29
N GLY B 475 -26.48 -22.95 -14.01
CA GLY B 475 -25.17 -23.46 -13.67
C GLY B 475 -24.85 -23.32 -12.18
N CYS B 476 -24.84 -22.09 -11.65
CA CYS B 476 -24.69 -21.87 -10.22
C CYS B 476 -25.21 -20.48 -9.85
N GLU B 477 -25.20 -20.16 -8.55
CA GLU B 477 -25.54 -18.83 -8.08
C GLU B 477 -24.29 -17.96 -8.10
N VAL B 478 -24.48 -16.66 -7.84
CA VAL B 478 -23.35 -15.74 -7.76
C VAL B 478 -22.53 -16.04 -6.50
N THR B 479 -23.21 -16.30 -5.37
CA THR B 479 -22.48 -16.66 -4.15
C THR B 479 -22.87 -18.07 -3.72
N GLY B 480 -22.19 -18.61 -2.71
CA GLY B 480 -22.45 -19.95 -2.18
C GLY B 480 -21.52 -20.98 -2.78
N GLU B 481 -21.66 -22.24 -2.35
CA GLU B 481 -20.78 -23.34 -2.72
C GLU B 481 -21.55 -24.44 -3.46
N ASP B 482 -22.82 -24.17 -3.79
CA ASP B 482 -23.73 -25.16 -4.35
C ASP B 482 -23.35 -25.50 -5.80
N ARG B 483 -23.03 -26.77 -6.06
CA ARG B 483 -22.64 -27.23 -7.39
C ARG B 483 -23.72 -28.10 -8.06
N SER B 484 -24.96 -28.08 -7.55
CA SER B 484 -26.05 -28.94 -8.01
C SER B 484 -26.39 -28.75 -9.48
N GLY B 485 -26.17 -27.53 -9.98
CA GLY B 485 -26.59 -27.08 -11.29
C GLY B 485 -25.59 -27.45 -12.37
N PHE B 486 -24.38 -27.87 -11.96
CA PHE B 486 -23.29 -28.09 -12.90
C PHE B 486 -23.68 -29.15 -13.93
N GLU B 487 -24.32 -30.26 -13.49
CA GLU B 487 -24.63 -31.38 -14.38
C GLU B 487 -25.48 -30.93 -15.57
N GLU B 488 -26.57 -30.18 -15.30
CA GLU B 488 -27.44 -29.60 -16.32
C GLU B 488 -26.65 -28.75 -17.32
N ALA B 489 -25.74 -27.90 -16.81
CA ALA B 489 -24.95 -27.02 -17.65
C ALA B 489 -23.96 -27.80 -18.51
N ILE B 490 -23.26 -28.78 -17.92
CA ILE B 490 -22.37 -29.63 -18.70
C ILE B 490 -23.17 -30.34 -19.81
N GLU B 491 -24.39 -30.81 -19.50
CA GLU B 491 -25.15 -31.61 -20.45
C GLU B 491 -25.55 -30.77 -21.66
N ILE B 492 -25.99 -29.52 -21.44
CA ILE B 492 -26.39 -28.70 -22.57
C ILE B 492 -25.16 -28.28 -23.39
N ALA B 493 -24.01 -28.07 -22.71
CA ALA B 493 -22.77 -27.76 -23.41
C ALA B 493 -22.39 -28.90 -24.37
N LYS B 494 -22.51 -30.15 -23.90
CA LYS B 494 -22.12 -31.30 -24.70
C LYS B 494 -22.94 -31.37 -25.99
N LYS B 495 -24.19 -30.91 -25.95
CA LYS B 495 -25.02 -31.00 -27.17
C LYS B 495 -25.08 -29.67 -27.92
N SER B 496 -24.14 -28.76 -27.67
CA SER B 496 -24.15 -27.48 -28.37
C SER B 496 -22.93 -27.36 -29.26
N ASP B 497 -22.90 -26.32 -30.10
CA ASP B 497 -21.70 -25.96 -30.85
C ASP B 497 -20.74 -25.11 -30.02
N VAL B 498 -21.30 -24.23 -29.19
CA VAL B 498 -20.46 -23.31 -28.43
C VAL B 498 -21.15 -23.02 -27.09
N ALA B 499 -20.35 -22.91 -26.04
CA ALA B 499 -20.86 -22.55 -24.72
C ALA B 499 -20.51 -21.08 -24.46
N ILE B 500 -21.50 -20.28 -24.07
CA ILE B 500 -21.27 -18.90 -23.69
C ILE B 500 -21.59 -18.81 -22.20
N VAL B 501 -20.53 -18.61 -21.39
CA VAL B 501 -20.64 -18.71 -19.95
C VAL B 501 -20.58 -17.29 -19.38
N VAL B 502 -21.65 -16.86 -18.70
CA VAL B 502 -21.83 -15.48 -18.27
C VAL B 502 -21.81 -15.46 -16.74
N VAL B 503 -20.68 -14.98 -16.19
CA VAL B 503 -20.42 -15.02 -14.76
C VAL B 503 -20.11 -13.60 -14.25
N GLY B 504 -20.01 -13.41 -12.93
CA GLY B 504 -19.54 -12.14 -12.37
C GLY B 504 -20.24 -11.77 -11.06
N ASP B 505 -20.66 -10.51 -10.96
CA ASP B 505 -20.97 -9.90 -9.68
C ASP B 505 -22.47 -9.72 -9.52
N LYS B 506 -22.91 -9.61 -8.25
CA LYS B 506 -24.08 -8.83 -7.88
C LYS B 506 -23.60 -7.57 -7.14
N SER B 507 -23.87 -6.40 -7.73
CA SER B 507 -23.40 -5.14 -7.18
C SER B 507 -24.44 -4.52 -6.28
N GLY B 508 -24.01 -4.07 -5.09
CA GLY B 508 -24.92 -3.34 -4.20
C GLY B 508 -24.27 -3.09 -2.83
N LEU B 509 -25.09 -2.85 -1.81
CA LEU B 509 -24.59 -2.31 -0.55
C LEU B 509 -24.75 -3.33 0.58
N THR B 510 -25.35 -4.48 0.29
CA THR B 510 -25.76 -5.45 1.30
C THR B 510 -24.86 -6.69 1.25
N LEU B 511 -24.94 -7.53 2.28
CA LEU B 511 -24.02 -8.65 2.47
C LEU B 511 -24.05 -9.66 1.31
N ASP B 512 -25.20 -9.79 0.64
CA ASP B 512 -25.32 -10.74 -0.47
C ASP B 512 -24.67 -10.18 -1.74
N CYS B 513 -24.20 -8.92 -1.74
CA CYS B 513 -23.54 -8.37 -2.92
C CYS B 513 -22.05 -8.68 -2.87
N THR B 514 -21.43 -8.84 -4.05
CA THR B 514 -20.03 -9.25 -4.12
C THR B 514 -19.12 -8.07 -4.46
N THR B 515 -19.73 -6.98 -4.94
CA THR B 515 -19.04 -5.75 -5.27
C THR B 515 -19.97 -4.58 -4.95
N GLY B 516 -19.43 -3.36 -5.02
CA GLY B 516 -20.18 -2.20 -4.58
C GLY B 516 -19.62 -1.60 -3.29
N GLU B 517 -20.09 -0.39 -2.98
CA GLU B 517 -19.74 0.29 -1.75
C GLU B 517 -19.95 -0.64 -0.56
N SER B 518 -18.89 -0.82 0.25
CA SER B 518 -18.85 -1.67 1.43
C SER B 518 -18.59 -3.15 1.10
N ARG B 519 -18.47 -3.51 -0.18
CA ARG B 519 -18.27 -4.91 -0.55
C ARG B 519 -16.87 -5.12 -1.16
N ASP B 520 -15.86 -5.24 -0.29
CA ASP B 520 -14.47 -5.31 -0.70
C ASP B 520 -14.08 -6.79 -0.75
N MET B 521 -13.23 -7.17 -1.72
CA MET B 521 -12.96 -8.57 -2.03
C MET B 521 -11.44 -8.74 -1.88
N ALA B 522 -11.00 -9.51 -0.87
CA ALA B 522 -9.56 -9.65 -0.63
C ALA B 522 -8.85 -10.40 -1.76
N ASN B 523 -9.43 -11.51 -2.24
CA ASN B 523 -8.63 -12.47 -2.98
C ASN B 523 -8.92 -12.47 -4.48
N LEU B 524 -9.90 -11.66 -4.95
CA LEU B 524 -10.11 -11.44 -6.38
C LEU B 524 -10.43 -12.74 -7.13
N LYS B 525 -11.07 -13.70 -6.44
CA LYS B 525 -11.55 -14.88 -7.15
C LYS B 525 -12.99 -14.58 -7.56
N LEU B 526 -13.41 -15.04 -8.74
CA LEU B 526 -14.81 -14.91 -9.11
C LEU B 526 -15.68 -15.42 -7.96
N PRO B 527 -16.77 -14.73 -7.63
CA PRO B 527 -17.60 -15.11 -6.48
C PRO B 527 -18.16 -16.53 -6.62
N GLY B 528 -18.41 -17.15 -5.47
CA GLY B 528 -19.01 -18.47 -5.38
C GLY B 528 -18.16 -19.54 -6.05
N VAL B 529 -18.82 -20.43 -6.79
CA VAL B 529 -18.13 -21.48 -7.52
C VAL B 529 -18.15 -21.17 -9.03
N GLN B 530 -18.27 -19.90 -9.40
CA GLN B 530 -18.38 -19.56 -10.80
C GLN B 530 -17.13 -19.99 -11.57
N GLU B 531 -15.96 -19.90 -10.94
CA GLU B 531 -14.73 -20.27 -11.59
C GLU B 531 -14.73 -21.76 -11.95
N GLU B 532 -15.13 -22.60 -10.98
CA GLU B 532 -15.21 -24.04 -11.17
C GLU B 532 -16.23 -24.33 -12.28
N LEU B 533 -17.32 -23.56 -12.34
CA LEU B 533 -18.32 -23.77 -13.40
C LEU B 533 -17.67 -23.56 -14.77
N VAL B 534 -16.88 -22.50 -14.91
CA VAL B 534 -16.21 -22.23 -16.16
C VAL B 534 -15.29 -23.41 -16.48
N LEU B 535 -14.53 -23.86 -15.48
CA LEU B 535 -13.56 -24.92 -15.76
C LEU B 535 -14.27 -26.23 -16.11
N GLU B 536 -15.43 -26.50 -15.47
CA GLU B 536 -16.16 -27.73 -15.77
C GLU B 536 -16.71 -27.66 -17.19
N VAL B 537 -17.25 -26.51 -17.59
CA VAL B 537 -17.75 -26.35 -18.94
C VAL B 537 -16.62 -26.54 -19.95
N ALA B 538 -15.43 -25.99 -19.66
CA ALA B 538 -14.30 -26.07 -20.59
C ALA B 538 -13.85 -27.52 -20.80
N LYS B 539 -14.01 -28.34 -19.77
CA LYS B 539 -13.54 -29.72 -19.79
C LYS B 539 -14.35 -30.57 -20.78
N THR B 540 -15.52 -30.08 -21.21
CA THR B 540 -16.30 -30.79 -22.21
C THR B 540 -15.61 -30.74 -23.57
N GLY B 541 -14.61 -29.85 -23.72
CA GLY B 541 -13.91 -29.72 -24.98
C GLY B 541 -14.65 -28.82 -25.98
N LYS B 542 -15.86 -28.34 -25.65
CA LYS B 542 -16.56 -27.41 -26.52
C LYS B 542 -15.89 -26.03 -26.51
N PRO B 543 -15.97 -25.24 -27.60
CA PRO B 543 -15.40 -23.87 -27.57
C PRO B 543 -16.19 -23.04 -26.55
N VAL B 544 -15.47 -22.20 -25.79
CA VAL B 544 -16.07 -21.44 -24.71
C VAL B 544 -15.81 -19.93 -24.90
N VAL B 545 -16.90 -19.15 -24.85
CA VAL B 545 -16.84 -17.70 -24.78
C VAL B 545 -17.18 -17.32 -23.35
N LEU B 546 -16.22 -16.72 -22.64
CA LEU B 546 -16.44 -16.29 -21.26
C LEU B 546 -16.89 -14.81 -21.28
N VAL B 547 -18.03 -14.53 -20.63
CA VAL B 547 -18.55 -13.17 -20.54
C VAL B 547 -18.56 -12.76 -19.07
N LEU B 548 -17.73 -11.75 -18.72
CA LEU B 548 -17.61 -11.25 -17.35
C LEU B 548 -18.48 -10.02 -17.19
N ILE B 549 -19.51 -10.14 -16.33
CA ILE B 549 -20.36 -9.01 -15.99
C ILE B 549 -20.04 -8.64 -14.54
N THR B 550 -19.18 -7.64 -14.38
CA THR B 550 -18.48 -7.47 -13.11
C THR B 550 -18.26 -5.98 -12.86
N GLY B 551 -18.01 -5.67 -11.58
CA GLY B 551 -17.71 -4.32 -11.15
C GLY B 551 -16.20 -4.08 -11.01
N ARG B 552 -15.42 -5.17 -10.96
CA ARG B 552 -13.98 -5.04 -10.72
C ARG B 552 -13.24 -6.05 -11.59
N PRO B 553 -11.92 -5.86 -11.81
CA PRO B 553 -11.07 -6.91 -12.39
C PRO B 553 -11.09 -8.11 -11.44
N TYR B 554 -11.26 -9.31 -11.99
CA TYR B 554 -11.06 -10.54 -11.24
C TYR B 554 -9.80 -11.20 -11.75
N SER B 555 -9.18 -12.03 -10.89
CA SER B 555 -8.06 -12.89 -11.31
C SER B 555 -8.57 -13.95 -12.30
N LEU B 556 -8.06 -13.91 -13.54
CA LEU B 556 -8.52 -14.84 -14.55
C LEU B 556 -7.45 -15.89 -14.82
N LYS B 557 -6.42 -15.93 -13.96
CA LYS B 557 -5.22 -16.71 -14.16
C LYS B 557 -5.55 -18.19 -14.40
N ASN B 558 -6.61 -18.68 -13.77
CA ASN B 558 -6.91 -20.11 -13.84
C ASN B 558 -7.81 -20.45 -15.03
N VAL B 559 -8.35 -19.44 -15.71
CA VAL B 559 -9.36 -19.74 -16.72
C VAL B 559 -8.88 -19.25 -18.09
N VAL B 560 -7.99 -18.25 -18.11
CA VAL B 560 -7.71 -17.51 -19.34
C VAL B 560 -7.31 -18.50 -20.45
N ASP B 561 -6.49 -19.48 -20.08
CA ASP B 561 -5.86 -20.34 -21.08
C ASP B 561 -6.78 -21.51 -21.40
N LYS B 562 -7.97 -21.57 -20.76
CA LYS B 562 -8.87 -22.69 -20.93
C LYS B 562 -10.09 -22.29 -21.77
N VAL B 563 -10.21 -21.00 -22.13
CA VAL B 563 -11.38 -20.52 -22.85
C VAL B 563 -10.92 -19.92 -24.16
N ASN B 564 -11.83 -19.72 -25.14
CA ASN B 564 -11.38 -19.33 -26.48
C ASN B 564 -11.49 -17.82 -26.65
N ALA B 565 -12.47 -17.22 -25.97
CA ALA B 565 -12.64 -15.78 -25.99
C ALA B 565 -13.16 -15.26 -24.64
N ILE B 566 -12.84 -13.98 -24.36
CA ILE B 566 -13.24 -13.34 -23.12
C ILE B 566 -13.70 -11.92 -23.41
N LEU B 567 -14.94 -11.63 -23.01
CA LEU B 567 -15.49 -10.27 -23.02
C LEU B 567 -15.63 -9.75 -21.59
N GLN B 568 -15.07 -8.55 -21.34
CA GLN B 568 -15.31 -7.88 -20.08
C GLN B 568 -16.47 -6.91 -20.30
N VAL B 569 -17.54 -7.10 -19.54
CA VAL B 569 -18.69 -6.23 -19.60
C VAL B 569 -18.83 -5.57 -18.21
N TRP B 570 -18.31 -4.36 -18.07
CA TRP B 570 -18.52 -3.62 -16.84
C TRP B 570 -20.01 -3.35 -16.73
N LEU B 571 -20.56 -3.54 -15.51
CA LEU B 571 -21.98 -3.49 -15.18
C LEU B 571 -22.71 -2.49 -16.08
N PRO B 572 -23.47 -3.00 -17.06
CA PRO B 572 -23.92 -2.19 -18.18
C PRO B 572 -25.27 -1.50 -18.02
N GLY B 573 -25.99 -1.74 -16.91
CA GLY B 573 -27.34 -1.20 -16.81
C GLY B 573 -28.26 -1.71 -17.92
N GLU B 574 -29.27 -0.93 -18.29
CA GLU B 574 -30.42 -1.46 -19.01
C GLU B 574 -30.05 -1.83 -20.45
N ALA B 575 -28.93 -1.32 -20.96
CA ALA B 575 -28.61 -1.58 -22.36
C ALA B 575 -27.71 -2.82 -22.53
N GLY B 576 -27.38 -3.51 -21.43
CA GLY B 576 -26.31 -4.49 -21.46
C GLY B 576 -26.59 -5.67 -22.40
N GLY B 577 -27.80 -6.24 -22.29
CA GLY B 577 -28.18 -7.42 -23.06
C GLY B 577 -27.94 -7.26 -24.56
N ARG B 578 -28.51 -6.21 -25.11
CA ARG B 578 -28.46 -5.94 -26.53
C ARG B 578 -27.00 -5.77 -26.97
N ALA B 579 -26.23 -4.99 -26.21
CA ALA B 579 -24.85 -4.69 -26.58
C ALA B 579 -24.03 -5.97 -26.62
N ILE B 580 -24.15 -6.83 -25.60
CA ILE B 580 -23.42 -8.07 -25.53
C ILE B 580 -23.70 -8.94 -26.77
N VAL B 581 -25.00 -9.10 -27.10
CA VAL B 581 -25.39 -9.95 -28.23
C VAL B 581 -24.91 -9.32 -29.52
N ASP B 582 -25.00 -7.99 -29.64
CA ASP B 582 -24.52 -7.30 -30.85
C ASP B 582 -23.04 -7.61 -31.07
N ILE B 583 -22.26 -7.63 -29.98
CA ILE B 583 -20.82 -7.83 -30.09
C ILE B 583 -20.49 -9.30 -30.40
N ILE B 584 -21.18 -10.21 -29.71
CA ILE B 584 -20.93 -11.64 -29.90
C ILE B 584 -21.11 -12.04 -31.36
N TYR B 585 -22.12 -11.47 -32.05
CA TYR B 585 -22.45 -11.82 -33.42
C TYR B 585 -21.84 -10.85 -34.43
N GLY B 586 -21.09 -9.86 -33.93
CA GLY B 586 -20.32 -9.01 -34.83
C GLY B 586 -21.16 -7.91 -35.49
N LYS B 587 -22.38 -7.67 -35.02
CA LYS B 587 -23.15 -6.55 -35.53
C LYS B 587 -22.48 -5.27 -35.05
N VAL B 588 -21.80 -5.32 -33.89
CA VAL B 588 -20.94 -4.24 -33.43
C VAL B 588 -19.54 -4.82 -33.28
N ASN B 589 -18.55 -4.09 -33.77
CA ASN B 589 -17.14 -4.46 -33.62
C ASN B 589 -16.69 -3.92 -32.26
N PRO B 590 -16.27 -4.76 -31.28
CA PRO B 590 -15.90 -4.25 -29.96
C PRO B 590 -14.72 -3.28 -30.07
N SER B 591 -14.71 -2.25 -29.22
CA SER B 591 -13.69 -1.22 -29.33
C SER B 591 -13.32 -0.65 -27.96
N GLY B 592 -13.86 -1.19 -26.87
CA GLY B 592 -13.49 -0.74 -25.53
C GLY B 592 -12.05 -1.10 -25.20
N LYS B 593 -11.43 -0.28 -24.32
CA LYS B 593 -10.06 -0.53 -23.85
C LYS B 593 -10.04 -0.45 -22.33
N LEU B 594 -9.22 -1.29 -21.69
CA LEU B 594 -9.14 -1.32 -20.24
C LEU B 594 -8.71 0.04 -19.69
N PRO B 595 -9.46 0.65 -18.75
CA PRO B 595 -9.00 1.84 -18.05
C PRO B 595 -8.34 1.52 -16.70
N ILE B 596 -8.15 0.22 -16.42
CA ILE B 596 -7.46 -0.24 -15.22
C ILE B 596 -6.79 -1.57 -15.58
N SER B 597 -5.61 -1.83 -15.01
CA SER B 597 -4.87 -3.06 -15.22
C SER B 597 -5.61 -4.24 -14.59
N PHE B 598 -5.55 -5.43 -15.23
CA PHE B 598 -6.15 -6.64 -14.65
C PHE B 598 -5.06 -7.46 -14.00
N PRO B 599 -4.97 -7.54 -12.65
CA PRO B 599 -3.89 -8.27 -11.99
C PRO B 599 -4.00 -9.77 -12.22
N ARG B 600 -2.87 -10.48 -12.22
CA ARG B 600 -2.89 -11.93 -12.28
C ARG B 600 -3.46 -12.52 -11.00
N SER B 601 -3.22 -11.86 -9.85
CA SER B 601 -3.72 -12.30 -8.55
C SER B 601 -3.70 -11.12 -7.59
N ALA B 602 -4.36 -11.29 -6.43
CA ALA B 602 -4.41 -10.26 -5.42
C ALA B 602 -3.01 -9.90 -4.91
N GLY B 603 -2.14 -10.90 -4.79
CA GLY B 603 -0.86 -10.71 -4.13
C GLY B 603 0.06 -9.82 -4.97
N GLN B 604 -0.35 -9.58 -6.22
CA GLN B 604 0.39 -8.72 -7.15
C GLN B 604 0.01 -7.23 -6.94
N ILE B 605 -1.01 -6.92 -6.13
CA ILE B 605 -1.52 -5.56 -6.08
C ILE B 605 -0.50 -4.63 -5.42
N PRO B 606 -0.23 -3.39 -5.93
CA PRO B 606 -0.88 -2.86 -7.13
C PRO B 606 -0.02 -3.02 -8.39
N VAL B 607 -0.69 -3.08 -9.54
CA VAL B 607 -0.09 -3.07 -10.86
C VAL B 607 -0.76 -1.93 -11.62
N PHE B 608 0.05 -1.11 -12.30
CA PHE B 608 -0.45 0.05 -13.02
C PHE B 608 0.59 0.40 -14.07
N HIS B 609 0.20 1.11 -15.13
CA HIS B 609 1.07 1.21 -16.29
C HIS B 609 2.18 2.24 -16.05
N TYR B 610 1.99 3.16 -15.11
CA TYR B 610 2.88 4.31 -15.01
C TYR B 610 3.86 4.14 -13.84
N VAL B 611 4.33 2.90 -13.62
CA VAL B 611 5.35 2.64 -12.62
C VAL B 611 6.62 3.42 -12.95
N LYS B 612 7.40 3.70 -11.89
CA LYS B 612 8.74 4.28 -12.02
C LYS B 612 9.67 3.18 -12.52
N PRO B 613 10.94 3.47 -12.92
CA PRO B 613 11.86 2.43 -13.37
C PRO B 613 12.02 1.29 -12.36
N SER B 614 11.88 1.59 -11.05
CA SER B 614 12.01 0.57 -10.02
C SER B 614 10.67 -0.11 -9.71
N GLY B 615 9.56 0.42 -10.26
CA GLY B 615 8.24 -0.16 -10.01
C GLY B 615 7.89 -1.28 -11.00
N GLY B 616 6.86 -2.06 -10.64
CA GLY B 616 6.33 -3.09 -11.54
C GLY B 616 7.33 -4.23 -11.79
N ARG B 617 8.37 -4.33 -10.94
CA ARG B 617 9.30 -5.45 -10.99
C ARG B 617 9.91 -5.65 -9.59
N SER B 618 10.44 -6.84 -9.37
CA SER B 618 11.26 -7.16 -8.21
C SER B 618 12.70 -7.26 -8.69
N HIS B 619 13.63 -6.53 -8.05
CA HIS B 619 15.04 -6.60 -8.44
C HIS B 619 15.72 -7.71 -7.64
N TRP B 620 16.54 -8.56 -8.28
CA TRP B 620 17.05 -8.42 -9.64
C TRP B 620 16.58 -9.58 -10.55
N HIS B 621 15.66 -10.43 -10.08
CA HIS B 621 15.17 -11.53 -10.92
C HIS B 621 13.96 -11.11 -11.75
N GLY B 622 13.41 -9.91 -11.51
CA GLY B 622 12.28 -9.39 -12.28
C GLY B 622 10.92 -9.80 -11.70
N ASP B 623 10.71 -11.13 -11.55
CA ASP B 623 9.42 -11.68 -11.19
C ASP B 623 9.36 -11.99 -9.70
N TYR B 624 8.15 -12.16 -9.16
CA TYR B 624 8.02 -12.81 -7.86
C TYR B 624 8.47 -14.26 -8.02
N VAL B 625 8.72 -14.96 -6.90
CA VAL B 625 9.04 -16.38 -6.92
C VAL B 625 7.93 -17.14 -7.64
N ASP B 626 6.67 -16.75 -7.40
CA ASP B 626 5.53 -17.60 -7.70
C ASP B 626 4.65 -16.95 -8.78
N GLU B 627 5.09 -15.84 -9.39
CA GLU B 627 4.16 -15.02 -10.16
C GLU B 627 4.90 -13.96 -10.98
N SER B 628 4.42 -13.67 -12.19
CA SER B 628 4.89 -12.52 -12.95
C SER B 628 4.59 -11.21 -12.21
N THR B 629 5.41 -10.16 -12.42
CA THR B 629 5.08 -8.84 -11.90
C THR B 629 4.25 -8.03 -12.89
N LYS B 630 4.01 -8.56 -14.09
CA LYS B 630 3.20 -7.89 -15.10
C LYS B 630 1.72 -8.25 -14.89
N PRO B 631 0.77 -7.32 -15.16
CA PRO B 631 -0.65 -7.65 -15.05
C PRO B 631 -1.02 -8.69 -16.13
N LEU B 632 -2.15 -9.39 -15.93
CA LEU B 632 -2.60 -10.33 -16.95
C LEU B 632 -3.04 -9.57 -18.20
N PHE B 633 -3.80 -8.48 -18.03
CA PHE B 633 -4.09 -7.63 -19.17
C PHE B 633 -3.67 -6.21 -18.80
N PRO B 634 -2.90 -5.51 -19.66
CA PRO B 634 -2.43 -4.16 -19.30
C PRO B 634 -3.46 -3.04 -19.52
N PHE B 635 -3.22 -1.88 -18.88
CA PHE B 635 -3.98 -0.66 -19.14
C PHE B 635 -4.03 -0.40 -20.64
N GLY B 636 -5.22 0.00 -21.14
CA GLY B 636 -5.35 0.34 -22.55
C GLY B 636 -5.60 -0.85 -23.47
N HIS B 637 -5.65 -2.06 -22.92
CA HIS B 637 -5.81 -3.28 -23.71
C HIS B 637 -7.25 -3.40 -24.16
N GLY B 638 -7.41 -3.75 -25.43
CA GLY B 638 -8.70 -4.16 -26.00
C GLY B 638 -8.58 -4.55 -27.47
N LEU B 639 -9.08 -5.74 -27.82
CA LEU B 639 -8.95 -6.28 -29.17
C LEU B 639 -10.14 -5.85 -30.00
N SER B 640 -10.05 -6.15 -31.30
CA SER B 640 -11.02 -5.76 -32.31
C SER B 640 -11.28 -6.97 -33.22
N TYR B 641 -12.36 -6.93 -34.01
CA TYR B 641 -12.56 -7.94 -35.04
C TYR B 641 -11.82 -7.56 -36.32
N THR B 642 -11.10 -6.43 -36.32
CA THR B 642 -10.30 -6.02 -37.47
C THR B 642 -8.88 -5.76 -36.97
N LYS B 643 -7.98 -5.33 -37.85
CA LYS B 643 -6.60 -5.04 -37.49
C LYS B 643 -6.25 -3.61 -37.89
N PHE B 644 -5.43 -2.96 -37.07
CA PHE B 644 -5.06 -1.58 -37.32
C PHE B 644 -3.55 -1.53 -37.52
N GLU B 645 -3.12 -0.80 -38.55
CA GLU B 645 -1.70 -0.66 -38.78
C GLU B 645 -1.32 0.81 -38.65
N TYR B 646 -0.30 1.05 -37.81
CA TYR B 646 0.19 2.38 -37.49
C TYR B 646 1.44 2.64 -38.33
N SER B 647 1.58 3.86 -38.85
CA SER B 647 2.78 4.18 -39.61
C SER B 647 3.07 5.68 -39.51
N ASN B 648 4.29 6.06 -39.93
CA ASN B 648 4.62 7.43 -40.28
C ASN B 648 4.45 8.34 -39.04
N LEU B 649 5.18 8.03 -37.96
CA LEU B 649 5.19 8.89 -36.78
C LEU B 649 5.94 10.15 -37.15
N ARG B 650 5.35 11.33 -36.89
CA ARG B 650 6.05 12.61 -37.03
C ARG B 650 6.00 13.35 -35.69
N ILE B 651 7.11 14.01 -35.36
CA ILE B 651 7.20 14.76 -34.11
C ILE B 651 7.88 16.08 -34.43
N GLU B 652 7.12 17.20 -34.32
CA GLU B 652 7.66 18.48 -34.78
C GLU B 652 7.25 19.59 -33.82
N PRO B 653 8.18 20.49 -33.42
CA PRO B 653 9.59 20.38 -33.79
C PRO B 653 10.27 19.39 -32.84
N LYS B 654 11.53 19.08 -33.13
CA LYS B 654 12.34 18.10 -32.42
C LYS B 654 12.98 18.72 -31.17
N GLU B 655 13.09 20.05 -31.15
CA GLU B 655 13.54 20.78 -29.96
C GLU B 655 12.52 21.85 -29.63
N VAL B 656 12.12 21.92 -28.36
CA VAL B 656 11.05 22.82 -27.97
C VAL B 656 11.46 23.52 -26.68
N PRO B 657 11.13 24.81 -26.49
CA PRO B 657 11.46 25.49 -25.24
C PRO B 657 10.46 25.03 -24.17
N PRO B 658 10.70 25.34 -22.89
CA PRO B 658 9.96 24.74 -21.78
C PRO B 658 8.49 25.10 -21.61
N ALA B 659 8.02 26.14 -22.33
CA ALA B 659 6.59 26.35 -22.44
C ALA B 659 6.14 26.26 -23.90
N GLY B 660 6.89 25.48 -24.71
CA GLY B 660 6.53 25.34 -26.11
C GLY B 660 5.48 24.24 -26.32
N GLU B 661 5.38 23.79 -27.57
CA GLU B 661 4.32 22.86 -27.97
C GLU B 661 4.88 21.95 -29.05
N VAL B 662 4.59 20.66 -28.94
CA VAL B 662 5.04 19.70 -29.94
C VAL B 662 3.79 19.10 -30.59
N VAL B 663 3.89 18.83 -31.89
CA VAL B 663 2.80 18.21 -32.65
C VAL B 663 3.23 16.81 -33.07
N ILE B 664 2.45 15.80 -32.63
CA ILE B 664 2.71 14.40 -32.87
C ILE B 664 1.63 13.88 -33.82
N LYS B 665 2.07 13.33 -34.96
CA LYS B 665 1.12 12.76 -35.93
C LYS B 665 1.46 11.30 -36.21
N VAL B 666 0.42 10.48 -36.32
CA VAL B 666 0.53 9.08 -36.77
C VAL B 666 -0.58 8.81 -37.76
N ASP B 667 -0.29 7.93 -38.73
CA ASP B 667 -1.31 7.41 -39.62
C ASP B 667 -1.75 6.04 -39.11
N VAL B 668 -3.05 5.82 -39.13
CA VAL B 668 -3.63 4.55 -38.72
C VAL B 668 -4.54 4.10 -39.86
N GLU B 669 -4.35 2.86 -40.29
CA GLU B 669 -5.11 2.26 -41.37
C GLU B 669 -5.81 1.00 -40.86
N ASN B 670 -7.11 0.89 -41.12
CA ASN B 670 -7.86 -0.34 -40.88
C ASN B 670 -7.51 -1.33 -42.00
N ILE B 671 -6.64 -2.31 -41.72
CA ILE B 671 -6.16 -3.19 -42.78
C ILE B 671 -7.00 -4.47 -42.85
N GLY B 672 -8.02 -4.61 -42.00
CA GLY B 672 -8.81 -5.84 -41.97
C GLY B 672 -10.08 -5.74 -42.82
N ASP B 673 -11.09 -6.54 -42.44
CA ASP B 673 -12.28 -6.77 -43.26
C ASP B 673 -13.52 -6.11 -42.67
N ARG B 674 -13.45 -5.63 -41.42
CA ARG B 674 -14.62 -5.03 -40.79
C ARG B 674 -14.33 -3.58 -40.40
N ASP B 675 -15.35 -2.70 -40.50
CA ASP B 675 -15.31 -1.38 -39.90
C ASP B 675 -15.10 -1.50 -38.40
N GLY B 676 -14.42 -0.51 -37.79
CA GLY B 676 -14.12 -0.59 -36.37
C GLY B 676 -13.53 0.73 -35.88
N ASP B 677 -13.64 0.98 -34.57
CA ASP B 677 -13.02 2.13 -33.92
C ASP B 677 -11.74 1.64 -33.27
N GLU B 678 -10.66 2.44 -33.37
CA GLU B 678 -9.43 2.16 -32.65
C GLU B 678 -9.25 3.28 -31.63
N VAL B 679 -8.77 2.97 -30.45
CA VAL B 679 -8.40 4.04 -29.52
C VAL B 679 -6.89 4.17 -29.57
N VAL B 680 -6.44 5.24 -30.21
CA VAL B 680 -5.02 5.51 -30.33
C VAL B 680 -4.56 6.19 -29.04
N GLN B 681 -3.49 5.65 -28.42
CA GLN B 681 -3.03 6.10 -27.12
C GLN B 681 -1.61 6.65 -27.22
N LEU B 682 -1.40 7.82 -26.60
CA LEU B 682 -0.11 8.49 -26.51
C LEU B 682 0.47 8.32 -25.11
N TYR B 683 1.65 7.70 -24.99
CA TYR B 683 2.37 7.58 -23.74
C TYR B 683 3.63 8.43 -23.83
N ILE B 684 3.99 9.04 -22.69
CA ILE B 684 5.17 9.88 -22.61
C ILE B 684 6.04 9.33 -21.50
N GLY B 685 7.34 9.20 -21.78
CA GLY B 685 8.32 8.76 -20.82
C GLY B 685 9.41 9.82 -20.64
N ARG B 686 10.02 9.84 -19.46
CA ARG B 686 11.06 10.81 -19.17
C ARG B 686 12.04 10.10 -18.25
N GLU B 687 13.33 10.28 -18.52
CA GLU B 687 14.42 9.86 -17.65
C GLU B 687 15.30 11.09 -17.41
N PHE B 688 16.20 11.00 -16.41
CA PHE B 688 17.18 12.06 -16.13
C PHE B 688 16.49 13.37 -15.78
N ALA B 689 15.35 13.29 -15.10
CA ALA B 689 14.79 14.43 -14.42
C ALA B 689 15.45 14.49 -13.04
N SER B 690 15.10 15.51 -12.25
CA SER B 690 15.70 15.65 -10.93
C SER B 690 15.02 14.70 -9.93
N VAL B 691 13.88 14.12 -10.33
CA VAL B 691 13.20 13.09 -9.57
C VAL B 691 12.94 11.92 -10.53
N THR B 692 12.59 10.75 -9.98
CA THR B 692 12.24 9.63 -10.85
C THR B 692 10.89 9.90 -11.51
N ARG B 693 10.71 9.42 -12.75
CA ARG B 693 9.50 9.65 -13.50
C ARG B 693 9.00 8.30 -14.04
N PRO B 694 7.68 8.16 -14.34
CA PRO B 694 7.16 6.95 -14.98
C PRO B 694 7.90 6.66 -16.29
N VAL B 695 8.26 5.39 -16.52
CA VAL B 695 8.85 4.98 -17.80
C VAL B 695 7.86 5.33 -18.92
N LYS B 696 6.56 5.16 -18.66
CA LYS B 696 5.56 5.62 -19.60
C LYS B 696 4.28 5.94 -18.84
N GLU B 697 3.58 6.95 -19.33
CA GLU B 697 2.35 7.42 -18.71
C GLU B 697 1.45 7.97 -19.80
N LEU B 698 0.15 7.69 -19.71
CA LEU B 698 -0.81 8.17 -20.70
C LEU B 698 -0.92 9.70 -20.61
N LYS B 699 -0.76 10.38 -21.76
CA LYS B 699 -0.86 11.83 -21.86
C LYS B 699 -1.78 12.27 -23.01
N GLY B 700 -2.39 11.33 -23.72
CA GLY B 700 -3.36 11.71 -24.76
C GLY B 700 -3.96 10.47 -25.40
N PHE B 701 -5.10 10.64 -26.10
CA PHE B 701 -5.74 9.50 -26.72
C PHE B 701 -6.82 10.03 -27.66
N LYS B 702 -7.26 9.20 -28.60
CA LYS B 702 -8.25 9.60 -29.57
C LYS B 702 -8.96 8.34 -30.09
N ARG B 703 -10.27 8.25 -29.87
CA ARG B 703 -11.08 7.22 -30.49
C ARG B 703 -11.30 7.61 -31.95
N VAL B 704 -10.88 6.77 -32.90
CA VAL B 704 -11.01 7.12 -34.32
C VAL B 704 -11.76 6.00 -35.04
N SER B 705 -12.76 6.39 -35.84
CA SER B 705 -13.56 5.48 -36.64
C SER B 705 -12.86 5.22 -37.96
N LEU B 706 -12.72 3.94 -38.33
CA LEU B 706 -12.09 3.59 -39.59
C LEU B 706 -12.90 2.52 -40.33
N LYS B 707 -13.40 2.86 -41.52
CA LYS B 707 -14.00 1.83 -42.37
C LYS B 707 -12.89 0.85 -42.76
N ALA B 708 -13.29 -0.36 -43.21
CA ALA B 708 -12.30 -1.31 -43.69
C ALA B 708 -11.50 -0.62 -44.79
N LYS B 709 -10.17 -0.78 -44.78
CA LYS B 709 -9.27 -0.19 -45.78
C LYS B 709 -9.16 1.33 -45.68
N GLU B 710 -9.81 1.99 -44.71
CA GLU B 710 -9.66 3.44 -44.61
C GLU B 710 -8.43 3.78 -43.76
N LYS B 711 -7.76 4.89 -44.09
CA LYS B 711 -6.59 5.37 -43.36
C LYS B 711 -6.84 6.82 -42.98
N LYS B 712 -6.44 7.20 -41.76
CA LYS B 712 -6.55 8.58 -41.29
C LYS B 712 -5.31 8.93 -40.48
N THR B 713 -5.10 10.24 -40.28
CA THR B 713 -4.00 10.78 -39.49
C THR B 713 -4.57 11.22 -38.14
N VAL B 714 -3.92 10.81 -37.06
CA VAL B 714 -4.29 11.25 -35.72
C VAL B 714 -3.26 12.27 -35.26
N VAL B 715 -3.71 13.42 -34.74
CA VAL B 715 -2.82 14.54 -34.43
C VAL B 715 -2.97 14.82 -32.93
N PHE B 716 -1.84 14.82 -32.21
CA PHE B 716 -1.77 15.24 -30.81
C PHE B 716 -0.94 16.50 -30.70
N ARG B 717 -1.60 17.58 -30.21
CA ARG B 717 -0.91 18.83 -29.93
C ARG B 717 -0.63 18.88 -28.43
N LEU B 718 0.65 18.72 -28.08
CA LEU B 718 1.09 18.52 -26.71
C LEU B 718 1.88 19.74 -26.25
N HIS B 719 1.22 20.57 -25.43
CA HIS B 719 1.88 21.69 -24.77
C HIS B 719 2.75 21.17 -23.62
N MET B 720 3.90 21.81 -23.39
CA MET B 720 4.81 21.38 -22.33
C MET B 720 4.16 21.48 -20.94
N ASP B 721 3.21 22.40 -20.77
CA ASP B 721 2.47 22.46 -19.51
C ASP B 721 1.94 21.08 -19.09
N VAL B 722 1.50 20.26 -20.05
CA VAL B 722 0.80 19.00 -19.79
C VAL B 722 1.76 18.01 -19.13
N LEU B 723 3.06 18.20 -19.34
CA LEU B 723 4.08 17.26 -18.87
C LEU B 723 4.68 17.67 -17.54
N ALA B 724 4.21 18.76 -16.93
CA ALA B 724 4.87 19.26 -15.73
C ALA B 724 4.78 18.22 -14.60
N TYR B 725 5.81 18.19 -13.72
CA TYR B 725 5.81 17.35 -12.53
C TYR B 725 6.51 18.07 -11.37
N TYR B 726 6.35 17.54 -10.17
CA TYR B 726 6.90 18.14 -8.97
C TYR B 726 8.35 17.69 -8.76
N ASN B 727 9.23 18.68 -8.48
CA ASN B 727 10.65 18.41 -8.30
C ASN B 727 10.94 18.15 -6.83
N ARG B 728 12.24 18.11 -6.48
CA ARG B 728 12.69 17.81 -5.14
C ARG B 728 12.15 18.79 -4.12
N ASP B 729 11.92 20.04 -4.56
CA ASP B 729 11.52 21.12 -3.67
C ASP B 729 10.01 21.31 -3.74
N MET B 730 9.33 20.36 -4.40
CA MET B 730 7.88 20.37 -4.48
C MET B 730 7.41 21.53 -5.36
N LYS B 731 8.22 21.99 -6.31
CA LYS B 731 7.75 22.97 -7.29
C LYS B 731 7.34 22.22 -8.57
N LEU B 732 6.28 22.71 -9.21
CA LEU B 732 5.86 22.19 -10.49
C LEU B 732 6.79 22.71 -11.60
N VAL B 733 7.47 21.80 -12.32
CA VAL B 733 8.49 22.22 -13.28
C VAL B 733 8.38 21.49 -14.63
N VAL B 734 9.04 22.08 -15.64
CA VAL B 734 9.48 21.39 -16.85
C VAL B 734 10.99 21.62 -16.91
N GLU B 735 11.74 20.51 -16.99
CA GLU B 735 13.20 20.53 -16.98
C GLU B 735 13.70 20.20 -18.38
N PRO B 736 14.80 20.83 -18.83
CA PRO B 736 15.38 20.47 -20.13
C PRO B 736 15.76 18.99 -20.14
N GLY B 737 15.73 18.37 -21.33
CA GLY B 737 16.05 16.96 -21.47
C GLY B 737 15.12 16.33 -22.51
N GLU B 738 15.19 15.02 -22.63
CA GLU B 738 14.50 14.31 -23.71
C GLU B 738 13.20 13.71 -23.20
N PHE B 739 12.09 13.86 -23.94
CA PHE B 739 10.89 13.10 -23.62
C PHE B 739 10.65 12.00 -24.66
N LYS B 740 10.29 10.82 -24.17
CA LYS B 740 10.03 9.71 -25.08
C LYS B 740 8.55 9.72 -25.47
N VAL B 741 8.29 9.57 -26.77
CA VAL B 741 6.94 9.48 -27.31
C VAL B 741 6.66 8.03 -27.72
N MET B 742 5.56 7.48 -27.21
CA MET B 742 5.18 6.11 -27.58
C MET B 742 3.70 6.12 -27.92
N VAL B 743 3.40 5.69 -29.14
CA VAL B 743 2.02 5.67 -29.61
C VAL B 743 1.66 4.22 -29.90
N GLY B 744 0.49 3.80 -29.43
CA GLY B 744 0.09 2.42 -29.68
C GLY B 744 -1.36 2.11 -29.34
N SER B 745 -1.68 0.82 -29.30
CA SER B 745 -3.04 0.33 -29.21
C SER B 745 -3.34 -0.09 -27.78
N SER B 746 -2.29 -0.20 -26.94
CA SER B 746 -2.42 -0.34 -25.49
C SER B 746 -1.12 0.14 -24.87
N SER B 747 -1.03 0.12 -23.53
CA SER B 747 0.17 0.58 -22.86
C SER B 747 1.31 -0.41 -23.10
N GLU B 748 0.98 -1.64 -23.54
CA GLU B 748 1.99 -2.63 -23.91
C GLU B 748 2.13 -2.74 -25.42
N ASP B 749 1.02 -2.61 -26.16
CA ASP B 749 1.05 -2.73 -27.61
C ASP B 749 1.45 -1.40 -28.26
N ILE B 750 2.68 -0.97 -28.02
CA ILE B 750 3.26 0.26 -28.54
C ILE B 750 3.67 -0.01 -29.99
N ARG B 751 3.24 0.86 -30.92
CA ARG B 751 3.45 0.60 -32.34
C ARG B 751 4.61 1.45 -32.84
N LEU B 752 4.72 2.72 -32.41
CA LEU B 752 5.74 3.62 -32.93
C LEU B 752 6.31 4.41 -31.75
N THR B 753 7.64 4.61 -31.75
CA THR B 753 8.31 5.35 -30.69
C THR B 753 9.22 6.42 -31.34
N GLY B 754 9.42 7.52 -30.63
CA GLY B 754 10.42 8.51 -31.00
C GLY B 754 10.61 9.43 -29.80
N SER B 755 11.23 10.58 -30.01
CA SER B 755 11.48 11.50 -28.91
C SER B 755 11.62 12.93 -29.41
N PHE B 756 11.59 13.87 -28.47
CA PHE B 756 11.87 15.27 -28.71
C PHE B 756 12.63 15.76 -27.47
N SER B 757 13.26 16.92 -27.57
CA SER B 757 13.99 17.53 -26.47
C SER B 757 13.37 18.87 -26.09
N VAL B 758 13.33 19.11 -24.79
CA VAL B 758 13.07 20.42 -24.23
C VAL B 758 14.43 21.07 -24.03
N VAL B 759 14.60 22.30 -24.54
CA VAL B 759 15.88 23.00 -24.48
C VAL B 759 15.65 24.35 -23.80
N GLY B 760 16.59 24.75 -22.92
CA GLY B 760 16.50 26.02 -22.21
C GLY B 760 16.62 25.78 -20.71
N GLU B 761 16.33 26.83 -19.91
CA GLU B 761 16.54 26.75 -18.47
C GLU B 761 15.31 26.11 -17.83
N LYS B 762 15.49 25.35 -16.73
CA LYS B 762 14.38 24.77 -15.98
C LYS B 762 13.28 25.83 -15.83
N ARG B 763 12.03 25.43 -16.01
CA ARG B 763 10.92 26.37 -15.89
C ARG B 763 10.04 25.98 -14.73
N GLU B 764 9.76 26.94 -13.81
CA GLU B 764 8.72 26.70 -12.83
C GLU B 764 7.39 27.07 -13.47
N VAL B 765 6.42 26.14 -13.46
CA VAL B 765 5.11 26.31 -14.07
C VAL B 765 4.22 26.96 -13.01
N VAL B 766 3.92 28.24 -13.20
CA VAL B 766 3.17 28.94 -12.16
C VAL B 766 1.83 29.35 -12.74
N GLY B 767 0.84 29.50 -11.86
CA GLY B 767 -0.50 29.98 -12.20
C GLY B 767 -1.24 29.00 -13.09
N MET B 768 -2.10 29.50 -13.98
CA MET B 768 -2.88 28.61 -14.80
C MET B 768 -1.95 27.93 -15.82
N ARG B 769 -2.24 26.67 -16.16
CA ARG B 769 -1.48 25.95 -17.16
C ARG B 769 -2.45 25.02 -17.89
N LYS B 770 -2.08 24.52 -19.06
CA LYS B 770 -2.88 23.52 -19.76
C LYS B 770 -2.74 22.15 -19.08
N PHE B 771 -3.84 21.39 -19.00
CA PHE B 771 -3.82 20.04 -18.45
C PHE B 771 -3.84 18.94 -19.53
N PHE B 772 -4.37 19.25 -20.72
CA PHE B 772 -4.71 18.20 -21.66
C PHE B 772 -4.02 18.41 -23.01
N THR B 773 -3.64 17.29 -23.63
CA THR B 773 -3.28 17.22 -25.03
C THR B 773 -4.52 17.52 -25.86
N GLU B 774 -4.36 18.20 -26.99
CA GLU B 774 -5.48 18.35 -27.91
C GLU B 774 -5.34 17.30 -29.01
N ALA B 775 -6.36 16.46 -29.18
CA ALA B 775 -6.27 15.37 -30.13
C ALA B 775 -7.34 15.52 -31.22
N CYS B 776 -6.99 15.24 -32.48
CA CYS B 776 -8.02 15.17 -33.51
C CYS B 776 -7.54 14.34 -34.70
N GLU B 777 -8.38 14.30 -35.75
CA GLU B 777 -8.09 13.58 -36.98
C GLU B 777 -7.88 14.58 -38.11
N GLU B 778 -7.06 14.20 -39.10
CA GLU B 778 -6.91 14.86 -40.39
C GLU B 778 -6.92 13.77 -41.47
N ALA B 779 -7.12 14.19 -42.73
CA ALA B 779 -7.00 13.27 -43.86
C ALA B 779 -5.54 12.85 -44.02
N ALA B 780 -5.31 11.56 -44.28
CA ALA B 780 -4.00 11.07 -44.66
C ALA B 780 -3.85 11.26 -46.17
C1 MPD C . 13.26 13.20 3.46
C2 MPD C . 11.86 12.82 3.01
O2 MPD C . 11.74 11.39 2.96
CM MPD C . 11.64 13.31 1.57
C3 MPD C . 10.86 13.36 4.03
C4 MPD C . 9.37 13.21 3.84
O4 MPD C . 8.91 11.98 4.39
C5 MPD C . 8.58 14.34 4.46
C1 MPD D . -3.20 15.68 2.78
C2 MPD D . -2.58 16.81 3.58
O2 MPD D . -3.01 16.65 4.95
CM MPD D . -3.06 18.15 3.04
C3 MPD D . -1.05 16.72 3.66
C4 MPD D . -0.33 16.34 2.39
O4 MPD D . -0.82 17.18 1.36
C5 MPD D . 1.15 16.56 2.54
#